data_3B2D
#
_entry.id   3B2D
#
_cell.length_a   203.997
_cell.length_b   66.441
_cell.length_c   119.097
_cell.angle_alpha   90.00
_cell.angle_beta   90.00
_cell.angle_gamma   90.00
#
_symmetry.space_group_name_H-M   'P 21 21 2'
#
loop_
_entity.id
_entity.type
_entity.pdbx_description
1 polymer 'CD180 antigen'
2 polymer 'Lymphocyte antigen 86'
3 branched alpha-D-mannopyranose-(1-2)-alpha-D-mannopyranose-(1-3)-[alpha-D-mannopyranose-(1-2)-alpha-D-mannopyranose-(1-6)]alpha-D-mannopyranose-(1-6)-[alpha-D-mannopyranose-(1-3)]beta-D-mannopyranose-(1-4)-2-acetamido-2-deoxy-beta-D-glucopyranose-(1-4)-2-acetamido-2-deoxy-beta-D-glucopyranose
4 branched 2-acetamido-2-deoxy-beta-D-glucopyranose-(1-4)-2-acetamido-2-deoxy-beta-D-glucopyranose
5 branched alpha-D-mannopyranose-(1-2)-alpha-D-mannopyranose-(1-6)-[alpha-D-mannopyranose-(1-3)]alpha-D-mannopyranose-(1-6)-[alpha-D-mannopyranose-(1-3)]beta-D-mannopyranose-(1-4)-2-acetamido-2-deoxy-beta-D-glucopyranose-(1-4)-2-acetamido-2-deoxy-beta-D-glucopyranose
6 non-polymer 2-acetamido-2-deoxy-beta-D-glucopyranose
7 water water
#
loop_
_entity_poly.entity_id
_entity_poly.type
_entity_poly.pdbx_seq_one_letter_code
_entity_poly.pdbx_strand_id
1 'polypeptide(L)'
;WDQMCIEKEANKTYNCENLGLSEIPDTLPNTTEFLEFSFNFLPTIHNRTFSRLMNLTFLDLTRCQINWIHEDTFQSHHQL
STLVLTGNPLIFMAETSLNGPKSLKHLFLIQTGISNLEFIPVHNLENLESLYLGSNHISSIKFPKDFPARNLKVLDFQNN
AIHYISREDMRSLEQAINLSLNFNGNNVKGIELGAFDSTIFQSLNFGGTPNLSVIFNGLQNSTTQSLWLGTFEDIDDEDI
SSAMLKGLCEMSVESLNLQEHRFSDISSTTFQCFTQLQELDLTATHLKGLPSGMKGLNLLKKLVLSVNHFDQLCQISAAN
FPSLTHLYIRGNVKKLHLGVGCLEKLGNLQTLDLSHNDIEASDCCSLQLKNLSHLQTLNLSHNEPLGLQSQAFKECPQLE
LLDLAFTRLHINAPQSPFQNLHFLQVLNLTYCFLDTSNQHLLAGLPVLRHLNLKGNHFQDGTITKTNLLQTVGSLEVLIL
SSCGLLSIDQQAFHSLGKMSHVDLSHNSLTCDSIDSLSHLKGIYLNLAANSINIISPRLLPILSQQSTINLSHNPLDCTC
SNIHFLTWYKENLHKLEGSEETTCANPPSLRGVKLSDVKLSCG
;
A,B
2 'polypeptide(L)'
;GGGGKAWPTHVVCSDSGLEVLYQSCDPLQDFGFSVEKCSKQLKSNINIRFGIILREDIKELFLDLALMSQGSSVLNFSYP
ICEAALPKFSFCGRRKGEQIYYAGPVNNPEFTIPQGEYQVLLELYTEKRSTVACANATIMCSEF
;
C,D
#
# COMPACT_ATOMS: atom_id res chain seq x y z
N GLN A 3 -22.35 19.63 10.44
CA GLN A 3 -22.50 21.06 10.84
C GLN A 3 -21.22 21.87 10.58
N MET A 4 -21.22 22.73 9.57
CA MET A 4 -22.37 22.90 8.65
C MET A 4 -21.98 22.69 7.19
N CYS A 5 -22.82 21.94 6.49
CA CYS A 5 -22.60 21.55 5.10
C CYS A 5 -22.96 22.66 4.10
N ILE A 6 -22.45 22.54 2.88
CA ILE A 6 -22.63 23.55 1.84
C ILE A 6 -23.60 23.07 0.75
N GLU A 7 -24.59 23.91 0.44
CA GLU A 7 -25.58 23.60 -0.59
C GLU A 7 -25.09 24.05 -1.96
N LYS A 8 -25.18 23.15 -2.95
CA LYS A 8 -24.80 23.45 -4.32
C LYS A 8 -26.04 23.47 -5.22
N GLU A 9 -26.99 22.57 -4.95
CA GLU A 9 -28.33 22.62 -5.51
C GLU A 9 -29.33 22.29 -4.42
N ALA A 10 -30.40 23.07 -4.33
CA ALA A 10 -31.38 22.97 -3.25
C ALA A 10 -32.02 21.59 -3.16
N ASN A 11 -31.89 20.97 -1.99
CA ASN A 11 -32.44 19.63 -1.70
C ASN A 11 -31.92 18.51 -2.60
N LYS A 12 -30.78 18.74 -3.26
CA LYS A 12 -30.23 17.79 -4.22
C LYS A 12 -28.73 17.52 -4.05
N THR A 13 -27.92 18.56 -4.13
CA THR A 13 -26.46 18.42 -4.11
C THR A 13 -25.82 19.13 -2.92
N TYR A 14 -25.16 18.36 -2.06
CA TYR A 14 -24.55 18.92 -0.85
C TYR A 14 -23.09 18.52 -0.68
N ASN A 15 -22.31 19.44 -0.11
CA ASN A 15 -20.89 19.23 0.10
C ASN A 15 -20.57 19.23 1.59
N CYS A 16 -20.05 18.10 2.08
CA CYS A 16 -19.71 17.94 3.48
C CYS A 16 -18.21 17.71 3.70
N GLU A 17 -17.39 18.06 2.71
CA GLU A 17 -15.95 17.85 2.76
C GLU A 17 -15.26 18.56 3.92
N ASN A 18 -14.20 17.93 4.43
CA ASN A 18 -13.30 18.54 5.43
C ASN A 18 -13.99 19.05 6.70
N LEU A 19 -14.98 18.30 7.18
CA LEU A 19 -15.76 18.74 8.33
C LEU A 19 -15.49 17.96 9.62
N GLY A 20 -14.91 16.77 9.47
CA GLY A 20 -14.60 15.91 10.61
C GLY A 20 -15.85 15.35 11.28
N LEU A 21 -16.84 15.00 10.47
CA LEU A 21 -18.08 14.42 10.95
C LEU A 21 -17.93 12.92 11.16
N SER A 22 -18.52 12.42 12.24
CA SER A 22 -18.52 10.99 12.54
C SER A 22 -19.81 10.31 12.06
N GLU A 23 -20.75 11.13 11.61
CA GLU A 23 -22.06 10.65 11.16
C GLU A 23 -22.66 11.65 10.17
N ILE A 24 -23.74 11.26 9.51
CA ILE A 24 -24.49 12.17 8.66
C ILE A 24 -25.34 13.11 9.54
N PRO A 25 -25.20 14.43 9.35
CA PRO A 25 -25.97 15.42 10.12
C PRO A 25 -27.47 15.31 9.88
N ASP A 26 -28.24 15.72 10.89
CA ASP A 26 -29.71 15.68 10.84
C ASP A 26 -30.34 16.72 9.91
N THR A 27 -29.51 17.65 9.42
CA THR A 27 -29.99 18.76 8.60
C THR A 27 -30.00 18.45 7.10
N LEU A 28 -29.28 17.40 6.70
CA LEU A 28 -29.30 16.95 5.30
C LEU A 28 -30.69 16.43 4.91
N PRO A 29 -31.32 17.07 3.90
CA PRO A 29 -32.67 16.66 3.49
C PRO A 29 -32.73 15.25 2.91
N ASN A 30 -33.85 14.57 3.13
CA ASN A 30 -34.09 13.22 2.63
C ASN A 30 -33.95 13.06 1.12
N THR A 31 -34.05 14.17 0.40
CA THR A 31 -34.07 14.15 -1.06
C THR A 31 -32.69 14.32 -1.71
N THR A 32 -31.63 14.27 -0.90
CA THR A 32 -30.26 14.39 -1.39
C THR A 32 -29.91 13.26 -2.36
N GLU A 33 -29.43 13.63 -3.55
CA GLU A 33 -29.02 12.66 -4.57
C GLU A 33 -27.50 12.63 -4.77
N PHE A 34 -26.87 13.80 -4.61
CA PHE A 34 -25.42 13.93 -4.77
C PHE A 34 -24.82 14.39 -3.45
N LEU A 35 -23.96 13.56 -2.87
CA LEU A 35 -23.32 13.88 -1.60
C LEU A 35 -21.81 13.70 -1.67
N GLU A 36 -21.08 14.76 -1.37
CA GLU A 36 -19.63 14.71 -1.29
C GLU A 36 -19.23 14.73 0.18
N PHE A 37 -18.85 13.56 0.69
CA PHE A 37 -18.63 13.39 2.12
C PHE A 37 -17.16 13.08 2.43
N SER A 38 -16.26 13.51 1.56
CA SER A 38 -14.85 13.13 1.69
C SER A 38 -14.12 13.85 2.83
N PHE A 39 -13.07 13.21 3.35
CA PHE A 39 -12.23 13.72 4.45
C PHE A 39 -12.97 13.89 5.77
N ASN A 40 -13.93 13.01 6.02
CA ASN A 40 -14.58 12.92 7.32
C ASN A 40 -14.03 11.73 8.12
N PHE A 41 -14.81 11.23 9.07
CA PHE A 41 -14.37 10.15 9.95
C PHE A 41 -15.44 9.04 10.08
N LEU A 42 -15.28 7.99 9.29
CA LEU A 42 -16.20 6.85 9.31
C LEU A 42 -15.45 5.52 9.37
N PRO A 43 -14.90 5.15 10.55
CA PRO A 43 -14.09 3.93 10.65
C PRO A 43 -14.84 2.68 10.22
N THR A 44 -16.14 2.64 10.52
CA THR A 44 -16.97 1.50 10.19
C THR A 44 -18.33 1.97 9.68
N ILE A 45 -18.66 1.61 8.44
CA ILE A 45 -19.97 1.90 7.89
C ILE A 45 -20.85 0.65 7.88
N HIS A 46 -22.11 0.83 8.27
CA HIS A 46 -23.07 -0.27 8.43
C HIS A 46 -24.39 0.09 7.82
N ASN A 47 -25.41 -0.72 8.07
CA ASN A 47 -26.73 -0.57 7.43
C ASN A 47 -27.55 0.65 7.87
N ARG A 48 -27.10 1.33 8.92
CA ARG A 48 -27.78 2.54 9.39
C ARG A 48 -27.06 3.83 8.99
N THR A 49 -25.78 3.71 8.63
CA THR A 49 -24.91 4.86 8.34
C THR A 49 -25.54 5.87 7.37
N PHE A 50 -26.16 5.37 6.30
CA PHE A 50 -26.78 6.23 5.29
C PHE A 50 -28.27 5.94 5.16
N SER A 51 -28.88 5.46 6.25
CA SER A 51 -30.28 5.04 6.25
C SER A 51 -31.26 6.17 5.97
N ARG A 52 -30.92 7.38 6.41
CA ARG A 52 -31.79 8.55 6.24
C ARG A 52 -31.51 9.35 4.97
N LEU A 53 -30.82 8.73 4.00
CA LEU A 53 -30.56 9.34 2.70
C LEU A 53 -30.72 8.29 1.59
N MET A 54 -31.94 7.79 1.43
CA MET A 54 -32.23 6.65 0.56
C MET A 54 -32.12 6.97 -0.93
N ASN A 55 -32.27 8.24 -1.30
CA ASN A 55 -32.28 8.67 -2.70
C ASN A 55 -30.92 8.97 -3.34
N LEU A 56 -29.83 8.69 -2.63
CA LEU A 56 -28.48 8.96 -3.12
C LEU A 56 -28.19 8.22 -4.43
N THR A 57 -27.60 8.95 -5.38
CA THR A 57 -27.12 8.38 -6.63
C THR A 57 -25.60 8.46 -6.71
N PHE A 58 -25.03 9.48 -6.06
CA PHE A 58 -23.59 9.71 -6.03
C PHE A 58 -23.13 9.86 -4.58
N LEU A 59 -22.19 9.02 -4.18
CA LEU A 59 -21.64 9.06 -2.83
C LEU A 59 -20.12 9.07 -2.85
N ASP A 60 -19.53 10.14 -2.34
CA ASP A 60 -18.09 10.25 -2.26
C ASP A 60 -17.64 10.10 -0.81
N LEU A 61 -16.99 8.96 -0.53
CA LEU A 61 -16.50 8.65 0.82
C LEU A 61 -14.97 8.65 0.85
N THR A 62 -14.35 9.44 -0.02
CA THR A 62 -12.89 9.49 -0.13
C THR A 62 -12.19 9.87 1.17
N ARG A 63 -11.25 9.03 1.58
CA ARG A 63 -10.41 9.27 2.75
C ARG A 63 -11.18 9.61 4.03
N CYS A 64 -12.23 8.83 4.30
CA CYS A 64 -12.99 8.94 5.55
C CYS A 64 -12.46 7.98 6.62
N GLN A 65 -11.30 7.37 6.35
CA GLN A 65 -10.67 6.41 7.27
C GLN A 65 -11.57 5.21 7.53
N ILE A 66 -12.26 4.74 6.49
CA ILE A 66 -13.13 3.57 6.59
C ILE A 66 -12.30 2.29 6.64
N ASN A 67 -12.49 1.52 7.69
CA ASN A 67 -11.83 0.23 7.85
C ASN A 67 -12.75 -0.93 7.51
N TRP A 68 -14.04 -0.78 7.86
CA TRP A 68 -15.02 -1.85 7.69
C TRP A 68 -16.24 -1.40 6.94
N ILE A 69 -16.65 -2.18 5.96
CA ILE A 69 -17.97 -2.04 5.36
C ILE A 69 -18.75 -3.31 5.68
N HIS A 70 -19.76 -3.17 6.54
CA HIS A 70 -20.51 -4.33 7.02
C HIS A 70 -21.62 -4.78 6.12
N GLU A 71 -22.31 -5.84 6.54
CA GLU A 71 -23.38 -6.47 5.77
C GLU A 71 -24.53 -5.51 5.52
N ASP A 72 -25.04 -5.50 4.28
CA ASP A 72 -26.23 -4.72 3.91
C ASP A 72 -26.10 -3.22 4.17
N THR A 73 -24.92 -2.67 3.91
CA THR A 73 -24.66 -1.26 4.15
C THR A 73 -25.49 -0.36 3.22
N PHE A 74 -25.63 -0.79 1.96
CA PHE A 74 -26.40 -0.03 0.98
C PHE A 74 -27.67 -0.77 0.54
N GLN A 75 -28.19 -1.63 1.41
CA GLN A 75 -29.39 -2.43 1.12
C GLN A 75 -30.60 -1.57 0.72
N SER A 76 -30.72 -0.42 1.37
CA SER A 76 -31.84 0.48 1.17
C SER A 76 -31.48 1.64 0.23
N HIS A 77 -30.55 1.36 -0.68
CA HIS A 77 -30.07 2.38 -1.62
C HIS A 77 -30.14 1.88 -3.02
N HIS A 78 -31.36 1.82 -3.55
CA HIS A 78 -31.64 1.35 -4.90
C HIS A 78 -31.12 2.28 -5.95
N GLN A 79 -30.91 3.54 -5.58
CA GLN A 79 -30.58 4.61 -6.53
C GLN A 79 -29.09 4.84 -6.74
N LEU A 80 -28.25 4.21 -5.92
CA LEU A 80 -26.80 4.47 -5.92
C LEU A 80 -26.13 4.04 -7.22
N SER A 81 -25.52 5.01 -7.89
CA SER A 81 -24.85 4.78 -9.18
C SER A 81 -23.31 4.87 -9.06
N THR A 82 -22.82 5.79 -8.24
CA THR A 82 -21.37 6.00 -8.08
C THR A 82 -20.95 5.96 -6.62
N LEU A 83 -20.06 5.02 -6.29
CA LEU A 83 -19.48 4.93 -4.96
C LEU A 83 -17.97 5.15 -5.05
N VAL A 84 -17.50 6.20 -4.36
CA VAL A 84 -16.08 6.55 -4.35
C VAL A 84 -15.49 6.23 -2.97
N LEU A 85 -14.60 5.25 -2.94
CA LEU A 85 -13.99 4.77 -1.69
C LEU A 85 -12.47 4.95 -1.63
N THR A 86 -11.95 5.81 -2.51
CA THR A 86 -10.52 6.10 -2.63
C THR A 86 -9.87 6.47 -1.28
N GLY A 87 -8.66 5.98 -1.05
CA GLY A 87 -7.84 6.42 0.08
C GLY A 87 -8.35 6.04 1.47
N ASN A 88 -9.17 5.00 1.54
CA ASN A 88 -9.60 4.44 2.83
C ASN A 88 -8.85 3.14 3.11
N PRO A 89 -8.34 2.99 4.35
CA PRO A 89 -7.60 1.78 4.70
C PRO A 89 -8.54 0.60 4.97
N LEU A 90 -9.12 0.06 3.90
CA LEU A 90 -10.12 -1.00 4.02
C LEU A 90 -9.51 -2.32 4.47
N ILE A 91 -10.00 -2.84 5.59
CA ILE A 91 -9.54 -4.13 6.11
C ILE A 91 -10.42 -5.26 5.57
N PHE A 92 -11.74 -5.10 5.68
CA PHE A 92 -12.65 -6.12 5.16
C PHE A 92 -13.94 -5.53 4.60
N MET A 93 -14.41 -6.15 3.53
CA MET A 93 -15.65 -5.76 2.87
C MET A 93 -16.59 -6.96 2.88
N ALA A 94 -17.72 -6.82 3.55
CA ALA A 94 -18.71 -7.90 3.67
C ALA A 94 -19.24 -8.36 2.30
N GLU A 95 -19.62 -9.62 2.22
CA GLU A 95 -20.08 -10.25 0.99
C GLU A 95 -21.33 -9.59 0.38
N THR A 96 -22.20 -9.07 1.26
CA THR A 96 -23.44 -8.40 0.85
C THR A 96 -23.37 -6.88 1.06
N SER A 97 -22.16 -6.35 1.21
CA SER A 97 -21.95 -4.95 1.57
C SER A 97 -22.33 -3.95 0.47
N LEU A 98 -22.27 -4.39 -0.79
CA LEU A 98 -22.62 -3.54 -1.92
C LEU A 98 -23.98 -3.93 -2.52
N ASN A 99 -24.65 -4.89 -1.89
CA ASN A 99 -25.99 -5.31 -2.28
C ASN A 99 -27.02 -4.23 -1.97
N GLY A 100 -27.97 -4.04 -2.90
CA GLY A 100 -28.99 -3.00 -2.76
C GLY A 100 -29.18 -2.23 -4.06
N PRO A 101 -28.16 -1.44 -4.47
CA PRO A 101 -28.18 -0.65 -5.70
C PRO A 101 -28.62 -1.45 -6.93
N LYS A 102 -29.71 -1.03 -7.54
CA LYS A 102 -30.25 -1.70 -8.71
C LYS A 102 -29.33 -1.57 -9.92
N SER A 103 -28.58 -0.46 -9.97
CA SER A 103 -27.60 -0.26 -11.03
C SER A 103 -26.35 0.51 -10.53
N LEU A 104 -25.45 -0.21 -9.87
CA LEU A 104 -24.18 0.35 -9.41
C LEU A 104 -23.19 0.36 -10.59
N LYS A 105 -22.99 1.54 -11.17
CA LYS A 105 -22.26 1.65 -12.43
C LYS A 105 -20.78 1.98 -12.28
N HIS A 106 -20.42 2.74 -11.25
CA HIS A 106 -19.06 3.25 -11.10
C HIS A 106 -18.50 3.04 -9.72
N LEU A 107 -17.42 2.26 -9.64
CA LEU A 107 -16.77 1.97 -8.35
C LEU A 107 -15.31 2.40 -8.32
N PHE A 108 -14.94 3.15 -7.27
CA PHE A 108 -13.58 3.66 -7.08
C PHE A 108 -12.95 3.08 -5.82
N LEU A 109 -12.00 2.17 -5.99
CA LEU A 109 -11.27 1.57 -4.88
C LEU A 109 -9.77 1.90 -4.98
N ILE A 110 -9.47 3.12 -5.41
CA ILE A 110 -8.09 3.55 -5.62
C ILE A 110 -7.37 3.75 -4.29
N GLN A 111 -6.18 3.16 -4.17
CA GLN A 111 -5.36 3.19 -2.95
C GLN A 111 -6.16 2.82 -1.70
N THR A 112 -6.55 1.55 -1.62
CA THR A 112 -7.30 1.04 -0.47
C THR A 112 -6.59 -0.14 0.19
N GLY A 113 -5.35 -0.39 -0.24
CA GLY A 113 -4.52 -1.44 0.35
C GLY A 113 -4.79 -2.82 -0.18
N ILE A 114 -5.57 -2.90 -1.26
CA ILE A 114 -5.97 -4.17 -1.86
C ILE A 114 -4.77 -4.90 -2.45
N SER A 115 -4.64 -6.18 -2.10
CA SER A 115 -3.57 -7.03 -2.61
C SER A 115 -4.11 -8.25 -3.38
N ASN A 116 -5.40 -8.53 -3.20
CA ASN A 116 -6.07 -9.66 -3.81
C ASN A 116 -7.43 -9.20 -4.35
N LEU A 117 -7.68 -9.48 -5.63
CA LEU A 117 -8.94 -9.09 -6.28
C LEU A 117 -10.18 -9.81 -5.73
N GLU A 118 -9.95 -10.85 -4.93
CA GLU A 118 -11.02 -11.51 -4.18
C GLU A 118 -11.57 -10.62 -3.06
N PHE A 119 -10.86 -9.53 -2.75
CA PHE A 119 -11.26 -8.58 -1.72
C PHE A 119 -12.57 -7.90 -2.07
N ILE A 120 -12.78 -7.64 -3.36
CA ILE A 120 -13.98 -6.96 -3.85
C ILE A 120 -15.16 -7.94 -3.87
N PRO A 121 -16.27 -7.56 -3.19
CA PRO A 121 -17.53 -8.31 -3.23
C PRO A 121 -18.13 -8.30 -4.63
N VAL A 122 -18.43 -9.48 -5.16
CA VAL A 122 -18.82 -9.63 -6.56
C VAL A 122 -20.34 -9.64 -6.83
N HIS A 123 -21.12 -9.85 -5.77
CA HIS A 123 -22.55 -10.18 -5.90
C HIS A 123 -23.44 -9.13 -6.51
N ASN A 124 -23.03 -7.85 -6.41
CA ASN A 124 -23.78 -6.75 -7.01
C ASN A 124 -22.93 -5.89 -7.97
N LEU A 125 -22.07 -6.54 -8.74
CA LEU A 125 -21.20 -5.84 -9.71
C LEU A 125 -21.54 -6.15 -11.17
N GLU A 126 -22.70 -6.77 -11.39
CA GLU A 126 -23.13 -7.12 -12.75
C GLU A 126 -23.35 -5.91 -13.66
N ASN A 127 -23.70 -4.78 -13.06
CA ASN A 127 -23.99 -3.56 -13.83
C ASN A 127 -22.85 -2.55 -13.86
N LEU A 128 -21.68 -2.96 -13.37
CA LEU A 128 -20.48 -2.12 -13.35
C LEU A 128 -20.00 -1.73 -14.73
N GLU A 129 -19.76 -0.43 -14.92
CA GLU A 129 -19.22 0.12 -16.16
C GLU A 129 -17.80 0.65 -15.98
N SER A 130 -17.51 1.12 -14.75
CA SER A 130 -16.18 1.63 -14.39
C SER A 130 -15.70 0.97 -13.11
N LEU A 131 -14.51 0.35 -13.18
CA LEU A 131 -13.83 -0.12 -11.99
C LEU A 131 -12.44 0.52 -11.93
N TYR A 132 -12.18 1.23 -10.83
CA TYR A 132 -10.91 1.92 -10.62
C TYR A 132 -10.15 1.27 -9.47
N LEU A 133 -9.01 0.68 -9.79
CA LEU A 133 -8.25 -0.12 -8.83
C LEU A 133 -6.79 0.30 -8.70
N GLY A 134 -6.50 1.57 -9.01
CA GLY A 134 -5.14 2.09 -8.98
C GLY A 134 -4.49 2.21 -7.61
N SER A 135 -3.16 2.29 -7.60
CA SER A 135 -2.37 2.55 -6.39
C SER A 135 -2.56 1.53 -5.27
N ASN A 136 -2.84 0.28 -5.65
CA ASN A 136 -2.95 -0.81 -4.69
C ASN A 136 -1.71 -1.73 -4.73
N HIS A 137 -1.81 -2.89 -4.08
CA HIS A 137 -0.75 -3.89 -4.11
C HIS A 137 -1.09 -4.99 -5.07
N ILE A 138 -1.44 -4.62 -6.30
CA ILE A 138 -1.94 -5.57 -7.28
C ILE A 138 -0.88 -5.88 -8.34
N SER A 139 -0.50 -7.15 -8.45
CA SER A 139 0.50 -7.59 -9.40
C SER A 139 -0.05 -8.61 -10.39
N SER A 140 -1.29 -9.05 -10.16
CA SER A 140 -1.99 -9.95 -11.06
C SER A 140 -3.41 -9.44 -11.29
N ILE A 141 -3.82 -9.36 -12.56
CA ILE A 141 -5.15 -8.84 -12.90
C ILE A 141 -6.20 -9.94 -13.05
N LYS A 142 -5.83 -11.19 -12.75
CA LYS A 142 -6.76 -12.31 -12.78
C LYS A 142 -7.92 -12.09 -11.81
N PHE A 143 -9.12 -11.92 -12.37
CA PHE A 143 -10.33 -11.80 -11.58
C PHE A 143 -10.87 -13.18 -11.22
N PRO A 144 -11.63 -13.28 -10.10
CA PRO A 144 -12.27 -14.54 -9.72
C PRO A 144 -13.28 -15.03 -10.75
N LYS A 145 -13.55 -16.34 -10.74
CA LYS A 145 -14.44 -17.00 -11.71
C LYS A 145 -15.83 -16.37 -11.75
N ASP A 146 -16.32 -15.96 -10.58
CA ASP A 146 -17.65 -15.39 -10.46
C ASP A 146 -17.64 -13.86 -10.43
N PHE A 147 -16.69 -13.27 -11.17
CA PHE A 147 -16.66 -11.82 -11.34
C PHE A 147 -17.32 -11.42 -12.66
N PRO A 148 -18.38 -10.59 -12.59
CA PRO A 148 -19.05 -10.10 -13.78
C PRO A 148 -18.24 -8.98 -14.44
N ALA A 149 -18.08 -9.08 -15.76
CA ALA A 149 -17.34 -8.07 -16.52
C ALA A 149 -18.01 -7.76 -17.86
N ARG A 150 -19.25 -8.21 -18.03
CA ARG A 150 -19.97 -8.11 -19.31
C ARG A 150 -20.30 -6.67 -19.71
N ASN A 151 -20.56 -5.84 -18.72
CA ASN A 151 -20.91 -4.43 -18.95
C ASN A 151 -19.75 -3.47 -18.70
N LEU A 152 -18.58 -4.03 -18.37
CA LEU A 152 -17.40 -3.24 -17.99
C LEU A 152 -16.77 -2.53 -19.18
N LYS A 153 -16.65 -1.21 -19.07
CA LYS A 153 -16.10 -0.39 -20.15
C LYS A 153 -14.75 0.22 -19.81
N VAL A 154 -14.54 0.52 -18.53
CA VAL A 154 -13.27 1.10 -18.08
C VAL A 154 -12.68 0.28 -16.93
N LEU A 155 -11.47 -0.24 -17.12
CA LEU A 155 -10.76 -0.94 -16.06
C LEU A 155 -9.41 -0.27 -15.83
N ASP A 156 -9.27 0.38 -14.67
CA ASP A 156 -8.11 1.21 -14.41
C ASP A 156 -7.19 0.58 -13.38
N PHE A 157 -5.94 0.35 -13.79
CA PHE A 157 -4.93 -0.26 -12.91
C PHE A 157 -3.71 0.64 -12.73
N GLN A 158 -3.92 1.95 -12.73
CA GLN A 158 -2.82 2.90 -12.65
C GLN A 158 -2.01 2.74 -11.36
N ASN A 159 -0.70 2.92 -11.48
CA ASN A 159 0.22 2.85 -10.34
C ASN A 159 0.11 1.57 -9.51
N ASN A 160 0.08 0.44 -10.20
CA ASN A 160 0.15 -0.86 -9.55
C ASN A 160 1.48 -1.55 -9.85
N ALA A 161 1.55 -2.84 -9.53
CA ALA A 161 2.79 -3.60 -9.67
C ALA A 161 2.66 -4.76 -10.66
N ILE A 162 1.90 -4.56 -11.73
CA ILE A 162 1.72 -5.58 -12.75
C ILE A 162 2.96 -5.66 -13.64
N HIS A 163 3.68 -6.76 -13.55
CA HIS A 163 4.88 -6.96 -14.35
C HIS A 163 4.65 -7.96 -15.44
N TYR A 164 3.66 -8.82 -15.25
CA TYR A 164 3.36 -9.90 -16.17
C TYR A 164 1.88 -10.01 -16.45
N ILE A 165 1.53 -10.31 -17.70
CA ILE A 165 0.15 -10.53 -18.11
C ILE A 165 0.05 -11.87 -18.84
N SER A 166 -0.67 -12.81 -18.23
CA SER A 166 -0.79 -14.15 -18.79
C SER A 166 -2.10 -14.33 -19.57
N ARG A 167 -2.18 -15.43 -20.31
CA ARG A 167 -3.43 -15.82 -20.99
C ARG A 167 -4.55 -15.98 -19.97
N GLU A 168 -4.21 -16.58 -18.84
CA GLU A 168 -5.15 -16.83 -17.73
C GLU A 168 -5.66 -15.51 -17.13
N ASP A 169 -4.81 -14.49 -17.12
CA ASP A 169 -5.21 -13.15 -16.67
C ASP A 169 -6.27 -12.56 -17.60
N MET A 170 -5.98 -12.55 -18.89
CA MET A 170 -6.84 -11.93 -19.89
C MET A 170 -8.11 -12.71 -20.18
N ARG A 171 -8.08 -14.01 -19.85
CA ARG A 171 -9.23 -14.89 -20.01
C ARG A 171 -10.40 -14.46 -19.12
N SER A 172 -10.07 -14.00 -17.91
CA SER A 172 -11.10 -13.58 -16.94
C SER A 172 -11.76 -12.25 -17.33
N LEU A 173 -11.23 -11.63 -18.39
CA LEU A 173 -11.77 -10.37 -18.90
C LEU A 173 -12.50 -10.54 -20.24
N GLU A 174 -12.57 -11.76 -20.74
CA GLU A 174 -13.18 -12.03 -22.04
C GLU A 174 -14.68 -11.71 -22.09
N GLN A 175 -15.30 -11.54 -20.91
CA GLN A 175 -16.70 -11.14 -20.79
C GLN A 175 -16.94 -9.73 -21.30
N ALA A 176 -15.94 -8.87 -21.17
CA ALA A 176 -16.04 -7.48 -21.57
C ALA A 176 -15.90 -7.32 -23.07
N ILE A 177 -16.77 -6.48 -23.64
CA ILE A 177 -16.65 -6.11 -25.03
C ILE A 177 -16.29 -4.63 -25.14
N ASN A 178 -15.23 -4.34 -25.90
CA ASN A 178 -14.75 -2.98 -26.15
C ASN A 178 -14.28 -2.26 -24.88
N LEU A 179 -13.35 -2.91 -24.18
CA LEU A 179 -12.86 -2.45 -22.89
C LEU A 179 -11.68 -1.47 -22.99
N SER A 180 -11.66 -0.51 -22.06
CA SER A 180 -10.52 0.40 -21.90
C SER A 180 -9.68 -0.03 -20.70
N LEU A 181 -8.50 -0.57 -20.98
CA LEU A 181 -7.58 -1.00 -19.94
C LEU A 181 -6.47 0.03 -19.75
N ASN A 182 -6.28 0.47 -18.51
CA ASN A 182 -5.23 1.42 -18.19
C ASN A 182 -4.14 0.80 -17.32
N PHE A 183 -2.99 0.55 -17.93
CA PHE A 183 -1.83 0.01 -17.20
C PHE A 183 -0.73 1.06 -16.97
N ASN A 184 -1.12 2.33 -16.94
CA ASN A 184 -0.20 3.43 -16.71
C ASN A 184 0.51 3.32 -15.37
N GLY A 185 1.82 3.55 -15.36
CA GLY A 185 2.62 3.45 -14.14
C GLY A 185 2.88 2.03 -13.68
N ASN A 186 2.58 1.05 -14.52
CA ASN A 186 2.94 -0.34 -14.26
C ASN A 186 4.27 -0.68 -14.93
N ASN A 187 4.91 -1.76 -14.50
CA ASN A 187 6.22 -2.13 -15.01
C ASN A 187 6.16 -3.45 -15.78
N VAL A 188 5.38 -3.46 -16.85
CA VAL A 188 5.11 -4.69 -17.61
C VAL A 188 6.40 -5.19 -18.29
N LYS A 189 7.05 -6.16 -17.65
CA LYS A 189 8.29 -6.73 -18.16
C LYS A 189 8.05 -7.85 -19.16
N GLY A 190 6.83 -8.39 -19.18
CA GLY A 190 6.47 -9.49 -20.06
C GLY A 190 4.98 -9.73 -20.20
N ILE A 191 4.58 -10.18 -21.38
CA ILE A 191 3.23 -10.62 -21.66
C ILE A 191 3.32 -11.99 -22.31
N GLU A 192 2.56 -12.96 -21.79
CA GLU A 192 2.50 -14.29 -22.40
C GLU A 192 2.11 -14.13 -23.87
N LEU A 193 2.94 -14.69 -24.74
CA LEU A 193 2.71 -14.60 -26.18
C LEU A 193 1.38 -15.27 -26.54
N GLY A 194 0.43 -14.46 -27.01
CA GLY A 194 -0.90 -14.93 -27.36
C GLY A 194 -1.99 -14.58 -26.35
N ALA A 195 -1.62 -13.81 -25.33
CA ALA A 195 -2.56 -13.40 -24.28
C ALA A 195 -3.57 -12.37 -24.77
N PHE A 196 -3.17 -11.63 -25.81
CA PHE A 196 -4.02 -10.63 -26.43
C PHE A 196 -4.47 -11.07 -27.83
N ASP A 197 -4.40 -12.37 -28.09
CA ASP A 197 -4.86 -12.92 -29.38
C ASP A 197 -6.37 -12.75 -29.55
N SER A 198 -6.75 -12.32 -30.76
CA SER A 198 -8.16 -12.16 -31.17
C SER A 198 -8.97 -11.17 -30.34
N THR A 199 -8.30 -10.36 -29.53
CA THR A 199 -8.98 -9.44 -28.62
C THR A 199 -9.24 -8.06 -29.22
N ILE A 200 -10.37 -7.46 -28.82
CA ILE A 200 -10.79 -6.14 -29.30
C ILE A 200 -10.98 -5.20 -28.11
N PHE A 201 -10.21 -4.10 -28.11
CA PHE A 201 -10.25 -3.11 -27.04
C PHE A 201 -10.52 -1.70 -27.55
N GLN A 202 -11.05 -0.86 -26.67
CA GLN A 202 -11.23 0.56 -26.95
C GLN A 202 -9.90 1.27 -26.76
N SER A 203 -9.38 1.24 -25.53
CA SER A 203 -8.11 1.86 -25.19
C SER A 203 -7.20 0.93 -24.41
N LEU A 204 -5.93 0.93 -24.77
CA LEU A 204 -4.89 0.31 -23.97
C LEU A 204 -3.84 1.37 -23.68
N ASN A 205 -3.55 1.56 -22.39
CA ASN A 205 -2.57 2.53 -21.97
C ASN A 205 -1.43 1.81 -21.24
N PHE A 206 -0.24 1.91 -21.80
CA PHE A 206 0.94 1.32 -21.17
C PHE A 206 1.96 2.42 -20.88
N GLY A 207 1.48 3.57 -20.41
CA GLY A 207 2.33 4.69 -20.07
C GLY A 207 3.42 4.32 -19.09
N GLY A 208 4.66 4.66 -19.43
CA GLY A 208 5.80 4.40 -18.56
C GLY A 208 6.34 2.98 -18.60
N THR A 209 5.95 2.21 -19.63
CA THR A 209 6.40 0.83 -19.77
C THR A 209 7.91 0.76 -20.10
N PRO A 210 8.64 -0.20 -19.50
CA PRO A 210 10.10 -0.28 -19.68
C PRO A 210 10.53 -0.64 -21.11
N ASN A 211 9.87 -1.61 -21.73
CA ASN A 211 10.27 -2.10 -23.05
C ASN A 211 9.10 -2.17 -24.01
N LEU A 212 9.14 -1.36 -25.06
CA LEU A 212 8.07 -1.32 -26.05
C LEU A 212 7.97 -2.60 -26.85
N SER A 213 9.13 -3.22 -27.12
CA SER A 213 9.18 -4.47 -27.88
C SER A 213 8.33 -5.52 -27.19
N VAL A 214 8.44 -5.61 -25.86
CA VAL A 214 7.62 -6.49 -25.02
C VAL A 214 6.12 -6.26 -25.29
N ILE A 215 5.72 -5.00 -25.35
CA ILE A 215 4.31 -4.63 -25.55
C ILE A 215 3.82 -4.98 -26.94
N PHE A 216 4.52 -4.51 -27.97
CA PHE A 216 4.18 -4.85 -29.36
C PHE A 216 4.16 -6.35 -29.57
N ASN A 217 5.16 -7.02 -29.00
CA ASN A 217 5.27 -8.48 -29.03
C ASN A 217 4.05 -9.18 -28.45
N GLY A 218 3.62 -8.72 -27.27
CA GLY A 218 2.50 -9.33 -26.55
C GLY A 218 1.14 -9.02 -27.15
N LEU A 219 1.05 -7.88 -27.86
CA LEU A 219 -0.22 -7.43 -28.43
C LEU A 219 -0.41 -7.93 -29.86
N GLN A 220 0.38 -8.91 -30.27
CA GLN A 220 0.25 -9.52 -31.59
C GLN A 220 -1.16 -10.04 -31.82
N ASN A 221 -1.73 -9.70 -32.98
CA ASN A 221 -3.06 -10.15 -33.40
C ASN A 221 -4.21 -9.54 -32.57
N SER A 222 -3.93 -8.43 -31.89
CA SER A 222 -4.95 -7.70 -31.14
C SER A 222 -5.45 -6.47 -31.90
N THR A 223 -6.66 -6.04 -31.58
CA THR A 223 -7.26 -4.86 -32.19
C THR A 223 -7.55 -3.80 -31.14
N THR A 224 -7.03 -2.59 -31.36
CA THR A 224 -7.30 -1.45 -30.49
C THR A 224 -7.61 -0.20 -31.31
N GLN A 225 -8.50 0.63 -30.77
CA GLN A 225 -8.71 1.98 -31.27
C GLN A 225 -7.53 2.86 -30.85
N SER A 226 -7.31 2.94 -29.54
CA SER A 226 -6.26 3.79 -28.99
C SER A 226 -5.18 2.95 -28.32
N LEU A 227 -3.93 3.32 -28.54
CA LEU A 227 -2.81 2.68 -27.91
C LEU A 227 -1.84 3.72 -27.38
N TRP A 228 -1.84 3.92 -26.07
CA TRP A 228 -1.04 4.95 -25.44
C TRP A 228 0.24 4.37 -24.92
N LEU A 229 1.34 4.69 -25.58
CA LEU A 229 2.63 4.08 -25.26
C LEU A 229 3.72 5.08 -24.90
N GLY A 230 3.32 6.27 -24.48
CA GLY A 230 4.26 7.31 -24.14
C GLY A 230 4.96 7.08 -22.81
N THR A 231 6.15 7.67 -22.67
CA THR A 231 6.86 7.68 -21.41
C THR A 231 6.79 9.09 -20.78
N PHE A 232 7.59 9.32 -19.74
CA PHE A 232 7.55 10.58 -18.98
C PHE A 232 8.95 11.09 -18.67
N GLU A 233 9.03 12.39 -18.34
CA GLU A 233 10.31 13.06 -18.07
C GLU A 233 11.13 12.44 -16.95
N ASP A 234 10.45 11.82 -15.98
CA ASP A 234 11.12 11.21 -14.82
C ASP A 234 11.40 9.71 -15.00
N ILE A 235 11.19 9.20 -16.20
CA ILE A 235 11.46 7.78 -16.50
C ILE A 235 12.54 7.67 -17.56
N ASP A 236 13.56 6.85 -17.26
CA ASP A 236 14.75 6.70 -18.11
C ASP A 236 14.43 6.04 -19.46
N ASP A 237 14.97 6.65 -20.52
CA ASP A 237 14.55 6.36 -21.89
C ASP A 237 15.42 5.31 -22.60
N GLU A 238 14.76 4.31 -23.17
CA GLU A 238 15.41 3.37 -24.08
C GLU A 238 15.04 3.75 -25.52
N ASP A 239 16.02 4.21 -26.28
CA ASP A 239 15.78 4.75 -27.64
C ASP A 239 15.07 3.77 -28.57
N ILE A 240 14.03 4.28 -29.22
CA ILE A 240 13.19 3.45 -30.10
C ILE A 240 13.86 3.25 -31.45
N SER A 241 14.21 2.00 -31.73
CA SER A 241 14.79 1.62 -33.02
C SER A 241 13.71 1.05 -33.92
N SER A 242 14.06 0.85 -35.19
CA SER A 242 13.16 0.22 -36.17
C SER A 242 12.76 -1.20 -35.76
N ALA A 243 13.66 -1.87 -35.03
CA ALA A 243 13.43 -3.24 -34.56
C ALA A 243 12.34 -3.34 -33.50
N MET A 244 12.23 -2.32 -32.64
CA MET A 244 11.21 -2.27 -31.59
C MET A 244 9.78 -2.16 -32.12
N LEU A 245 9.63 -1.56 -33.30
CA LEU A 245 8.32 -1.26 -33.85
C LEU A 245 7.82 -2.34 -34.82
N LYS A 246 8.53 -3.45 -34.89
CA LYS A 246 8.20 -4.57 -35.78
C LYS A 246 6.80 -5.15 -35.54
N GLY A 247 6.45 -5.32 -34.28
CA GLY A 247 5.19 -5.97 -33.89
C GLY A 247 3.94 -5.26 -34.34
N LEU A 248 4.07 -3.96 -34.65
CA LEU A 248 2.95 -3.14 -35.11
C LEU A 248 2.41 -3.59 -36.47
N CYS A 249 3.28 -4.24 -37.25
CA CYS A 249 2.88 -4.84 -38.53
C CYS A 249 1.88 -5.97 -38.35
N GLU A 250 1.85 -6.55 -37.16
CA GLU A 250 0.99 -7.68 -36.84
C GLU A 250 -0.09 -7.31 -35.82
N MET A 251 -0.45 -6.03 -35.80
CA MET A 251 -1.45 -5.49 -34.87
C MET A 251 -2.48 -4.64 -35.62
N SER A 252 -3.66 -4.50 -35.03
CA SER A 252 -4.69 -3.62 -35.57
C SER A 252 -4.88 -2.40 -34.67
N VAL A 253 -4.16 -1.32 -34.99
CA VAL A 253 -4.17 -0.09 -34.17
C VAL A 253 -4.67 1.09 -35.00
N GLU A 254 -5.47 1.95 -34.37
CA GLU A 254 -6.05 3.08 -35.07
C GLU A 254 -5.44 4.42 -34.64
N SER A 255 -4.97 4.48 -33.40
CA SER A 255 -4.37 5.69 -32.83
C SER A 255 -3.18 5.36 -31.94
N LEU A 256 -2.03 5.95 -32.23
CA LEU A 256 -0.79 5.63 -31.51
C LEU A 256 -0.20 6.87 -30.85
N ASN A 257 0.21 6.72 -29.60
CA ASN A 257 0.89 7.79 -28.88
C ASN A 257 2.26 7.32 -28.39
N LEU A 258 3.31 8.02 -28.80
CA LEU A 258 4.67 7.67 -28.42
C LEU A 258 5.40 8.83 -27.74
N GLN A 259 4.66 9.64 -26.99
CA GLN A 259 5.21 10.86 -26.40
C GLN A 259 6.46 10.61 -25.54
N GLU A 260 7.31 11.63 -25.48
CA GLU A 260 8.51 11.62 -24.63
C GLU A 260 9.56 10.55 -24.96
N HIS A 261 9.26 9.71 -25.94
CA HIS A 261 10.23 8.73 -26.44
C HIS A 261 11.24 9.38 -27.33
N ARG A 262 12.35 8.68 -27.54
CA ARG A 262 13.43 9.16 -28.40
C ARG A 262 13.63 8.19 -29.56
N PHE A 263 14.01 8.71 -30.71
CA PHE A 263 14.27 7.89 -31.88
C PHE A 263 15.77 7.77 -32.17
N SER A 264 16.21 6.53 -32.36
CA SER A 264 17.56 6.22 -32.82
C SER A 264 17.48 4.83 -33.44
N ASP A 265 17.97 4.65 -34.66
CA ASP A 265 18.79 5.62 -35.39
C ASP A 265 17.99 6.53 -36.33
N ILE A 266 16.66 6.47 -36.24
CA ILE A 266 15.71 7.26 -37.06
C ILE A 266 16.01 7.33 -38.57
N SER A 267 15.21 6.63 -39.36
CA SER A 267 15.33 6.63 -40.82
C SER A 267 13.98 6.43 -41.50
N SER A 268 14.00 6.30 -42.82
CA SER A 268 12.79 6.13 -43.63
C SER A 268 12.15 4.74 -43.48
N THR A 269 12.72 3.91 -42.62
CA THR A 269 12.19 2.56 -42.37
C THR A 269 11.59 2.43 -40.97
N THR A 270 11.78 3.46 -40.14
CA THR A 270 11.26 3.46 -38.77
C THR A 270 9.74 3.34 -38.77
N PHE A 271 9.09 3.93 -39.78
CA PHE A 271 7.64 3.98 -39.84
C PHE A 271 7.02 3.07 -40.91
N GLN A 272 7.65 1.93 -41.15
CA GLN A 272 7.19 0.98 -42.16
C GLN A 272 5.94 0.20 -41.74
N CYS A 273 5.80 -0.05 -40.45
CA CYS A 273 4.66 -0.80 -39.90
C CYS A 273 3.47 0.11 -39.58
N PHE A 274 3.69 1.40 -39.66
CA PHE A 274 2.68 2.40 -39.32
C PHE A 274 1.57 2.52 -40.38
N THR A 275 1.67 1.68 -41.41
CA THR A 275 0.82 1.74 -42.62
C THR A 275 -0.67 1.95 -42.40
N GLN A 276 -1.21 1.45 -41.29
CA GLN A 276 -2.65 1.55 -41.06
C GLN A 276 -3.06 2.35 -39.81
N LEU A 277 -2.17 3.21 -39.33
CA LEU A 277 -2.51 4.17 -38.29
C LEU A 277 -3.32 5.29 -38.90
N GLN A 278 -4.37 5.71 -38.19
CA GLN A 278 -5.17 6.86 -38.60
C GLN A 278 -4.70 8.11 -37.88
N GLU A 279 -4.27 7.93 -36.63
CA GLU A 279 -3.73 9.01 -35.82
C GLU A 279 -2.37 8.63 -35.26
N LEU A 280 -1.42 9.57 -35.30
CA LEU A 280 -0.11 9.37 -34.70
C LEU A 280 0.33 10.60 -33.91
N ASP A 281 0.66 10.40 -32.64
CA ASP A 281 1.07 11.47 -31.75
C ASP A 281 2.54 11.28 -31.36
N LEU A 282 3.38 12.22 -31.81
CA LEU A 282 4.82 12.16 -31.54
C LEU A 282 5.32 13.34 -30.71
N THR A 283 4.52 13.77 -29.73
CA THR A 283 4.84 14.90 -28.87
C THR A 283 6.16 14.73 -28.12
N ALA A 284 6.99 15.78 -28.14
CA ALA A 284 8.26 15.82 -27.41
C ALA A 284 9.12 14.59 -27.63
N THR A 285 9.28 14.21 -28.91
CA THR A 285 10.08 13.04 -29.26
C THR A 285 11.49 13.42 -29.75
N HIS A 286 11.93 14.62 -29.37
CA HIS A 286 13.25 15.16 -29.75
C HIS A 286 13.53 15.18 -31.23
N LEU A 287 12.47 15.27 -32.03
CA LEU A 287 12.60 15.21 -33.48
C LEU A 287 13.19 16.50 -34.06
N LYS A 288 14.25 16.35 -34.85
CA LYS A 288 14.80 17.46 -35.62
C LYS A 288 14.18 17.50 -37.01
N GLY A 289 13.42 16.46 -37.34
CA GLY A 289 12.73 16.37 -38.62
C GLY A 289 12.22 14.97 -38.93
N LEU A 290 11.53 14.84 -40.05
CA LEU A 290 11.08 13.55 -40.55
C LEU A 290 11.64 13.28 -41.95
N PRO A 291 12.21 12.08 -42.15
CA PRO A 291 12.76 11.67 -43.45
C PRO A 291 11.73 11.68 -44.59
N SER A 292 12.18 12.08 -45.78
CA SER A 292 11.33 12.11 -46.96
C SER A 292 11.31 10.75 -47.67
N GLY A 293 10.39 10.61 -48.65
CA GLY A 293 10.23 9.35 -49.39
C GLY A 293 9.82 8.19 -48.52
N MET A 294 9.12 8.51 -47.45
CA MET A 294 8.77 7.58 -46.39
C MET A 294 7.54 6.74 -46.75
N LYS A 295 7.65 5.43 -46.57
CA LYS A 295 6.52 4.53 -46.77
C LYS A 295 5.95 4.12 -45.42
N GLY A 296 4.63 4.19 -45.30
CA GLY A 296 3.95 3.78 -44.08
C GLY A 296 3.12 4.83 -43.38
N LEU A 297 3.07 6.04 -43.93
CA LEU A 297 2.23 7.10 -43.38
C LEU A 297 1.32 7.70 -44.46
N ASN A 298 1.12 6.92 -45.52
CA ASN A 298 0.36 7.30 -46.70
C ASN A 298 -1.11 7.62 -46.43
N LEU A 299 -1.71 6.94 -45.46
CA LEU A 299 -3.14 7.05 -45.20
C LEU A 299 -3.46 7.66 -43.82
N LEU A 300 -2.45 8.29 -43.21
CA LEU A 300 -2.59 8.95 -41.93
C LEU A 300 -3.51 10.18 -42.03
N LYS A 301 -4.37 10.33 -41.03
CA LYS A 301 -5.36 11.41 -41.00
C LYS A 301 -4.99 12.55 -40.05
N LYS A 302 -4.50 12.19 -38.87
CA LYS A 302 -4.12 13.18 -37.84
C LYS A 302 -2.70 12.95 -37.34
N LEU A 303 -1.92 14.02 -37.29
CA LEU A 303 -0.53 13.95 -36.84
C LEU A 303 -0.19 15.08 -35.86
N VAL A 304 0.25 14.71 -34.67
CA VAL A 304 0.69 15.68 -33.66
C VAL A 304 2.22 15.67 -33.60
N LEU A 305 2.83 16.80 -33.93
CA LEU A 305 4.28 16.93 -33.91
C LEU A 305 4.72 17.99 -32.91
N SER A 306 3.91 18.19 -31.88
CA SER A 306 4.13 19.23 -30.89
C SER A 306 5.39 19.01 -30.04
N VAL A 307 5.88 20.10 -29.45
CA VAL A 307 7.06 20.09 -28.54
C VAL A 307 8.30 19.41 -29.14
N ASN A 308 8.56 19.65 -30.41
CA ASN A 308 9.75 19.10 -31.05
C ASN A 308 10.82 20.15 -31.37
N HIS A 309 11.80 19.79 -32.17
CA HIS A 309 12.97 20.66 -32.42
C HIS A 309 13.14 21.01 -33.87
N PHE A 310 12.05 21.38 -34.55
CA PHE A 310 12.11 21.80 -35.94
C PHE A 310 12.59 23.25 -36.03
N ASP A 311 13.34 23.55 -37.08
CA ASP A 311 13.70 24.93 -37.43
C ASP A 311 12.80 25.42 -38.55
N GLN A 312 12.58 24.55 -39.54
CA GLN A 312 11.79 24.84 -40.72
C GLN A 312 10.57 23.95 -40.76
N LEU A 313 9.47 24.46 -41.31
CA LEU A 313 8.26 23.66 -41.48
C LEU A 313 8.48 22.59 -42.55
N CYS A 314 9.37 22.87 -43.49
CA CYS A 314 9.68 21.93 -44.57
C CYS A 314 10.41 20.68 -44.09
N GLN A 315 10.97 20.74 -42.89
CA GLN A 315 11.69 19.62 -42.28
C GLN A 315 10.78 18.48 -41.84
N ILE A 316 9.47 18.72 -41.78
CA ILE A 316 8.52 17.68 -41.37
C ILE A 316 8.17 16.74 -42.52
N SER A 317 8.66 17.05 -43.72
CA SER A 317 8.41 16.28 -44.95
C SER A 317 6.93 15.97 -45.16
N ALA A 318 6.17 16.99 -45.52
CA ALA A 318 4.73 16.88 -45.69
C ALA A 318 4.29 15.96 -46.84
N ALA A 319 5.23 15.67 -47.76
CA ALA A 319 4.97 14.76 -48.87
C ALA A 319 4.56 13.35 -48.41
N ASN A 320 4.96 12.99 -47.19
CA ASN A 320 4.65 11.69 -46.61
C ASN A 320 3.16 11.46 -46.30
N PHE A 321 2.41 12.55 -46.13
CA PHE A 321 1.04 12.46 -45.61
C PHE A 321 -0.02 13.10 -46.52
N PRO A 322 -0.30 12.46 -47.68
CA PRO A 322 -1.22 13.08 -48.64
C PRO A 322 -2.66 13.19 -48.13
N SER A 323 -3.06 12.25 -47.28
CA SER A 323 -4.45 12.15 -46.82
C SER A 323 -4.69 12.90 -45.52
N LEU A 324 -3.64 13.51 -44.98
CA LEU A 324 -3.71 14.22 -43.69
C LEU A 324 -4.83 15.26 -43.65
N THR A 325 -5.58 15.26 -42.55
CA THR A 325 -6.69 16.20 -42.38
C THR A 325 -6.48 17.11 -41.16
N HIS A 326 -5.69 16.63 -40.20
CA HIS A 326 -5.39 17.38 -38.99
C HIS A 326 -3.91 17.43 -38.75
N LEU A 327 -3.39 18.64 -38.53
CA LEU A 327 -1.98 18.81 -38.21
C LEU A 327 -1.81 19.72 -36.99
N TYR A 328 -1.15 19.20 -35.97
CA TYR A 328 -0.85 19.96 -34.74
C TYR A 328 0.64 20.06 -34.52
N ILE A 329 1.17 21.28 -34.59
CA ILE A 329 2.55 21.55 -34.22
C ILE A 329 2.55 22.72 -33.23
N ARG A 330 2.41 22.37 -31.95
CA ARG A 330 2.26 23.35 -30.87
C ARG A 330 3.50 23.36 -29.98
N GLY A 331 3.85 24.54 -29.48
CA GLY A 331 4.95 24.68 -28.53
C GLY A 331 6.29 24.10 -28.97
N ASN A 332 6.68 24.37 -30.21
CA ASN A 332 7.99 23.99 -30.71
C ASN A 332 9.08 24.54 -29.78
N VAL A 333 10.04 23.69 -29.42
CA VAL A 333 11.08 24.07 -28.46
C VAL A 333 12.00 25.16 -29.03
N LYS A 334 12.29 25.07 -30.32
CA LYS A 334 13.05 26.10 -31.02
C LYS A 334 12.09 27.09 -31.69
N LYS A 335 12.65 28.20 -32.17
CA LYS A 335 11.91 29.18 -32.94
C LYS A 335 11.61 28.57 -34.31
N LEU A 336 10.32 28.47 -34.66
CA LEU A 336 9.89 27.80 -35.89
C LEU A 336 9.69 28.77 -37.05
N HIS A 337 10.14 28.36 -38.24
CA HIS A 337 9.98 29.13 -39.46
C HIS A 337 9.04 28.46 -40.42
N LEU A 338 8.12 29.24 -41.00
CA LEU A 338 7.09 28.68 -41.89
C LEU A 338 7.61 28.25 -43.26
N GLY A 339 8.60 28.96 -43.80
CA GLY A 339 9.14 28.67 -45.12
C GLY A 339 8.19 29.01 -46.25
N VAL A 340 8.44 28.44 -47.42
CA VAL A 340 7.61 28.68 -48.61
C VAL A 340 7.05 27.37 -49.16
N GLY A 341 5.73 27.28 -49.18
CA GLY A 341 5.02 26.10 -49.71
C GLY A 341 5.43 24.77 -49.12
N CYS A 342 5.66 24.76 -47.81
CA CYS A 342 6.10 23.55 -47.09
C CYS A 342 4.96 22.56 -46.92
N LEU A 343 3.73 23.08 -46.84
CA LEU A 343 2.55 22.24 -46.63
C LEU A 343 1.68 22.14 -47.90
N GLU A 344 2.29 22.36 -49.06
CA GLU A 344 1.55 22.39 -50.31
C GLU A 344 0.98 21.02 -50.73
N LYS A 345 1.53 19.94 -50.21
CA LYS A 345 1.06 18.59 -50.53
C LYS A 345 -0.05 18.10 -49.60
N LEU A 346 -0.51 18.97 -48.70
CA LEU A 346 -1.57 18.63 -47.76
C LEU A 346 -2.91 19.18 -48.26
N GLY A 347 -3.30 18.73 -49.45
CA GLY A 347 -4.51 19.21 -50.13
C GLY A 347 -5.80 18.97 -49.39
N ASN A 348 -5.85 17.91 -48.59
CA ASN A 348 -7.04 17.55 -47.83
C ASN A 348 -7.07 18.08 -46.39
N LEU A 349 -6.05 18.86 -46.02
CA LEU A 349 -5.90 19.35 -44.63
C LEU A 349 -7.06 20.25 -44.20
N GLN A 350 -7.61 19.98 -43.02
CA GLN A 350 -8.79 20.69 -42.52
C GLN A 350 -8.48 21.56 -41.31
N THR A 351 -7.57 21.09 -40.46
CA THR A 351 -7.18 21.82 -39.27
C THR A 351 -5.66 21.93 -39.21
N LEU A 352 -5.19 23.15 -39.00
CA LEU A 352 -3.77 23.41 -38.81
C LEU A 352 -3.56 24.22 -37.53
N ASP A 353 -2.82 23.63 -36.59
CA ASP A 353 -2.49 24.29 -35.33
C ASP A 353 -0.98 24.55 -35.24
N LEU A 354 -0.63 25.82 -35.18
CA LEU A 354 0.76 26.26 -35.14
C LEU A 354 0.98 27.30 -34.05
N SER A 355 0.28 27.12 -32.93
CA SER A 355 0.37 28.04 -31.80
C SER A 355 1.63 27.82 -30.97
N HIS A 356 2.10 28.88 -30.32
CA HIS A 356 3.21 28.81 -29.35
C HIS A 356 4.56 28.44 -29.91
N ASN A 357 4.85 28.84 -31.14
CA ASN A 357 6.09 28.46 -31.80
C ASN A 357 7.09 29.60 -32.03
N ASP A 358 6.71 30.81 -31.58
CA ASP A 358 7.50 32.04 -31.83
C ASP A 358 7.65 32.34 -33.32
N ILE A 359 6.61 32.01 -34.09
CA ILE A 359 6.59 32.26 -35.53
C ILE A 359 6.61 33.77 -35.79
N GLU A 360 7.53 34.19 -36.64
CA GLU A 360 7.68 35.59 -37.02
C GLU A 360 7.56 35.67 -38.53
N ALA A 361 6.59 36.45 -39.02
CA ALA A 361 6.38 36.62 -40.46
C ALA A 361 6.01 38.06 -40.83
N SER A 362 6.87 38.72 -41.60
CA SER A 362 6.66 40.11 -41.98
C SER A 362 5.62 40.27 -43.09
N ASP A 363 5.46 39.21 -43.89
CA ASP A 363 4.44 39.14 -44.92
C ASP A 363 3.80 37.77 -44.89
N CYS A 364 2.49 37.75 -44.63
CA CYS A 364 1.76 36.52 -44.35
C CYS A 364 0.38 36.67 -45.01
N CYS A 365 -0.25 35.58 -45.46
CA CYS A 365 0.22 34.19 -45.30
C CYS A 365 0.12 33.35 -46.57
N SER A 366 0.21 34.00 -47.73
CA SER A 366 -0.02 33.29 -49.00
C SER A 366 1.08 32.30 -49.39
N LEU A 367 2.34 32.72 -49.28
CA LEU A 367 3.48 31.86 -49.59
C LEU A 367 3.65 30.71 -48.59
N GLN A 368 3.19 30.93 -47.37
CA GLN A 368 3.33 29.96 -46.29
C GLN A 368 2.22 28.91 -46.33
N LEU A 369 0.98 29.36 -46.54
CA LEU A 369 -0.17 28.46 -46.56
C LEU A 369 -0.59 28.08 -47.98
N LYS A 370 0.34 28.15 -48.92
CA LYS A 370 0.06 27.86 -50.33
C LYS A 370 -0.64 26.51 -50.51
N ASN A 371 -1.74 26.52 -51.24
CA ASN A 371 -2.49 25.32 -51.63
C ASN A 371 -3.27 24.60 -50.51
N LEU A 372 -3.46 25.28 -49.38
CA LEU A 372 -4.27 24.75 -48.29
C LEU A 372 -5.74 25.13 -48.48
N SER A 373 -6.29 24.77 -49.63
CA SER A 373 -7.62 25.26 -50.04
C SER A 373 -8.80 24.57 -49.34
N HIS A 374 -8.51 23.53 -48.57
CA HIS A 374 -9.54 22.79 -47.82
C HIS A 374 -9.56 23.13 -46.36
N LEU A 375 -8.67 24.04 -45.95
CA LEU A 375 -8.48 24.38 -44.54
C LEU A 375 -9.71 25.05 -43.93
N GLN A 376 -10.07 24.61 -42.72
CA GLN A 376 -11.26 25.09 -42.02
C GLN A 376 -10.95 25.73 -40.66
N THR A 377 -9.93 25.22 -39.99
CA THR A 377 -9.52 25.74 -38.68
C THR A 377 -8.04 26.06 -38.71
N LEU A 378 -7.71 27.31 -38.37
CA LEU A 378 -6.32 27.74 -38.32
C LEU A 378 -5.99 28.40 -36.98
N ASN A 379 -4.94 27.91 -36.35
CA ASN A 379 -4.49 28.42 -35.07
C ASN A 379 -3.07 28.96 -35.18
N LEU A 380 -2.93 30.27 -35.03
CA LEU A 380 -1.65 30.95 -35.12
C LEU A 380 -1.42 31.79 -33.87
N SER A 381 -2.15 31.45 -32.80
CA SER A 381 -2.08 32.19 -31.54
C SER A 381 -0.73 32.02 -30.83
N HIS A 382 -0.43 32.97 -29.94
CA HIS A 382 0.77 32.93 -29.08
C HIS A 382 2.07 32.84 -29.84
N ASN A 383 2.16 33.62 -30.90
CA ASN A 383 3.39 33.72 -31.68
C ASN A 383 3.92 35.14 -31.69
N GLU A 384 5.11 35.31 -32.24
CA GLU A 384 5.69 36.63 -32.48
C GLU A 384 4.89 37.37 -33.57
N PRO A 385 5.12 38.69 -33.74
CA PRO A 385 4.23 39.48 -34.60
C PRO A 385 4.15 39.03 -36.06
N LEU A 386 2.99 39.22 -36.67
CA LEU A 386 2.76 38.87 -38.07
C LEU A 386 2.25 40.06 -38.88
N GLY A 387 2.89 40.32 -40.02
CA GLY A 387 2.44 41.33 -40.96
C GLY A 387 1.45 40.75 -41.97
N LEU A 388 0.25 41.32 -42.00
CA LEU A 388 -0.81 40.85 -42.89
C LEU A 388 -1.28 41.96 -43.84
N GLN A 389 -1.16 41.70 -45.14
CA GLN A 389 -1.71 42.61 -46.16
C GLN A 389 -3.14 42.18 -46.51
N SER A 390 -3.74 42.83 -47.50
CA SER A 390 -5.08 42.46 -47.97
C SER A 390 -5.08 41.07 -48.58
N GLN A 391 -6.12 40.29 -48.27
CA GLN A 391 -6.22 38.88 -48.63
C GLN A 391 -5.00 38.08 -48.15
N ALA A 392 -4.74 38.16 -46.85
CA ALA A 392 -3.61 37.48 -46.20
C ALA A 392 -3.84 35.96 -46.15
N PHE A 393 -5.10 35.57 -46.16
CA PHE A 393 -5.47 34.17 -46.10
C PHE A 393 -6.20 33.75 -47.38
N LYS A 394 -5.73 34.28 -48.50
CA LYS A 394 -6.29 33.98 -49.83
C LYS A 394 -6.24 32.49 -50.15
N GLU A 395 -5.18 31.83 -49.68
CA GLU A 395 -4.96 30.41 -49.94
C GLU A 395 -5.89 29.50 -49.13
N CYS A 396 -6.73 30.09 -48.28
CA CYS A 396 -7.65 29.33 -47.44
C CYS A 396 -9.06 29.91 -47.48
N PRO A 397 -9.70 29.94 -48.66
CA PRO A 397 -11.02 30.59 -48.75
C PRO A 397 -12.11 29.90 -47.93
N GLN A 398 -11.91 28.63 -47.59
CA GLN A 398 -12.92 27.81 -46.92
C GLN A 398 -12.81 27.87 -45.38
N LEU A 399 -12.07 28.84 -44.88
CA LEU A 399 -11.77 28.98 -43.45
C LEU A 399 -13.02 29.33 -42.63
N GLU A 400 -13.22 28.62 -41.52
CA GLU A 400 -14.38 28.84 -40.62
C GLU A 400 -13.99 29.41 -39.24
N LEU A 401 -12.81 29.02 -38.76
CA LEU A 401 -12.29 29.50 -37.49
C LEU A 401 -10.85 29.96 -37.65
N LEU A 402 -10.57 31.20 -37.20
CA LEU A 402 -9.21 31.76 -37.24
C LEU A 402 -8.84 32.26 -35.85
N ASP A 403 -7.87 31.60 -35.22
CA ASP A 403 -7.38 32.00 -33.91
C ASP A 403 -6.01 32.67 -34.03
N LEU A 404 -5.95 33.96 -33.69
CA LEU A 404 -4.72 34.74 -33.73
C LEU A 404 -4.37 35.37 -32.38
N ALA A 405 -5.00 34.86 -31.32
CA ALA A 405 -4.91 35.44 -29.97
C ALA A 405 -3.49 35.61 -29.45
N PHE A 406 -3.20 36.79 -28.91
CA PHE A 406 -1.91 37.14 -28.29
C PHE A 406 -0.74 37.24 -29.29
N THR A 407 -1.07 37.18 -30.57
CA THR A 407 -0.08 37.38 -31.63
C THR A 407 -0.30 38.78 -32.22
N ARG A 408 0.65 39.68 -31.98
CA ARG A 408 0.55 41.05 -32.47
C ARG A 408 0.47 41.03 -33.99
N LEU A 409 -0.42 41.85 -34.53
CA LEU A 409 -0.61 41.91 -35.97
C LEU A 409 -0.20 43.26 -36.55
N HIS A 410 0.54 43.23 -37.65
CA HIS A 410 0.93 44.45 -38.34
C HIS A 410 0.15 44.64 -39.60
N ILE A 411 -0.86 45.49 -39.49
CA ILE A 411 -1.80 45.75 -40.58
C ILE A 411 -1.79 47.23 -40.91
N ASN A 412 -1.61 47.55 -42.19
CA ASN A 412 -1.65 48.93 -42.68
C ASN A 412 -3.06 49.34 -43.10
N ALA A 413 -3.46 50.54 -42.71
CA ALA A 413 -4.71 51.13 -43.16
C ALA A 413 -4.54 51.59 -44.62
N PRO A 414 -5.60 51.45 -45.44
CA PRO A 414 -6.92 50.90 -45.11
C PRO A 414 -7.12 49.47 -45.61
N GLN A 415 -6.13 48.61 -45.42
CA GLN A 415 -6.19 47.23 -45.94
C GLN A 415 -7.12 46.32 -45.14
N SER A 416 -7.64 45.29 -45.81
CA SER A 416 -8.56 44.32 -45.20
C SER A 416 -7.98 42.91 -45.32
N PRO A 417 -7.20 42.46 -44.32
CA PRO A 417 -6.51 41.17 -44.39
C PRO A 417 -7.46 39.97 -44.43
N PHE A 418 -8.62 40.12 -43.81
CA PHE A 418 -9.58 39.03 -43.68
C PHE A 418 -10.61 39.01 -44.81
N GLN A 419 -10.42 39.84 -45.83
CA GLN A 419 -11.34 39.92 -46.96
C GLN A 419 -11.40 38.60 -47.74
N ASN A 420 -12.53 38.36 -48.40
CA ASN A 420 -12.79 37.12 -49.17
C ASN A 420 -12.85 35.83 -48.33
N LEU A 421 -12.98 35.98 -47.02
CA LEU A 421 -13.24 34.85 -46.15
C LEU A 421 -14.75 34.74 -45.93
N HIS A 422 -15.43 34.18 -46.94
CA HIS A 422 -16.89 34.11 -46.98
C HIS A 422 -17.48 33.09 -46.04
N PHE A 423 -16.63 32.26 -45.45
CA PHE A 423 -17.11 31.19 -44.58
C PHE A 423 -16.66 31.36 -43.13
N LEU A 424 -15.93 32.44 -42.84
CA LEU A 424 -15.38 32.67 -41.51
C LEU A 424 -16.47 33.03 -40.50
N GLN A 425 -16.55 32.25 -39.43
CA GLN A 425 -17.58 32.43 -38.41
C GLN A 425 -17.02 32.92 -37.09
N VAL A 426 -15.83 32.44 -36.74
CA VAL A 426 -15.20 32.78 -35.47
C VAL A 426 -13.83 33.40 -35.71
N LEU A 427 -13.60 34.57 -35.08
CA LEU A 427 -12.32 35.28 -35.17
C LEU A 427 -11.83 35.75 -33.80
N ASN A 428 -10.79 35.11 -33.31
CA ASN A 428 -10.20 35.48 -32.03
C ASN A 428 -9.01 36.41 -32.23
N LEU A 429 -9.14 37.64 -31.76
CA LEU A 429 -8.10 38.65 -31.94
C LEU A 429 -7.65 39.29 -30.61
N THR A 430 -7.77 38.55 -29.51
CA THR A 430 -7.42 39.09 -28.20
C THR A 430 -5.92 39.43 -28.08
N TYR A 431 -5.65 40.62 -27.55
CA TYR A 431 -4.28 41.14 -27.37
C TYR A 431 -3.43 41.07 -28.65
N CYS A 432 -4.03 41.50 -29.76
CA CYS A 432 -3.35 41.54 -31.04
C CYS A 432 -2.79 42.93 -31.33
N PHE A 433 -3.04 43.86 -30.41
CA PHE A 433 -2.58 45.26 -30.52
C PHE A 433 -2.95 45.92 -31.84
N LEU A 434 -4.21 45.72 -32.25
CA LEU A 434 -4.71 46.19 -33.53
C LEU A 434 -4.86 47.70 -33.56
N ASP A 435 -4.76 48.27 -34.76
CA ASP A 435 -5.15 49.66 -34.99
C ASP A 435 -6.65 49.68 -35.29
N THR A 436 -7.44 50.02 -34.26
CA THR A 436 -8.89 50.00 -34.36
C THR A 436 -9.47 51.15 -35.19
N SER A 437 -8.65 52.16 -35.48
CA SER A 437 -9.06 53.30 -36.29
C SER A 437 -9.15 52.94 -37.78
N ASN A 438 -8.58 51.80 -38.15
CA ASN A 438 -8.71 51.26 -39.51
C ASN A 438 -10.13 50.71 -39.71
N GLN A 439 -10.96 51.48 -40.42
CA GLN A 439 -12.39 51.18 -40.57
C GLN A 439 -12.66 49.98 -41.46
N HIS A 440 -11.67 49.57 -42.24
CA HIS A 440 -11.83 48.50 -43.21
C HIS A 440 -11.30 47.17 -42.71
N LEU A 441 -10.78 47.16 -41.48
CA LEU A 441 -10.12 45.98 -40.92
C LEU A 441 -10.89 44.67 -41.11
N LEU A 442 -12.21 44.72 -40.90
CA LEU A 442 -13.03 43.50 -40.90
C LEU A 442 -13.96 43.40 -42.11
N ALA A 443 -13.60 44.08 -43.20
CA ALA A 443 -14.39 44.04 -44.43
C ALA A 443 -14.20 42.71 -45.16
N GLY A 444 -15.25 42.29 -45.87
CA GLY A 444 -15.25 41.05 -46.63
C GLY A 444 -15.54 39.81 -45.79
N LEU A 445 -16.27 40.01 -44.70
CA LEU A 445 -16.68 38.91 -43.81
C LEU A 445 -18.20 38.88 -43.69
N PRO A 446 -18.88 38.25 -44.66
CA PRO A 446 -20.35 38.29 -44.71
C PRO A 446 -21.07 37.45 -43.64
N VAL A 447 -20.37 36.48 -43.06
CA VAL A 447 -21.00 35.51 -42.15
C VAL A 447 -20.28 35.37 -40.78
N LEU A 448 -19.54 36.40 -40.39
CA LEU A 448 -18.87 36.41 -39.09
C LEU A 448 -19.89 36.59 -37.96
N ARG A 449 -19.77 35.76 -36.92
CA ARG A 449 -20.74 35.79 -35.82
C ARG A 449 -20.10 35.77 -34.42
N HIS A 450 -18.80 35.52 -34.37
CA HIS A 450 -18.06 35.51 -33.11
C HIS A 450 -16.78 36.27 -33.29
N LEU A 451 -16.68 37.41 -32.60
CA LEU A 451 -15.49 38.25 -32.65
C LEU A 451 -15.00 38.63 -31.26
N ASN A 452 -13.73 38.32 -31.00
CA ASN A 452 -13.08 38.63 -29.73
C ASN A 452 -12.04 39.72 -29.92
N LEU A 453 -12.28 40.89 -29.33
CA LEU A 453 -11.35 42.02 -29.45
C LEU A 453 -10.75 42.43 -28.09
N LYS A 454 -10.68 41.47 -27.17
CA LYS A 454 -10.16 41.70 -25.82
C LYS A 454 -8.73 42.25 -25.85
N GLY A 455 -8.49 43.29 -25.03
CA GLY A 455 -7.13 43.82 -24.85
C GLY A 455 -6.65 44.79 -25.91
N ASN A 456 -7.52 45.16 -26.84
CA ASN A 456 -7.16 46.11 -27.89
C ASN A 456 -7.49 47.55 -27.52
N HIS A 457 -6.72 48.49 -28.04
CA HIS A 457 -6.88 49.91 -27.73
C HIS A 457 -7.72 50.63 -28.76
N PHE A 458 -8.70 51.38 -28.27
CA PHE A 458 -9.49 52.28 -29.11
C PHE A 458 -9.03 53.70 -28.84
N GLN A 459 -8.96 54.52 -29.90
CA GLN A 459 -8.44 55.89 -29.76
C GLN A 459 -9.29 56.72 -28.82
N ASP A 460 -8.60 57.43 -27.92
CA ASP A 460 -9.24 58.22 -26.84
C ASP A 460 -10.03 57.34 -25.87
N GLY A 461 -9.96 56.03 -26.06
CA GLY A 461 -10.76 55.08 -25.28
C GLY A 461 -12.24 55.21 -25.57
N THR A 462 -12.58 55.48 -26.82
CA THR A 462 -13.98 55.70 -27.20
C THR A 462 -14.33 55.13 -28.59
N ILE A 463 -15.49 54.48 -28.66
CA ILE A 463 -16.01 53.94 -29.92
C ILE A 463 -16.98 54.96 -30.52
N THR A 464 -16.73 55.36 -31.77
CA THR A 464 -17.55 56.36 -32.46
C THR A 464 -18.76 55.70 -33.15
N LYS A 465 -19.67 56.51 -33.69
CA LYS A 465 -20.79 55.99 -34.47
C LYS A 465 -20.28 55.18 -35.66
N THR A 466 -19.35 55.78 -36.40
CA THR A 466 -18.63 55.05 -37.46
C THR A 466 -17.41 54.39 -36.85
N ASN A 467 -17.39 53.05 -36.90
CA ASN A 467 -16.29 52.26 -36.37
C ASN A 467 -16.07 50.96 -37.16
N LEU A 468 -15.00 50.24 -36.82
CA LEU A 468 -14.60 49.03 -37.54
C LEU A 468 -15.69 47.95 -37.58
N LEU A 469 -16.56 47.95 -36.58
CA LEU A 469 -17.57 46.90 -36.39
C LEU A 469 -18.77 46.99 -37.34
N GLN A 470 -18.88 48.11 -38.07
CA GLN A 470 -20.01 48.34 -38.99
C GLN A 470 -20.11 47.35 -40.14
N THR A 471 -18.97 46.80 -40.58
CA THR A 471 -18.94 45.92 -41.74
C THR A 471 -19.38 44.48 -41.42
N VAL A 472 -19.49 44.14 -40.14
CA VAL A 472 -19.80 42.77 -39.74
C VAL A 472 -21.20 42.63 -39.11
N GLY A 473 -22.21 43.09 -39.85
CA GLY A 473 -23.60 43.12 -39.37
C GLY A 473 -24.25 41.80 -38.97
N SER A 474 -23.59 40.68 -39.26
CA SER A 474 -24.09 39.35 -38.95
C SER A 474 -23.61 38.83 -37.59
N LEU A 475 -22.88 39.68 -36.87
CA LEU A 475 -22.23 39.33 -35.61
C LEU A 475 -23.21 39.00 -34.48
N GLU A 476 -22.92 37.94 -33.74
CA GLU A 476 -23.74 37.51 -32.61
C GLU A 476 -23.01 37.67 -31.27
N VAL A 477 -21.73 37.30 -31.27
CA VAL A 477 -20.90 37.38 -30.07
C VAL A 477 -19.84 38.46 -30.27
N LEU A 478 -19.70 39.33 -29.27
CA LEU A 478 -18.68 40.36 -29.28
C LEU A 478 -18.06 40.51 -27.90
N ILE A 479 -16.74 40.43 -27.85
CA ILE A 479 -16.00 40.60 -26.60
C ILE A 479 -15.07 41.82 -26.70
N LEU A 480 -15.44 42.86 -25.96
CA LEU A 480 -14.70 44.12 -25.90
C LEU A 480 -14.20 44.41 -24.48
N SER A 481 -13.92 43.35 -23.74
CA SER A 481 -13.42 43.49 -22.37
C SER A 481 -11.94 43.84 -22.34
N SER A 482 -11.52 44.48 -21.25
CA SER A 482 -10.12 44.90 -21.03
C SER A 482 -9.58 45.76 -22.17
N CYS A 483 -10.44 46.64 -22.71
CA CYS A 483 -10.07 47.50 -23.82
C CYS A 483 -9.76 48.95 -23.43
N GLY A 484 -9.81 49.25 -22.13
CA GLY A 484 -9.57 50.60 -21.62
C GLY A 484 -10.51 51.64 -22.19
N LEU A 485 -11.79 51.27 -22.32
CA LEU A 485 -12.82 52.13 -22.89
C LEU A 485 -13.40 53.06 -21.83
N LEU A 486 -13.73 54.28 -22.23
CA LEU A 486 -14.31 55.29 -21.35
C LEU A 486 -15.77 55.61 -21.71
N SER A 487 -16.09 55.51 -22.99
CA SER A 487 -17.45 55.76 -23.47
C SER A 487 -17.72 55.07 -24.80
N ILE A 488 -18.96 54.61 -24.96
CA ILE A 488 -19.42 54.07 -26.24
C ILE A 488 -20.53 54.97 -26.78
N ASP A 489 -20.37 55.41 -28.02
CA ASP A 489 -21.38 56.21 -28.71
C ASP A 489 -22.67 55.42 -28.82
N GLN A 490 -23.81 56.10 -28.65
CA GLN A 490 -25.11 55.43 -28.59
C GLN A 490 -25.54 54.76 -29.90
N GLN A 491 -24.85 55.07 -30.99
CA GLN A 491 -25.14 54.46 -32.29
C GLN A 491 -23.95 53.66 -32.85
N ALA A 492 -23.02 53.29 -31.96
CA ALA A 492 -21.82 52.53 -32.34
C ALA A 492 -22.12 51.08 -32.73
N PHE A 493 -23.23 50.54 -32.21
CA PHE A 493 -23.62 49.16 -32.52
C PHE A 493 -24.92 49.10 -33.32
N HIS A 494 -25.27 50.20 -33.99
CA HIS A 494 -26.54 50.31 -34.70
C HIS A 494 -26.73 49.28 -35.78
N SER A 495 -25.67 48.99 -36.53
CA SER A 495 -25.73 48.02 -37.62
C SER A 495 -25.38 46.59 -37.15
N LEU A 496 -25.54 46.35 -35.85
CA LEU A 496 -25.31 45.03 -35.26
C LEU A 496 -26.57 44.58 -34.50
N GLY A 497 -27.62 44.28 -35.24
CA GLY A 497 -28.92 43.92 -34.66
C GLY A 497 -29.18 42.44 -34.48
N LYS A 498 -28.11 41.65 -34.41
CA LYS A 498 -28.23 40.20 -34.24
C LYS A 498 -27.45 39.69 -33.02
N MET A 499 -26.82 40.60 -32.29
CA MET A 499 -25.96 40.25 -31.16
C MET A 499 -26.73 39.67 -29.98
N SER A 500 -26.20 38.59 -29.41
CA SER A 500 -26.79 37.93 -28.26
C SER A 500 -25.80 37.78 -27.09
N HIS A 501 -24.55 38.21 -27.31
CA HIS A 501 -23.51 38.11 -26.30
C HIS A 501 -22.60 39.30 -26.41
N VAL A 502 -22.67 40.20 -25.43
CA VAL A 502 -21.79 41.37 -25.38
C VAL A 502 -20.96 41.37 -24.08
N ASP A 503 -19.65 41.29 -24.23
CA ASP A 503 -18.76 41.38 -23.06
C ASP A 503 -18.05 42.73 -23.05
N LEU A 504 -18.35 43.54 -22.03
CA LEU A 504 -17.77 44.86 -21.87
C LEU A 504 -17.13 45.02 -20.49
N SER A 505 -16.71 43.91 -19.90
CA SER A 505 -16.12 43.89 -18.55
C SER A 505 -14.73 44.52 -18.51
N HIS A 506 -14.26 44.82 -17.30
CA HIS A 506 -12.91 45.34 -17.05
C HIS A 506 -12.53 46.57 -17.84
N ASN A 507 -13.44 47.53 -17.89
CA ASN A 507 -13.20 48.81 -18.55
C ASN A 507 -13.50 49.99 -17.60
N SER A 508 -13.64 51.19 -18.16
CA SER A 508 -13.98 52.37 -17.36
C SER A 508 -15.22 53.08 -17.88
N LEU A 509 -16.24 52.29 -18.24
CA LEU A 509 -17.48 52.82 -18.81
C LEU A 509 -18.46 53.30 -17.74
N THR A 510 -19.20 54.36 -18.07
CA THR A 510 -20.30 54.84 -17.22
C THR A 510 -21.65 54.40 -17.78
N CYS A 511 -22.73 54.74 -17.07
CA CYS A 511 -24.09 54.33 -17.44
C CYS A 511 -24.50 54.72 -18.87
N ASP A 512 -23.85 55.75 -19.42
CA ASP A 512 -24.14 56.23 -20.77
C ASP A 512 -23.80 55.23 -21.87
N SER A 513 -22.90 54.29 -21.55
CA SER A 513 -22.50 53.25 -22.51
C SER A 513 -23.64 52.25 -22.78
N ILE A 514 -24.55 52.11 -21.81
CA ILE A 514 -25.70 51.22 -21.92
C ILE A 514 -26.64 51.66 -23.04
N ASP A 515 -26.54 52.94 -23.44
CA ASP A 515 -27.33 53.51 -24.54
C ASP A 515 -27.16 52.76 -25.86
N SER A 516 -25.94 52.28 -26.10
CA SER A 516 -25.57 51.60 -27.34
C SER A 516 -26.20 50.20 -27.47
N LEU A 517 -26.90 49.77 -26.43
CA LEU A 517 -27.48 48.43 -26.39
C LEU A 517 -29.01 48.43 -26.46
N SER A 518 -29.60 49.60 -26.74
CA SER A 518 -31.06 49.79 -26.66
C SER A 518 -31.88 49.00 -27.67
N HIS A 519 -31.32 48.81 -28.87
CA HIS A 519 -31.99 48.06 -29.94
C HIS A 519 -31.82 46.57 -29.80
N LEU A 520 -31.01 46.14 -28.84
CA LEU A 520 -30.75 44.73 -28.59
C LEU A 520 -31.72 44.16 -27.57
N LYS A 521 -32.11 42.91 -27.77
CA LYS A 521 -32.97 42.18 -26.83
C LYS A 521 -32.44 40.78 -26.56
N GLY A 522 -32.68 40.28 -25.35
CA GLY A 522 -32.36 38.90 -24.96
C GLY A 522 -30.89 38.54 -24.98
N ILE A 523 -30.03 39.51 -24.68
CA ILE A 523 -28.58 39.31 -24.74
C ILE A 523 -27.99 38.93 -23.39
N TYR A 524 -26.79 38.32 -23.44
CA TYR A 524 -25.95 38.21 -22.27
C TYR A 524 -25.09 39.45 -22.24
N LEU A 525 -25.21 40.24 -21.19
CA LEU A 525 -24.46 41.48 -21.07
C LEU A 525 -23.57 41.47 -19.83
N ASN A 526 -22.28 41.55 -20.06
CA ASN A 526 -21.32 41.60 -18.98
C ASN A 526 -20.70 42.99 -18.86
N LEU A 527 -21.01 43.66 -17.75
CA LEU A 527 -20.54 45.01 -17.47
C LEU A 527 -19.76 45.07 -16.15
N ALA A 528 -19.23 43.92 -15.74
CA ALA A 528 -18.47 43.81 -14.49
C ALA A 528 -17.18 44.62 -14.51
N ALA A 529 -16.78 45.10 -13.33
CA ALA A 529 -15.54 45.87 -13.11
C ALA A 529 -15.42 47.11 -14.00
N ASN A 530 -16.43 47.97 -13.97
CA ASN A 530 -16.41 49.23 -14.72
C ASN A 530 -16.44 50.44 -13.79
N SER A 531 -16.89 51.58 -14.32
CA SER A 531 -17.02 52.80 -13.54
C SER A 531 -18.48 53.25 -13.44
N ILE A 532 -19.39 52.29 -13.40
CA ILE A 532 -20.83 52.56 -13.37
C ILE A 532 -21.27 53.01 -11.97
N ASN A 533 -21.80 54.23 -11.90
CA ASN A 533 -22.26 54.84 -10.66
C ASN A 533 -23.80 54.89 -10.59
N ILE A 534 -24.37 56.04 -10.95
CA ILE A 534 -25.82 56.18 -11.06
C ILE A 534 -26.27 55.63 -12.41
N ILE A 535 -27.28 54.76 -12.38
CA ILE A 535 -27.92 54.30 -13.61
C ILE A 535 -29.24 55.06 -13.80
N SER A 536 -29.29 55.88 -14.84
CA SER A 536 -30.47 56.67 -15.17
C SER A 536 -31.70 55.80 -15.40
N PRO A 537 -32.88 56.27 -14.95
CA PRO A 537 -34.13 55.51 -15.11
C PRO A 537 -34.51 55.21 -16.57
N ARG A 538 -33.90 55.91 -17.52
CA ARG A 538 -34.13 55.66 -18.94
C ARG A 538 -33.46 54.37 -19.44
N LEU A 539 -32.45 53.92 -18.69
CA LEU A 539 -31.63 52.77 -19.09
C LEU A 539 -32.20 51.42 -18.65
N LEU A 540 -33.12 51.46 -17.69
CA LEU A 540 -33.71 50.25 -17.13
C LEU A 540 -34.59 49.47 -18.12
N PRO A 541 -35.34 50.16 -19.01
CA PRO A 541 -35.99 49.44 -20.09
C PRO A 541 -35.01 48.69 -21.02
N ILE A 542 -33.80 49.24 -21.21
CA ILE A 542 -32.77 48.56 -21.98
C ILE A 542 -32.31 47.29 -21.27
N LEU A 543 -32.06 47.38 -19.97
CA LEU A 543 -31.62 46.24 -19.17
C LEU A 543 -32.71 45.16 -19.03
N SER A 544 -33.96 45.58 -18.91
CA SER A 544 -35.10 44.66 -18.80
C SER A 544 -35.33 43.82 -20.05
N GLN A 545 -34.87 44.32 -21.21
CA GLN A 545 -34.99 43.59 -22.46
C GLN A 545 -34.02 42.42 -22.57
N GLN A 546 -33.00 42.40 -21.71
CA GLN A 546 -31.94 41.40 -21.79
C GLN A 546 -32.18 40.19 -20.88
N SER A 547 -31.60 39.05 -21.26
CA SER A 547 -31.81 37.77 -20.61
C SER A 547 -30.98 37.62 -19.32
N THR A 548 -29.71 37.98 -19.39
CA THR A 548 -28.81 37.91 -18.23
C THR A 548 -27.79 39.03 -18.24
N ILE A 549 -27.60 39.65 -17.08
CA ILE A 549 -26.75 40.83 -16.93
C ILE A 549 -25.86 40.73 -15.69
N ASN A 550 -24.57 40.98 -15.89
CA ASN A 550 -23.62 41.05 -14.80
C ASN A 550 -23.24 42.49 -14.50
N LEU A 551 -23.18 42.83 -13.21
CA LEU A 551 -22.86 44.18 -12.78
C LEU A 551 -21.90 44.21 -11.59
N SER A 552 -21.15 43.12 -11.42
CA SER A 552 -20.25 42.95 -10.28
C SER A 552 -19.04 43.89 -10.33
N HIS A 553 -18.44 44.11 -9.16
CA HIS A 553 -17.24 44.95 -8.99
C HIS A 553 -17.37 46.36 -9.52
N ASN A 554 -18.57 46.93 -9.39
CA ASN A 554 -18.85 48.30 -9.85
C ASN A 554 -19.07 49.26 -8.69
N PRO A 555 -18.71 50.56 -8.87
CA PRO A 555 -18.88 51.57 -7.82
C PRO A 555 -20.26 52.25 -7.87
N LEU A 556 -21.29 51.45 -7.64
CA LEU A 556 -22.68 51.89 -7.80
C LEU A 556 -23.16 52.83 -6.68
N ASP A 557 -24.06 53.74 -7.06
CA ASP A 557 -24.67 54.68 -6.13
C ASP A 557 -25.83 54.01 -5.38
N CYS A 558 -25.75 54.01 -4.06
CA CYS A 558 -26.80 53.44 -3.20
C CYS A 558 -27.49 54.50 -2.35
N THR A 559 -27.80 55.65 -2.97
CA THR A 559 -28.52 56.74 -2.32
C THR A 559 -29.87 56.96 -3.02
N CYS A 560 -30.54 58.07 -2.69
CA CYS A 560 -31.86 58.41 -3.25
C CYS A 560 -31.84 58.78 -4.73
N SER A 561 -30.65 59.12 -5.25
CA SER A 561 -30.48 59.51 -6.64
C SER A 561 -30.50 58.33 -7.60
N ASN A 562 -30.24 57.14 -7.07
CA ASN A 562 -30.21 55.91 -7.86
C ASN A 562 -31.25 54.89 -7.36
N ILE A 563 -32.40 55.40 -6.91
CA ILE A 563 -33.45 54.57 -6.33
C ILE A 563 -34.12 53.65 -7.36
N HIS A 564 -34.39 54.18 -8.55
CA HIS A 564 -35.10 53.42 -9.59
C HIS A 564 -34.38 52.17 -10.00
N PHE A 565 -33.05 52.23 -10.06
CA PHE A 565 -32.22 51.06 -10.38
C PHE A 565 -32.19 50.04 -9.24
N LEU A 566 -32.13 50.54 -8.01
CA LEU A 566 -32.07 49.68 -6.82
C LEU A 566 -33.32 48.83 -6.62
N THR A 567 -34.49 49.39 -6.95
CA THR A 567 -35.74 48.63 -6.93
C THR A 567 -35.80 47.65 -8.10
N TRP A 568 -35.30 48.08 -9.26
CA TRP A 568 -35.24 47.22 -10.44
C TRP A 568 -34.36 46.02 -10.19
N TYR A 569 -33.27 46.25 -9.45
CA TYR A 569 -32.31 45.20 -9.12
C TYR A 569 -32.97 44.08 -8.31
N LYS A 570 -33.59 44.44 -7.20
CA LYS A 570 -34.22 43.48 -6.31
C LYS A 570 -35.39 42.75 -6.95
N GLU A 571 -35.94 43.33 -8.02
CA GLU A 571 -37.02 42.72 -8.78
C GLU A 571 -36.52 41.69 -9.79
N ASN A 572 -35.30 41.88 -10.29
CA ASN A 572 -34.77 41.09 -11.39
C ASN A 572 -33.56 40.21 -11.05
N LEU A 573 -33.68 39.46 -9.96
CA LEU A 573 -32.60 38.59 -9.50
C LEU A 573 -32.46 37.31 -10.35
N HIS A 574 -33.48 37.00 -11.14
CA HIS A 574 -33.42 35.86 -12.05
C HIS A 574 -32.60 36.18 -13.29
N LYS A 575 -32.35 37.47 -13.50
CA LYS A 575 -31.57 37.95 -14.65
C LYS A 575 -30.14 38.34 -14.28
N LEU A 576 -29.80 38.31 -13.00
CA LEU A 576 -28.51 38.86 -12.55
C LEU A 576 -27.42 37.82 -12.28
N GLU A 577 -26.34 37.92 -13.06
CA GLU A 577 -25.16 37.08 -12.87
C GLU A 577 -24.22 37.71 -11.84
N GLY A 578 -23.87 36.94 -10.82
CA GLY A 578 -23.00 37.41 -9.76
C GLY A 578 -23.64 38.45 -8.86
N SER A 579 -24.82 38.10 -8.32
CA SER A 579 -25.56 38.97 -7.40
C SER A 579 -24.87 39.10 -6.06
N GLU A 580 -24.40 37.98 -5.53
CA GLU A 580 -23.71 37.92 -4.24
C GLU A 580 -22.33 38.57 -4.27
N GLU A 581 -21.93 39.05 -5.46
CA GLU A 581 -20.61 39.64 -5.66
C GLU A 581 -20.70 41.13 -6.02
N THR A 582 -21.93 41.63 -6.15
CA THR A 582 -22.17 43.05 -6.44
C THR A 582 -22.22 43.85 -5.15
N THR A 583 -21.71 45.09 -5.20
CA THR A 583 -21.51 45.90 -4.00
C THR A 583 -21.78 47.40 -4.23
N CYS A 584 -22.04 48.12 -3.13
CA CYS A 584 -22.20 49.58 -3.16
C CYS A 584 -20.83 50.27 -3.11
N ALA A 585 -20.86 51.60 -3.24
CA ALA A 585 -19.66 52.43 -3.06
C ALA A 585 -19.93 53.46 -1.97
N ASN A 586 -21.13 54.05 -1.99
CA ASN A 586 -21.57 55.01 -1.00
C ASN A 586 -23.00 54.68 -0.55
N PRO A 587 -23.35 54.94 0.73
CA PRO A 587 -22.60 55.53 1.86
C PRO A 587 -21.36 54.75 2.28
N PRO A 588 -20.37 55.44 2.88
CA PRO A 588 -19.04 54.89 3.18
C PRO A 588 -19.02 53.67 4.11
N SER A 589 -19.92 53.65 5.10
CA SER A 589 -19.99 52.54 6.04
C SER A 589 -20.79 51.35 5.49
N LEU A 590 -21.71 51.65 4.57
CA LEU A 590 -22.58 50.63 3.97
C LEU A 590 -22.02 50.06 2.66
N ARG A 591 -20.79 50.45 2.34
CA ARG A 591 -20.07 49.90 1.19
C ARG A 591 -19.62 48.46 1.50
N GLY A 592 -19.87 47.56 0.57
CA GLY A 592 -19.50 46.15 0.74
C GLY A 592 -20.70 45.23 0.89
N VAL A 593 -21.89 45.82 0.99
CA VAL A 593 -23.13 45.08 1.18
C VAL A 593 -23.83 44.81 -0.15
N LYS A 594 -24.25 43.57 -0.35
CA LYS A 594 -24.94 43.11 -1.56
C LYS A 594 -26.20 43.93 -1.83
N LEU A 595 -26.38 44.33 -3.08
CA LEU A 595 -27.52 45.16 -3.50
C LEU A 595 -28.88 44.52 -3.24
N SER A 596 -28.89 43.21 -3.04
CA SER A 596 -30.10 42.48 -2.67
C SER A 596 -30.47 42.68 -1.19
N ASP A 597 -29.47 42.99 -0.37
CA ASP A 597 -29.66 43.24 1.05
C ASP A 597 -29.95 44.71 1.36
N VAL A 598 -29.47 45.60 0.50
CA VAL A 598 -29.61 47.05 0.68
C VAL A 598 -31.06 47.50 0.50
N LYS A 599 -31.60 48.19 1.50
CA LYS A 599 -32.95 48.73 1.44
C LYS A 599 -32.99 50.19 1.92
N LEU A 600 -33.54 51.05 1.07
CA LEU A 600 -33.61 52.50 1.33
C LEU A 600 -35.01 52.98 1.65
N SER A 601 -35.14 54.27 1.90
CA SER A 601 -36.43 54.88 2.21
C SER A 601 -36.60 56.18 1.41
N CYS A 602 -37.51 56.15 0.44
CA CYS A 602 -37.79 57.31 -0.41
C CYS A 602 -39.29 57.56 -0.58
N GLY A 603 -39.99 56.59 -1.17
CA GLY A 603 -41.42 56.69 -1.41
C GLY A 603 -41.89 55.91 -2.62
N GLN B 3 -4.55 6.56 30.54
CA GLN B 3 -4.21 6.37 31.98
C GLN B 3 -4.67 5.00 32.50
N MET B 4 -3.74 4.16 32.94
CA MET B 4 -2.30 4.46 32.91
C MET B 4 -1.47 3.32 32.32
N CYS B 5 -0.18 3.57 32.18
CA CYS B 5 0.75 2.62 31.58
C CYS B 5 1.09 1.48 32.53
N ILE B 6 1.36 0.30 31.97
CA ILE B 6 1.76 -0.87 32.75
C ILE B 6 3.27 -0.81 33.00
N GLU B 7 3.66 -0.93 34.27
CA GLU B 7 5.06 -0.93 34.67
C GLU B 7 5.62 -2.35 34.63
N LYS B 8 6.82 -2.50 34.07
CA LYS B 8 7.45 -3.81 33.93
C LYS B 8 8.86 -3.87 34.53
N GLU B 9 9.47 -2.69 34.72
CA GLU B 9 10.77 -2.57 35.38
C GLU B 9 10.92 -1.17 35.99
N ALA B 10 11.61 -1.09 37.13
CA ALA B 10 11.81 0.18 37.83
C ALA B 10 12.45 1.23 36.91
N ASN B 11 11.70 2.30 36.66
CA ASN B 11 12.14 3.44 35.84
C ASN B 11 12.65 3.08 34.44
N LYS B 12 12.40 1.85 33.99
CA LYS B 12 13.06 1.31 32.81
C LYS B 12 12.12 0.90 31.67
N THR B 13 11.19 -0.01 31.95
CA THR B 13 10.29 -0.58 30.93
C THR B 13 8.82 -0.28 31.23
N TYR B 14 8.13 0.28 30.24
CA TYR B 14 6.71 0.63 30.37
C TYR B 14 5.93 0.29 29.11
N ASN B 15 4.71 -0.20 29.29
CA ASN B 15 3.81 -0.52 28.19
C ASN B 15 2.61 0.43 28.18
N CYS B 16 2.43 1.15 27.09
CA CYS B 16 1.30 2.08 26.93
C CYS B 16 0.39 1.68 25.78
N GLU B 17 0.41 0.41 25.39
CA GLU B 17 -0.34 -0.07 24.25
C GLU B 17 -1.84 0.16 24.38
N ASN B 18 -2.47 0.53 23.27
CA ASN B 18 -3.93 0.67 23.16
C ASN B 18 -4.59 1.73 24.05
N LEU B 19 -3.82 2.69 24.53
CA LEU B 19 -4.34 3.71 25.44
C LEU B 19 -4.97 4.92 24.73
N GLY B 20 -4.80 5.00 23.41
CA GLY B 20 -5.33 6.09 22.60
C GLY B 20 -4.80 7.48 22.95
N LEU B 21 -3.52 7.53 23.31
CA LEU B 21 -2.88 8.77 23.78
C LEU B 21 -2.38 9.65 22.62
N SER B 22 -2.58 10.96 22.76
CA SER B 22 -2.12 11.94 21.77
C SER B 22 -0.67 12.39 22.02
N GLU B 23 -0.17 12.10 23.22
CA GLU B 23 1.18 12.50 23.61
C GLU B 23 1.76 11.51 24.62
N ILE B 24 3.05 11.69 24.94
CA ILE B 24 3.69 10.94 26.00
C ILE B 24 3.21 11.44 27.36
N PRO B 25 2.67 10.53 28.19
CA PRO B 25 2.23 10.86 29.54
C PRO B 25 3.35 11.54 30.33
N ASP B 26 3.02 12.64 31.02
CA ASP B 26 4.01 13.35 31.81
C ASP B 26 4.27 12.62 33.14
N THR B 27 3.58 11.51 33.35
CA THR B 27 3.74 10.66 34.53
C THR B 27 4.89 9.66 34.39
N LEU B 28 5.26 9.36 33.14
CA LEU B 28 6.36 8.44 32.85
C LEU B 28 7.72 9.05 33.20
N PRO B 29 8.55 8.31 33.93
CA PRO B 29 9.85 8.81 34.42
C PRO B 29 10.86 9.12 33.32
N ASN B 30 11.75 10.07 33.60
CA ASN B 30 12.76 10.56 32.66
C ASN B 30 13.72 9.50 32.13
N THR B 31 13.93 8.45 32.91
CA THR B 31 14.95 7.44 32.60
C THR B 31 14.40 6.20 31.85
N THR B 32 13.19 6.32 31.31
CA THR B 32 12.55 5.24 30.55
C THR B 32 13.39 4.86 29.32
N GLU B 33 13.73 3.58 29.24
CA GLU B 33 14.59 3.07 28.17
C GLU B 33 13.81 2.26 27.14
N PHE B 34 12.98 1.33 27.63
CA PHE B 34 12.11 0.52 26.77
C PHE B 34 10.67 1.04 26.86
N LEU B 35 10.14 1.49 25.73
CA LEU B 35 8.77 2.02 25.68
C LEU B 35 7.93 1.35 24.59
N GLU B 36 6.83 0.73 24.99
CA GLU B 36 5.85 0.17 24.06
C GLU B 36 4.67 1.13 23.90
N PHE B 37 4.67 1.88 22.80
CA PHE B 37 3.69 2.95 22.59
C PHE B 37 2.79 2.66 21.39
N SER B 38 2.68 1.40 21.01
CA SER B 38 1.93 1.01 19.82
C SER B 38 0.43 1.16 20.01
N PHE B 39 -0.27 1.40 18.91
CA PHE B 39 -1.73 1.59 18.88
C PHE B 39 -2.22 2.83 19.64
N ASN B 40 -1.42 3.89 19.62
CA ASN B 40 -1.84 5.18 20.15
C ASN B 40 -2.18 6.15 19.01
N PHE B 41 -2.07 7.46 19.24
CA PHE B 41 -2.51 8.43 18.25
C PHE B 41 -1.57 9.62 18.07
N LEU B 42 -0.62 9.46 17.15
CA LEU B 42 0.38 10.50 16.90
C LEU B 42 0.47 10.85 15.40
N PRO B 43 -0.50 11.64 14.89
CA PRO B 43 -0.53 12.02 13.47
C PRO B 43 0.76 12.68 13.00
N THR B 44 1.34 13.55 13.82
CA THR B 44 2.65 14.13 13.53
C THR B 44 3.55 14.01 14.76
N ILE B 45 4.78 13.56 14.54
CA ILE B 45 5.80 13.55 15.59
C ILE B 45 6.93 14.51 15.23
N HIS B 46 7.40 15.25 16.23
CA HIS B 46 8.36 16.33 15.99
C HIS B 46 9.42 16.43 17.06
N ASN B 47 10.17 17.53 17.04
CA ASN B 47 11.30 17.73 17.95
C ASN B 47 10.93 17.88 19.42
N ARG B 48 9.63 17.81 19.72
CA ARG B 48 9.12 18.02 21.08
C ARG B 48 8.38 16.80 21.66
N THR B 49 7.89 15.93 20.78
CA THR B 49 7.03 14.80 21.19
C THR B 49 7.68 13.83 22.18
N PHE B 50 8.89 13.38 21.90
CA PHE B 50 9.61 12.45 22.79
C PHE B 50 10.74 13.12 23.57
N SER B 51 10.95 14.41 23.31
CA SER B 51 12.11 15.17 23.80
C SER B 51 12.47 15.01 25.29
N ARG B 52 11.48 14.76 26.14
CA ARG B 52 11.72 14.64 27.57
C ARG B 52 12.21 13.25 28.02
N LEU B 53 12.01 12.24 27.17
CA LEU B 53 12.53 10.90 27.43
C LEU B 53 13.82 10.68 26.65
N MET B 54 14.87 11.39 27.05
CA MET B 54 16.14 11.43 26.34
C MET B 54 16.91 10.09 26.32
N ASN B 55 16.64 9.23 27.30
CA ASN B 55 17.35 7.97 27.46
C ASN B 55 16.72 6.75 26.78
N LEU B 56 15.76 6.98 25.88
CA LEU B 56 15.11 5.90 25.15
C LEU B 56 16.08 5.07 24.32
N THR B 57 15.90 3.76 24.35
CA THR B 57 16.73 2.82 23.58
C THR B 57 15.86 2.01 22.62
N PHE B 58 14.63 1.73 23.04
CA PHE B 58 13.67 0.98 22.24
C PHE B 58 12.36 1.76 22.13
N LEU B 59 11.99 2.12 20.90
CA LEU B 59 10.72 2.81 20.67
C LEU B 59 9.85 2.06 19.67
N ASP B 60 8.68 1.62 20.14
CA ASP B 60 7.70 0.95 19.30
C ASP B 60 6.51 1.89 19.06
N LEU B 61 6.38 2.36 17.83
CA LEU B 61 5.34 3.31 17.44
C LEU B 61 4.36 2.71 16.44
N THR B 62 4.18 1.39 16.52
CA THR B 62 3.31 0.63 15.62
C THR B 62 1.86 1.11 15.60
N ARG B 63 1.34 1.34 14.40
CA ARG B 63 -0.07 1.69 14.19
C ARG B 63 -0.49 2.91 15.00
N CYS B 64 0.37 3.94 15.03
CA CYS B 64 0.06 5.16 15.77
C CYS B 64 -0.57 6.22 14.89
N GLN B 65 -0.88 5.83 13.65
CA GLN B 65 -1.43 6.72 12.63
C GLN B 65 -0.54 7.92 12.34
N ILE B 66 0.77 7.66 12.25
CA ILE B 66 1.74 8.71 11.97
C ILE B 66 1.75 9.05 10.48
N ASN B 67 1.61 10.34 10.19
CA ASN B 67 1.67 10.87 8.83
C ASN B 67 2.96 11.62 8.57
N TRP B 68 3.44 12.35 9.59
CA TRP B 68 4.62 13.19 9.45
C TRP B 68 5.62 12.91 10.52
N ILE B 69 6.88 12.76 10.10
CA ILE B 69 8.00 12.74 11.02
C ILE B 69 8.87 13.92 10.62
N HIS B 70 8.82 14.97 11.43
CA HIS B 70 9.44 16.26 11.10
C HIS B 70 10.90 16.33 11.45
N GLU B 71 11.52 17.47 11.13
CA GLU B 71 12.96 17.68 11.30
C GLU B 71 13.41 17.55 12.76
N ASP B 72 14.52 16.84 12.96
CA ASP B 72 15.17 16.70 14.27
C ASP B 72 14.25 16.11 15.35
N THR B 73 13.44 15.12 14.95
CA THR B 73 12.53 14.45 15.89
C THR B 73 13.31 13.69 16.97
N PHE B 74 14.39 13.01 16.58
CA PHE B 74 15.15 12.17 17.49
C PHE B 74 16.53 12.73 17.81
N GLN B 75 16.70 14.04 17.67
CA GLN B 75 17.99 14.71 17.90
C GLN B 75 18.55 14.48 19.31
N SER B 76 17.67 14.50 20.31
CA SER B 76 18.05 14.37 21.71
C SER B 76 18.34 12.92 22.10
N HIS B 77 17.78 11.99 21.34
CA HIS B 77 17.82 10.56 21.69
C HIS B 77 19.05 9.88 21.17
N HIS B 78 20.19 10.15 21.82
CA HIS B 78 21.48 9.61 21.38
C HIS B 78 21.64 8.13 21.61
N GLN B 79 20.82 7.57 22.50
CA GLN B 79 20.93 6.15 22.86
C GLN B 79 19.86 5.25 22.20
N LEU B 80 19.07 5.80 21.31
CA LEU B 80 18.04 5.03 20.58
C LEU B 80 18.67 3.98 19.67
N SER B 81 18.28 2.73 19.88
CA SER B 81 18.81 1.61 19.11
C SER B 81 17.76 0.98 18.18
N THR B 82 16.50 0.99 18.60
CA THR B 82 15.42 0.35 17.84
C THR B 82 14.20 1.27 17.66
N LEU B 83 13.82 1.48 16.40
CA LEU B 83 12.63 2.26 16.06
C LEU B 83 11.64 1.42 15.24
N VAL B 84 10.43 1.24 15.75
CA VAL B 84 9.39 0.48 15.06
C VAL B 84 8.28 1.41 14.58
N LEU B 85 8.18 1.57 13.26
CA LEU B 85 7.17 2.44 12.66
C LEU B 85 6.16 1.68 11.80
N THR B 86 6.16 0.36 11.93
CA THR B 86 5.26 -0.54 11.17
C THR B 86 3.81 -0.08 11.17
N GLY B 87 3.18 -0.10 9.99
CA GLY B 87 1.74 0.15 9.87
C GLY B 87 1.30 1.59 10.09
N ASN B 88 2.21 2.53 9.83
CA ASN B 88 1.90 3.93 9.89
C ASN B 88 1.76 4.50 8.48
N PRO B 89 0.66 5.24 8.22
CA PRO B 89 0.40 5.87 6.91
C PRO B 89 1.33 7.07 6.65
N LEU B 90 2.63 6.81 6.63
CA LEU B 90 3.64 7.87 6.52
C LEU B 90 3.65 8.54 5.15
N ILE B 91 3.39 9.84 5.14
CA ILE B 91 3.37 10.63 3.92
C ILE B 91 4.77 11.12 3.57
N PHE B 92 5.50 11.63 4.57
CA PHE B 92 6.83 12.18 4.37
C PHE B 92 7.68 12.14 5.64
N MET B 93 8.95 11.78 5.48
CA MET B 93 9.93 11.84 6.55
C MET B 93 10.95 12.93 6.22
N ALA B 94 11.20 13.81 7.18
CA ALA B 94 12.17 14.89 7.00
C ALA B 94 13.59 14.34 6.85
N GLU B 95 14.47 15.14 6.26
CA GLU B 95 15.83 14.71 5.96
C GLU B 95 16.66 14.46 7.22
N THR B 96 16.36 15.20 8.28
CA THR B 96 17.09 15.09 9.55
C THR B 96 16.22 14.44 10.63
N SER B 97 15.13 13.81 10.21
CA SER B 97 14.15 13.20 11.12
C SER B 97 14.71 12.03 11.95
N LEU B 98 15.77 11.38 11.45
CA LEU B 98 16.37 10.25 12.17
C LEU B 98 17.78 10.53 12.69
N ASN B 99 18.26 11.77 12.51
CA ASN B 99 19.51 12.23 13.10
C ASN B 99 19.41 12.34 14.63
N GLY B 100 20.48 11.98 15.33
CA GLY B 100 20.51 12.05 16.78
C GLY B 100 21.09 10.83 17.46
N PRO B 101 20.46 9.65 17.30
CA PRO B 101 20.99 8.40 17.85
C PRO B 101 22.40 8.10 17.37
N LYS B 102 23.30 7.83 18.31
CA LYS B 102 24.71 7.55 18.03
C LYS B 102 24.89 6.24 17.29
N SER B 103 24.04 5.28 17.61
CA SER B 103 24.05 3.99 16.94
C SER B 103 22.63 3.44 16.84
N LEU B 104 21.91 3.87 15.81
CA LEU B 104 20.60 3.31 15.48
C LEU B 104 20.80 2.00 14.73
N LYS B 105 20.40 0.90 15.36
CA LYS B 105 20.68 -0.43 14.85
C LYS B 105 19.51 -1.06 14.08
N HIS B 106 18.29 -0.86 14.58
CA HIS B 106 17.12 -1.55 14.02
C HIS B 106 16.01 -0.63 13.62
N LEU B 107 15.64 -0.70 12.34
CA LEU B 107 14.57 0.15 11.79
C LEU B 107 13.47 -0.67 11.09
N PHE B 108 12.23 -0.53 11.57
CA PHE B 108 11.07 -1.26 11.05
C PHE B 108 10.13 -0.32 10.31
N LEU B 109 10.12 -0.41 8.97
CA LEU B 109 9.25 0.43 8.14
C LEU B 109 8.23 -0.40 7.36
N ILE B 110 7.74 -1.46 8.00
CA ILE B 110 6.83 -2.41 7.37
C ILE B 110 5.43 -1.82 7.16
N GLN B 111 4.89 -2.04 5.96
CA GLN B 111 3.57 -1.56 5.57
C GLN B 111 3.37 -0.08 5.93
N THR B 112 4.20 0.77 5.32
CA THR B 112 4.11 2.21 5.53
C THR B 112 3.79 2.95 4.22
N GLY B 113 3.44 2.18 3.19
CA GLY B 113 3.03 2.72 1.90
C GLY B 113 4.17 3.16 1.01
N ILE B 114 5.41 2.82 1.39
CA ILE B 114 6.61 3.22 0.66
C ILE B 114 6.63 2.66 -0.77
N SER B 115 6.76 3.55 -1.74
CA SER B 115 6.81 3.16 -3.15
C SER B 115 8.18 3.44 -3.77
N ASN B 116 8.91 4.39 -3.20
CA ASN B 116 10.25 4.71 -3.65
C ASN B 116 11.21 4.57 -2.48
N LEU B 117 12.33 3.86 -2.70
CA LEU B 117 13.35 3.67 -1.66
C LEU B 117 14.04 4.96 -1.23
N GLU B 118 13.85 6.01 -2.03
CA GLU B 118 14.36 7.34 -1.74
C GLU B 118 13.63 7.98 -0.56
N PHE B 119 12.50 7.38 -0.17
CA PHE B 119 11.67 7.85 0.96
C PHE B 119 12.44 7.86 2.29
N ILE B 120 13.34 6.89 2.46
CA ILE B 120 14.09 6.72 3.70
C ILE B 120 15.22 7.74 3.82
N PRO B 121 15.24 8.53 4.91
CA PRO B 121 16.31 9.51 5.18
C PRO B 121 17.65 8.81 5.40
N VAL B 122 18.62 9.14 4.55
CA VAL B 122 19.84 8.35 4.39
C VAL B 122 20.95 8.57 5.43
N HIS B 123 21.20 9.83 5.77
CA HIS B 123 22.44 10.17 6.50
C HIS B 123 22.48 9.94 8.00
N ASN B 124 21.77 8.91 8.47
CA ASN B 124 22.00 8.37 9.81
C ASN B 124 21.71 6.87 9.88
N LEU B 125 21.94 6.20 8.76
CA LEU B 125 21.69 4.77 8.65
C LEU B 125 22.99 3.96 8.61
N GLU B 126 24.09 4.60 9.02
CA GLU B 126 25.42 3.99 8.97
C GLU B 126 25.59 2.80 9.92
N ASN B 127 24.95 2.87 11.07
CA ASN B 127 25.07 1.83 12.09
C ASN B 127 23.97 0.75 12.01
N LEU B 128 23.09 0.90 11.01
CA LEU B 128 21.94 0.04 10.84
C LEU B 128 22.30 -1.43 10.62
N GLU B 129 21.77 -2.29 11.49
CA GLU B 129 21.98 -3.72 11.41
C GLU B 129 20.78 -4.42 10.78
N SER B 130 19.59 -3.87 11.00
CA SER B 130 18.35 -4.42 10.43
C SER B 130 17.51 -3.37 9.74
N LEU B 131 17.16 -3.64 8.48
CA LEU B 131 16.17 -2.82 7.77
C LEU B 131 14.99 -3.72 7.36
N TYR B 132 13.81 -3.39 7.87
CA TYR B 132 12.59 -4.13 7.53
C TYR B 132 11.66 -3.27 6.67
N LEU B 133 11.53 -3.64 5.40
CA LEU B 133 10.76 -2.86 4.43
C LEU B 133 9.62 -3.64 3.79
N GLY B 134 9.09 -4.62 4.52
CA GLY B 134 8.06 -5.51 3.99
C GLY B 134 6.70 -4.88 3.79
N SER B 135 5.88 -5.52 2.95
CA SER B 135 4.47 -5.15 2.74
C SER B 135 4.24 -3.71 2.27
N ASN B 136 5.19 -3.20 1.49
CA ASN B 136 5.07 -1.87 0.90
C ASN B 136 4.79 -1.96 -0.62
N HIS B 137 5.02 -0.86 -1.34
CA HIS B 137 4.85 -0.82 -2.79
C HIS B 137 6.18 -0.85 -3.50
N ILE B 138 7.06 -1.75 -3.07
CA ILE B 138 8.41 -1.83 -3.62
C ILE B 138 8.53 -2.91 -4.69
N SER B 139 8.89 -2.50 -5.91
CA SER B 139 9.15 -3.44 -7.00
C SER B 139 10.63 -3.51 -7.38
N SER B 140 11.41 -2.53 -6.92
CA SER B 140 12.86 -2.53 -7.16
C SER B 140 13.64 -2.35 -5.86
N ILE B 141 14.66 -3.18 -5.68
CA ILE B 141 15.50 -3.14 -4.47
C ILE B 141 16.67 -2.16 -4.60
N LYS B 142 16.75 -1.49 -5.74
CA LYS B 142 17.80 -0.49 -5.99
C LYS B 142 17.69 0.64 -4.98
N PHE B 143 18.69 0.72 -4.11
CA PHE B 143 18.78 1.81 -3.14
C PHE B 143 19.44 3.01 -3.78
N PRO B 144 19.13 4.23 -3.26
CA PRO B 144 19.86 5.41 -3.73
C PRO B 144 21.34 5.33 -3.32
N LYS B 145 22.18 6.07 -4.03
CA LYS B 145 23.60 6.14 -3.69
C LYS B 145 23.75 7.02 -2.46
N ASP B 146 24.76 6.73 -1.64
CA ASP B 146 24.98 7.41 -0.36
C ASP B 146 24.40 6.60 0.80
N PHE B 147 23.55 5.63 0.47
CA PHE B 147 22.94 4.73 1.46
C PHE B 147 23.95 3.67 1.91
N PRO B 148 24.28 3.66 3.21
CA PRO B 148 25.27 2.73 3.78
C PRO B 148 24.71 1.33 4.04
N ALA B 149 25.53 0.32 3.78
CA ALA B 149 25.14 -1.08 3.96
C ALA B 149 26.23 -1.94 4.63
N ARG B 150 27.30 -1.30 5.09
CA ARG B 150 28.45 -2.02 5.68
C ARG B 150 28.15 -2.75 7.00
N ASN B 151 27.27 -2.19 7.83
CA ASN B 151 26.86 -2.82 9.08
C ASN B 151 25.57 -3.64 8.96
N LEU B 152 24.97 -3.65 7.78
CA LEU B 152 23.65 -4.27 7.55
C LEU B 152 23.72 -5.79 7.52
N LYS B 153 22.91 -6.44 8.36
CA LYS B 153 22.91 -7.91 8.46
C LYS B 153 21.58 -8.57 8.11
N VAL B 154 20.50 -7.80 8.22
CA VAL B 154 19.14 -8.26 7.87
C VAL B 154 18.46 -7.24 6.97
N LEU B 155 18.13 -7.66 5.76
CA LEU B 155 17.37 -6.81 4.84
C LEU B 155 16.11 -7.57 4.40
N ASP B 156 14.96 -7.10 4.87
CA ASP B 156 13.71 -7.83 4.67
C ASP B 156 12.75 -7.13 3.71
N PHE B 157 12.43 -7.82 2.61
CA PHE B 157 11.51 -7.32 1.60
C PHE B 157 10.27 -8.19 1.48
N GLN B 158 9.89 -8.85 2.57
CA GLN B 158 8.77 -9.79 2.56
C GLN B 158 7.47 -9.12 2.07
N ASN B 159 6.74 -9.84 1.22
CA ASN B 159 5.45 -9.38 0.73
C ASN B 159 5.47 -8.04 -0.02
N ASN B 160 6.41 -7.92 -0.96
CA ASN B 160 6.45 -6.79 -1.86
C ASN B 160 6.19 -7.27 -3.28
N ALA B 161 6.48 -6.44 -4.28
CA ALA B 161 6.22 -6.81 -5.66
C ALA B 161 7.48 -6.80 -6.53
N ILE B 162 8.57 -7.32 -5.98
CA ILE B 162 9.83 -7.44 -6.70
C ILE B 162 9.76 -8.61 -7.69
N HIS B 163 9.84 -8.29 -8.98
CA HIS B 163 9.79 -9.28 -10.05
C HIS B 163 11.13 -9.51 -10.70
N TYR B 164 11.99 -8.50 -10.68
CA TYR B 164 13.29 -8.58 -11.34
C TYR B 164 14.41 -8.03 -10.44
N ILE B 165 15.57 -8.70 -10.47
CA ILE B 165 16.74 -8.26 -9.71
C ILE B 165 17.93 -8.10 -10.66
N SER B 166 18.44 -6.88 -10.76
CA SER B 166 19.53 -6.58 -11.69
C SER B 166 20.87 -6.45 -10.98
N ARG B 167 21.94 -6.27 -11.76
CA ARG B 167 23.29 -6.04 -11.24
C ARG B 167 23.35 -4.75 -10.42
N GLU B 168 22.80 -3.68 -10.97
CA GLU B 168 22.82 -2.36 -10.34
C GLU B 168 21.95 -2.35 -9.08
N ASP B 169 20.88 -3.13 -9.10
CA ASP B 169 20.05 -3.36 -7.92
C ASP B 169 20.89 -3.90 -6.77
N MET B 170 21.74 -4.88 -7.08
CA MET B 170 22.56 -5.56 -6.08
C MET B 170 23.83 -4.80 -5.70
N ARG B 171 24.36 -4.00 -6.62
CA ARG B 171 25.57 -3.21 -6.38
C ARG B 171 25.43 -2.26 -5.19
N SER B 172 24.20 -1.78 -4.95
CA SER B 172 23.93 -0.92 -3.80
C SER B 172 24.07 -1.68 -2.47
N LEU B 173 24.48 -2.96 -2.56
CA LEU B 173 24.63 -3.82 -1.38
C LEU B 173 26.00 -4.51 -1.30
N GLU B 174 26.95 -4.08 -2.14
CA GLU B 174 28.28 -4.68 -2.23
C GLU B 174 29.11 -4.52 -0.96
N GLN B 175 28.84 -3.46 -0.20
CA GLN B 175 29.53 -3.20 1.06
C GLN B 175 29.19 -4.22 2.15
N ALA B 176 28.02 -4.86 2.02
CA ALA B 176 27.56 -5.84 3.02
C ALA B 176 28.20 -7.22 2.86
N ILE B 177 28.46 -7.85 4.01
CA ILE B 177 28.86 -9.27 4.05
C ILE B 177 28.02 -9.99 5.09
N ASN B 178 27.80 -11.29 4.87
CA ASN B 178 26.92 -12.11 5.72
C ASN B 178 25.53 -11.49 5.86
N LEU B 179 24.99 -11.04 4.74
CA LEU B 179 23.69 -10.39 4.70
C LEU B 179 22.58 -11.42 4.61
N SER B 180 21.52 -11.20 5.37
CA SER B 180 20.30 -11.98 5.21
C SER B 180 19.28 -11.17 4.43
N LEU B 181 19.00 -11.63 3.21
CA LEU B 181 17.96 -11.02 2.37
C LEU B 181 16.71 -11.88 2.35
N ASN B 182 15.56 -11.26 2.63
CA ASN B 182 14.29 -11.96 2.60
C ASN B 182 13.39 -11.46 1.47
N PHE B 183 13.19 -12.31 0.46
CA PHE B 183 12.29 -12.01 -0.65
C PHE B 183 11.03 -12.87 -0.59
N ASN B 184 10.69 -13.35 0.60
CA ASN B 184 9.48 -14.16 0.81
C ASN B 184 8.21 -13.41 0.42
N GLY B 185 7.34 -14.07 -0.34
CA GLY B 185 6.05 -13.49 -0.74
C GLY B 185 6.11 -12.53 -1.91
N ASN B 186 7.17 -12.64 -2.71
CA ASN B 186 7.33 -11.85 -3.93
C ASN B 186 7.06 -12.69 -5.19
N ASN B 187 7.39 -12.13 -6.35
CA ASN B 187 7.07 -12.78 -7.62
C ASN B 187 8.25 -12.65 -8.59
N VAL B 188 9.41 -13.13 -8.17
CA VAL B 188 10.63 -13.02 -8.97
C VAL B 188 10.55 -13.95 -10.18
N LYS B 189 10.49 -13.34 -11.35
CA LYS B 189 10.35 -14.08 -12.60
C LYS B 189 11.60 -13.93 -13.47
N GLY B 190 12.54 -13.11 -13.03
CA GLY B 190 13.78 -12.87 -13.75
C GLY B 190 14.86 -12.32 -12.84
N ILE B 191 16.09 -12.78 -13.06
CA ILE B 191 17.27 -12.26 -12.36
C ILE B 191 18.40 -12.11 -13.38
N GLU B 192 19.03 -10.93 -13.40
CA GLU B 192 20.18 -10.69 -14.25
C GLU B 192 21.26 -11.72 -13.90
N LEU B 193 21.81 -12.37 -14.93
CA LEU B 193 22.71 -13.50 -14.73
C LEU B 193 23.99 -13.07 -14.03
N GLY B 194 24.19 -13.63 -12.83
CA GLY B 194 25.32 -13.27 -11.98
C GLY B 194 25.14 -11.93 -11.28
N ALA B 195 23.95 -11.71 -10.74
CA ALA B 195 23.66 -10.49 -9.99
C ALA B 195 24.20 -10.61 -8.57
N PHE B 196 24.25 -11.84 -8.07
CA PHE B 196 24.67 -12.14 -6.71
C PHE B 196 26.14 -12.57 -6.65
N ASP B 197 26.93 -12.11 -7.62
CA ASP B 197 28.34 -12.51 -7.74
C ASP B 197 29.24 -12.04 -6.59
N SER B 198 30.08 -12.95 -6.12
CA SER B 198 31.06 -12.70 -5.05
C SER B 198 30.51 -12.07 -3.75
N THR B 199 29.19 -11.83 -3.71
CA THR B 199 28.53 -11.33 -2.50
C THR B 199 28.28 -12.50 -1.57
N ILE B 200 28.67 -12.33 -0.30
CA ILE B 200 28.53 -13.40 0.69
C ILE B 200 27.28 -13.16 1.55
N PHE B 201 26.33 -14.09 1.46
CA PHE B 201 25.07 -14.00 2.18
C PHE B 201 24.98 -14.97 3.35
N GLN B 202 24.29 -14.54 4.41
CA GLN B 202 23.93 -15.43 5.50
C GLN B 202 22.72 -16.27 5.09
N SER B 203 21.59 -15.59 4.82
CA SER B 203 20.37 -16.25 4.36
C SER B 203 19.77 -15.60 3.13
N LEU B 204 19.28 -16.43 2.21
CA LEU B 204 18.44 -15.95 1.12
C LEU B 204 17.11 -16.69 1.20
N ASN B 205 16.02 -15.94 1.23
CA ASN B 205 14.68 -16.52 1.27
C ASN B 205 13.90 -16.13 0.03
N PHE B 206 13.51 -17.13 -0.76
CA PHE B 206 12.65 -16.89 -1.92
C PHE B 206 11.33 -17.64 -1.78
N GLY B 207 10.77 -17.63 -0.57
CA GLY B 207 9.52 -18.33 -0.28
C GLY B 207 8.39 -17.92 -1.20
N GLY B 208 7.72 -18.93 -1.77
CA GLY B 208 6.59 -18.72 -2.66
C GLY B 208 6.98 -18.24 -4.06
N THR B 209 8.26 -18.36 -4.39
CA THR B 209 8.77 -17.90 -5.68
C THR B 209 8.19 -18.75 -6.82
N PRO B 210 7.75 -18.10 -7.91
CA PRO B 210 7.03 -18.80 -8.99
C PRO B 210 7.85 -19.86 -9.72
N ASN B 211 9.13 -19.56 -10.01
CA ASN B 211 9.99 -20.44 -10.77
C ASN B 211 11.32 -20.68 -10.05
N LEU B 212 11.56 -21.93 -9.66
CA LEU B 212 12.81 -22.30 -8.98
C LEU B 212 14.03 -22.18 -9.88
N SER B 213 13.85 -22.47 -11.17
CA SER B 213 14.91 -22.38 -12.18
C SER B 213 15.54 -20.99 -12.20
N VAL B 214 14.69 -19.97 -12.30
CA VAL B 214 15.10 -18.56 -12.30
C VAL B 214 16.01 -18.23 -11.12
N ILE B 215 15.64 -18.70 -9.93
CA ILE B 215 16.43 -18.48 -8.72
C ILE B 215 17.79 -19.17 -8.78
N PHE B 216 17.78 -20.46 -9.15
CA PHE B 216 19.03 -21.25 -9.23
C PHE B 216 19.99 -20.68 -10.27
N ASN B 217 19.48 -20.43 -11.48
CA ASN B 217 20.28 -19.85 -12.56
C ASN B 217 20.82 -18.49 -12.18
N GLY B 218 19.96 -17.66 -11.58
CA GLY B 218 20.34 -16.31 -11.17
C GLY B 218 21.29 -16.25 -10.00
N LEU B 219 21.34 -17.32 -9.20
CA LEU B 219 22.25 -17.40 -8.06
C LEU B 219 23.61 -18.02 -8.41
N GLN B 220 23.91 -18.10 -9.70
CA GLN B 220 25.19 -18.61 -10.18
C GLN B 220 26.37 -17.84 -9.59
N ASN B 221 27.39 -18.58 -9.15
CA ASN B 221 28.63 -18.01 -8.61
C ASN B 221 28.47 -17.25 -7.28
N SER B 222 27.37 -17.50 -6.58
CA SER B 222 27.08 -16.86 -5.30
C SER B 222 27.39 -17.74 -4.09
N THR B 223 27.59 -17.12 -2.94
CA THR B 223 27.90 -17.81 -1.70
C THR B 223 26.92 -17.47 -0.59
N THR B 224 26.11 -18.45 -0.17
CA THR B 224 25.20 -18.27 0.95
C THR B 224 25.20 -19.49 1.88
N GLN B 225 24.99 -19.26 3.17
CA GLN B 225 24.90 -20.34 4.14
C GLN B 225 23.57 -21.06 4.00
N SER B 226 22.48 -20.29 4.01
CA SER B 226 21.14 -20.82 4.02
C SER B 226 20.33 -20.34 2.83
N LEU B 227 19.62 -21.26 2.18
CA LEU B 227 18.72 -20.92 1.07
C LEU B 227 17.35 -21.53 1.31
N TRP B 228 16.36 -20.66 1.48
CA TRP B 228 14.99 -21.08 1.74
C TRP B 228 14.16 -20.93 0.51
N LEU B 229 13.81 -22.05 -0.11
CA LEU B 229 13.02 -22.05 -1.34
C LEU B 229 11.72 -22.82 -1.22
N GLY B 230 11.15 -22.84 -0.02
CA GLY B 230 9.88 -23.53 0.21
C GLY B 230 8.69 -22.79 -0.36
N THR B 231 7.64 -23.54 -0.68
CA THR B 231 6.37 -22.95 -1.05
C THR B 231 5.36 -23.17 0.08
N PHE B 232 4.07 -22.92 -0.18
CA PHE B 232 3.05 -22.99 0.86
C PHE B 232 1.80 -23.71 0.36
N GLU B 233 0.94 -24.08 1.31
CA GLU B 233 -0.33 -24.76 1.03
C GLU B 233 -1.25 -23.96 0.11
N ASP B 234 -1.20 -22.63 0.21
CA ASP B 234 -2.08 -21.74 -0.55
C ASP B 234 -1.51 -21.30 -1.91
N ILE B 235 -0.29 -21.73 -2.22
CA ILE B 235 0.37 -21.36 -3.48
C ILE B 235 0.46 -22.58 -4.40
N ASP B 236 0.02 -22.42 -5.64
CA ASP B 236 0.17 -23.48 -6.64
C ASP B 236 1.54 -23.42 -7.31
N ASP B 237 2.20 -24.56 -7.37
CA ASP B 237 3.54 -24.66 -7.94
C ASP B 237 3.62 -25.77 -8.97
N GLU B 238 4.56 -25.63 -9.89
CA GLU B 238 4.86 -26.69 -10.82
C GLU B 238 5.81 -27.68 -10.16
N ASP B 239 5.69 -28.95 -10.53
CA ASP B 239 6.51 -30.01 -9.95
C ASP B 239 8.00 -29.81 -10.24
N ILE B 240 8.82 -30.16 -9.26
CA ILE B 240 10.27 -29.95 -9.34
C ILE B 240 10.93 -31.09 -10.11
N SER B 241 11.42 -30.78 -11.31
CA SER B 241 12.21 -31.72 -12.09
C SER B 241 13.69 -31.55 -11.76
N SER B 242 14.48 -32.58 -12.01
CA SER B 242 15.93 -32.55 -11.74
C SER B 242 16.62 -31.51 -12.61
N ALA B 243 16.05 -31.26 -13.80
CA ALA B 243 16.54 -30.21 -14.70
C ALA B 243 16.45 -28.81 -14.08
N MET B 244 15.52 -28.62 -13.16
CA MET B 244 15.39 -27.34 -12.45
C MET B 244 16.50 -27.16 -11.41
N LEU B 245 17.00 -28.29 -10.90
CA LEU B 245 17.95 -28.28 -9.78
C LEU B 245 19.43 -28.26 -10.22
N LYS B 246 19.66 -28.18 -11.52
CA LYS B 246 21.02 -28.19 -12.09
C LYS B 246 21.90 -27.04 -11.60
N GLY B 247 21.31 -25.84 -11.51
CA GLY B 247 22.02 -24.63 -11.13
C GLY B 247 22.74 -24.68 -9.79
N LEU B 248 22.39 -25.68 -8.98
CA LEU B 248 23.02 -25.86 -7.66
C LEU B 248 24.51 -26.18 -7.72
N CYS B 249 24.94 -26.81 -8.82
CA CYS B 249 26.36 -27.13 -9.04
C CYS B 249 27.21 -25.88 -9.23
N GLU B 250 26.59 -24.81 -9.72
CA GLU B 250 27.25 -23.53 -9.94
C GLU B 250 27.10 -22.60 -8.73
N MET B 251 26.82 -23.19 -7.57
CA MET B 251 26.50 -22.42 -6.36
C MET B 251 27.27 -22.90 -5.14
N SER B 252 27.44 -22.02 -4.17
CA SER B 252 27.98 -22.37 -2.87
C SER B 252 26.85 -22.31 -1.84
N VAL B 253 26.30 -23.47 -1.50
CA VAL B 253 25.17 -23.57 -0.57
C VAL B 253 25.47 -24.56 0.55
N GLU B 254 25.10 -24.19 1.77
CA GLU B 254 25.33 -25.04 2.94
C GLU B 254 24.04 -25.74 3.40
N SER B 255 22.93 -25.00 3.40
CA SER B 255 21.63 -25.52 3.86
C SER B 255 20.51 -25.11 2.91
N LEU B 256 19.62 -26.06 2.60
CA LEU B 256 18.58 -25.84 1.61
C LEU B 256 17.21 -26.37 2.05
N ASN B 257 16.19 -25.51 1.95
CA ASN B 257 14.81 -25.87 2.27
C ASN B 257 13.95 -25.90 1.01
N LEU B 258 13.21 -26.99 0.82
CA LEU B 258 12.30 -27.13 -0.33
C LEU B 258 10.90 -27.56 0.09
N GLN B 259 10.44 -27.07 1.24
CA GLN B 259 9.16 -27.51 1.82
C GLN B 259 7.96 -27.32 0.89
N GLU B 260 6.93 -28.13 1.13
CA GLU B 260 5.65 -28.06 0.44
C GLU B 260 5.68 -28.27 -1.09
N HIS B 261 6.87 -28.47 -1.64
CA HIS B 261 7.05 -28.74 -3.06
C HIS B 261 6.69 -30.15 -3.41
N ARG B 262 6.46 -30.41 -4.68
CA ARG B 262 6.21 -31.78 -5.14
C ARG B 262 7.24 -32.16 -6.21
N PHE B 263 7.80 -33.36 -6.09
CA PHE B 263 8.81 -33.82 -7.04
C PHE B 263 8.20 -34.53 -8.25
N SER B 264 8.78 -34.26 -9.41
CA SER B 264 8.37 -34.88 -10.66
C SER B 264 9.27 -36.09 -10.91
N ASP B 265 8.69 -37.28 -10.79
CA ASP B 265 9.42 -38.54 -10.95
C ASP B 265 10.79 -38.56 -10.27
N ILE B 266 10.78 -38.78 -8.96
CA ILE B 266 12.00 -38.79 -8.14
C ILE B 266 12.89 -39.98 -8.51
N SER B 267 14.16 -39.70 -8.82
CA SER B 267 15.09 -40.74 -9.28
C SER B 267 16.49 -40.64 -8.65
N SER B 268 17.39 -41.51 -9.11
CA SER B 268 18.75 -41.64 -8.57
C SER B 268 19.67 -40.44 -8.82
N THR B 269 19.37 -39.66 -9.86
CA THR B 269 20.20 -38.49 -10.21
C THR B 269 19.55 -37.16 -9.81
N THR B 270 18.34 -37.22 -9.25
CA THR B 270 17.57 -36.04 -8.86
C THR B 270 18.38 -35.06 -7.99
N PHE B 271 19.21 -35.60 -7.10
CA PHE B 271 19.97 -34.78 -6.16
C PHE B 271 21.48 -34.76 -6.46
N GLN B 272 21.84 -34.92 -7.72
CA GLN B 272 23.26 -35.01 -8.12
C GLN B 272 24.07 -33.72 -7.89
N CYS B 273 23.37 -32.59 -7.82
CA CYS B 273 24.02 -31.28 -7.64
C CYS B 273 24.12 -30.86 -6.17
N PHE B 274 23.74 -31.78 -5.28
CA PHE B 274 23.65 -31.50 -3.85
C PHE B 274 24.93 -31.87 -3.08
N THR B 275 26.04 -32.03 -3.79
CA THR B 275 27.29 -32.55 -3.21
C THR B 275 27.92 -31.62 -2.15
N GLN B 276 27.70 -30.32 -2.28
CA GLN B 276 28.31 -29.35 -1.35
C GLN B 276 27.43 -29.06 -0.14
N LEU B 277 26.25 -29.67 -0.11
CA LEU B 277 25.21 -29.36 0.87
C LEU B 277 25.44 -30.09 2.20
N GLN B 278 25.17 -29.40 3.31
CA GLN B 278 25.29 -29.98 4.64
C GLN B 278 23.92 -30.39 5.17
N GLU B 279 22.92 -29.54 4.92
CA GLU B 279 21.58 -29.74 5.44
C GLU B 279 20.57 -29.70 4.30
N LEU B 280 19.58 -30.58 4.37
CA LEU B 280 18.50 -30.60 3.37
C LEU B 280 17.15 -30.86 4.03
N ASP B 281 16.26 -29.89 3.88
CA ASP B 281 14.92 -29.94 4.47
C ASP B 281 13.88 -30.22 3.40
N LEU B 282 13.25 -31.40 3.49
CA LEU B 282 12.22 -31.80 2.51
C LEU B 282 10.88 -32.04 3.20
N THR B 283 10.53 -31.15 4.11
CA THR B 283 9.28 -31.24 4.86
C THR B 283 8.09 -31.15 3.92
N ALA B 284 7.09 -31.99 4.15
CA ALA B 284 5.84 -31.98 3.38
C ALA B 284 6.05 -31.94 1.87
N THR B 285 6.97 -32.78 1.38
CA THR B 285 7.27 -32.83 -0.06
C THR B 285 6.56 -33.99 -0.77
N HIS B 286 5.47 -34.48 -0.17
CA HIS B 286 4.65 -35.56 -0.73
C HIS B 286 5.40 -36.84 -1.02
N LEU B 287 6.49 -37.09 -0.28
CA LEU B 287 7.34 -38.26 -0.50
C LEU B 287 6.67 -39.56 -0.04
N LYS B 288 6.61 -40.54 -0.95
CA LYS B 288 6.19 -41.90 -0.62
C LYS B 288 7.40 -42.77 -0.30
N GLY B 289 8.57 -42.24 -0.62
CA GLY B 289 9.85 -42.91 -0.38
C GLY B 289 10.96 -42.26 -1.18
N LEU B 290 12.18 -42.74 -0.98
CA LEU B 290 13.31 -42.31 -1.76
C LEU B 290 13.97 -43.52 -2.41
N PRO B 291 14.38 -43.39 -3.69
CA PRO B 291 15.06 -44.49 -4.39
C PRO B 291 16.42 -44.79 -3.80
N SER B 292 16.88 -46.02 -3.97
CA SER B 292 18.22 -46.43 -3.57
C SER B 292 19.25 -45.99 -4.62
N GLY B 293 20.52 -45.97 -4.22
CA GLY B 293 21.62 -45.61 -5.11
C GLY B 293 21.59 -44.14 -5.52
N MET B 294 21.12 -43.29 -4.61
CA MET B 294 20.94 -41.87 -4.89
C MET B 294 22.26 -41.13 -4.82
N LYS B 295 22.57 -40.40 -5.89
CA LYS B 295 23.83 -39.68 -6.05
C LYS B 295 23.76 -38.29 -5.43
N GLY B 296 24.88 -37.83 -4.88
CA GLY B 296 25.03 -36.44 -4.43
C GLY B 296 24.60 -36.14 -3.00
N LEU B 297 24.28 -37.17 -2.23
CA LEU B 297 23.84 -37.02 -0.84
C LEU B 297 24.79 -37.75 0.12
N ASN B 298 25.91 -38.23 -0.41
CA ASN B 298 26.89 -39.01 0.34
C ASN B 298 27.52 -38.29 1.54
N LEU B 299 27.56 -36.96 1.46
CA LEU B 299 28.24 -36.15 2.48
C LEU B 299 27.29 -35.26 3.29
N LEU B 300 25.98 -35.47 3.11
CA LEU B 300 24.94 -34.71 3.82
C LEU B 300 24.96 -35.03 5.32
N LYS B 301 24.82 -34.01 6.15
CA LYS B 301 24.91 -34.17 7.60
C LYS B 301 23.54 -34.14 8.31
N LYS B 302 22.62 -33.31 7.81
CA LYS B 302 21.28 -33.16 8.41
C LYS B 302 20.15 -33.27 7.38
N LEU B 303 19.17 -34.11 7.67
CA LEU B 303 18.07 -34.33 6.75
C LEU B 303 16.72 -34.31 7.45
N VAL B 304 15.83 -33.45 6.96
CA VAL B 304 14.48 -33.33 7.49
C VAL B 304 13.47 -33.93 6.50
N LEU B 305 12.82 -35.01 6.91
CA LEU B 305 11.82 -35.69 6.07
C LEU B 305 10.45 -35.70 6.72
N SER B 306 10.23 -34.71 7.61
CA SER B 306 8.99 -34.58 8.35
C SER B 306 7.78 -34.36 7.44
N VAL B 307 6.60 -34.74 7.94
CA VAL B 307 5.31 -34.51 7.27
C VAL B 307 5.22 -35.11 5.85
N ASN B 308 5.77 -36.31 5.68
CA ASN B 308 5.68 -37.01 4.40
C ASN B 308 4.74 -38.22 4.46
N HIS B 309 4.82 -39.11 3.46
CA HIS B 309 3.86 -40.20 3.34
C HIS B 309 4.50 -41.57 3.33
N PHE B 310 5.45 -41.79 4.23
CA PHE B 310 6.12 -43.09 4.36
C PHE B 310 5.25 -44.08 5.12
N ASP B 311 5.33 -45.34 4.73
CA ASP B 311 4.67 -46.44 5.45
C ASP B 311 5.64 -47.14 6.39
N GLN B 312 6.89 -47.27 5.96
CA GLN B 312 7.93 -47.92 6.76
C GLN B 312 9.23 -47.14 6.64
N LEU B 313 10.03 -47.15 7.70
CA LEU B 313 11.29 -46.42 7.76
C LEU B 313 12.27 -46.80 6.66
N CYS B 314 12.18 -48.03 6.18
CA CYS B 314 13.05 -48.53 5.12
C CYS B 314 12.81 -47.85 3.77
N GLN B 315 11.64 -47.22 3.61
CA GLN B 315 11.30 -46.52 2.38
C GLN B 315 12.09 -45.23 2.15
N ILE B 316 12.79 -44.75 3.18
CA ILE B 316 13.64 -43.56 3.06
C ILE B 316 15.01 -43.88 2.46
N SER B 317 15.30 -45.18 2.32
CA SER B 317 16.55 -45.67 1.73
C SER B 317 17.80 -45.00 2.33
N ALA B 318 18.06 -45.32 3.60
CA ALA B 318 19.09 -44.65 4.41
C ALA B 318 20.53 -44.85 3.90
N ALA B 319 20.74 -45.90 3.11
CA ALA B 319 22.03 -46.17 2.48
C ALA B 319 22.54 -44.99 1.63
N ASN B 320 21.61 -44.14 1.20
CA ASN B 320 21.94 -42.91 0.47
C ASN B 320 22.69 -41.88 1.32
N PHE B 321 22.57 -41.97 2.64
CA PHE B 321 23.07 -40.91 3.53
C PHE B 321 24.06 -41.40 4.61
N PRO B 322 25.18 -42.01 4.19
CA PRO B 322 26.12 -42.58 5.18
C PRO B 322 26.72 -41.55 6.14
N SER B 323 26.80 -40.29 5.71
CA SER B 323 27.42 -39.24 6.52
C SER B 323 26.48 -38.61 7.55
N LEU B 324 25.18 -38.89 7.45
CA LEU B 324 24.16 -38.26 8.30
C LEU B 324 24.48 -38.31 9.79
N THR B 325 24.33 -37.16 10.44
CA THR B 325 24.46 -37.05 11.90
C THR B 325 23.12 -36.71 12.56
N HIS B 326 22.23 -36.09 11.80
CA HIS B 326 20.91 -35.68 12.29
C HIS B 326 19.83 -36.11 11.34
N LEU B 327 18.83 -36.82 11.86
CA LEU B 327 17.69 -37.26 11.05
C LEU B 327 16.36 -36.91 11.73
N TYR B 328 15.60 -36.03 11.07
CA TYR B 328 14.28 -35.63 11.57
C TYR B 328 13.15 -36.18 10.69
N ILE B 329 12.35 -37.08 11.27
CA ILE B 329 11.14 -37.56 10.61
C ILE B 329 9.96 -37.39 11.57
N ARG B 330 9.39 -36.19 11.57
CA ARG B 330 8.38 -35.81 12.53
C ARG B 330 7.03 -35.59 11.87
N GLY B 331 5.99 -36.17 12.46
CA GLY B 331 4.62 -35.97 12.02
C GLY B 331 4.33 -36.50 10.64
N ASN B 332 4.72 -37.75 10.39
CA ASN B 332 4.38 -38.46 9.16
C ASN B 332 2.86 -38.45 8.99
N VAL B 333 2.39 -38.21 7.77
CA VAL B 333 0.93 -38.11 7.52
C VAL B 333 0.23 -39.47 7.73
N LYS B 334 0.91 -40.54 7.36
CA LYS B 334 0.44 -41.90 7.59
C LYS B 334 0.99 -42.43 8.92
N LYS B 335 0.41 -43.54 9.38
CA LYS B 335 0.96 -44.28 10.51
C LYS B 335 2.29 -44.90 10.09
N LEU B 336 3.34 -44.59 10.83
CA LEU B 336 4.68 -45.04 10.49
C LEU B 336 5.07 -46.31 11.23
N HIS B 337 5.59 -47.27 10.47
CA HIS B 337 6.13 -48.50 11.02
C HIS B 337 7.62 -48.45 10.98
N LEU B 338 8.28 -48.87 12.06
CA LEU B 338 9.73 -48.77 12.17
C LEU B 338 10.48 -49.79 11.34
N GLY B 339 9.90 -50.98 11.18
CA GLY B 339 10.57 -52.08 10.47
C GLY B 339 11.71 -52.67 11.27
N VAL B 340 12.55 -53.46 10.59
CA VAL B 340 13.69 -54.10 11.23
C VAL B 340 15.00 -53.59 10.62
N GLY B 341 15.81 -52.93 11.45
CA GLY B 341 17.13 -52.42 11.05
C GLY B 341 17.13 -51.53 9.83
N CYS B 342 16.12 -50.67 9.72
CA CYS B 342 15.98 -49.77 8.57
C CYS B 342 17.05 -48.67 8.54
N LEU B 343 17.60 -48.36 9.71
CA LEU B 343 18.58 -47.29 9.82
C LEU B 343 19.98 -47.81 10.17
N GLU B 344 20.20 -49.10 9.95
CA GLU B 344 21.47 -49.78 10.31
C GLU B 344 22.71 -49.25 9.57
N LYS B 345 22.50 -48.68 8.40
CA LYS B 345 23.58 -48.17 7.55
C LYS B 345 23.94 -46.71 7.87
N LEU B 346 23.31 -46.17 8.91
CA LEU B 346 23.58 -44.81 9.40
C LEU B 346 24.51 -44.86 10.62
N GLY B 347 25.79 -45.13 10.37
CA GLY B 347 26.77 -45.31 11.44
C GLY B 347 27.12 -44.05 12.21
N ASN B 348 27.09 -42.91 11.53
CA ASN B 348 27.51 -41.65 12.13
C ASN B 348 26.40 -40.86 12.82
N LEU B 349 25.17 -41.40 12.78
CA LEU B 349 23.98 -40.71 13.30
C LEU B 349 24.07 -40.42 14.79
N GLN B 350 23.78 -39.17 15.16
CA GLN B 350 23.84 -38.72 16.55
C GLN B 350 22.48 -38.30 17.12
N THR B 351 21.61 -37.77 16.25
CA THR B 351 20.29 -37.30 16.66
C THR B 351 19.18 -37.84 15.75
N LEU B 352 18.22 -38.54 16.35
CA LEU B 352 17.08 -39.10 15.64
C LEU B 352 15.76 -38.62 16.25
N ASP B 353 14.94 -37.97 15.44
CA ASP B 353 13.62 -37.50 15.89
C ASP B 353 12.52 -38.25 15.13
N LEU B 354 11.81 -39.10 15.86
CA LEU B 354 10.69 -39.88 15.30
C LEU B 354 9.38 -39.60 16.04
N SER B 355 9.18 -38.34 16.45
CA SER B 355 7.98 -37.96 17.19
C SER B 355 6.78 -37.74 16.28
N HIS B 356 5.58 -37.90 16.86
CA HIS B 356 4.30 -37.61 16.20
C HIS B 356 3.99 -38.46 15.00
N ASN B 357 4.44 -39.71 15.02
CA ASN B 357 4.31 -40.60 13.86
C ASN B 357 3.29 -41.74 14.00
N ASP B 358 2.63 -41.83 15.16
CA ASP B 358 1.71 -42.93 15.48
C ASP B 358 2.41 -44.28 15.45
N ILE B 359 3.70 -44.27 15.79
CA ILE B 359 4.52 -45.48 15.83
C ILE B 359 4.00 -46.42 16.92
N GLU B 360 3.86 -47.70 16.56
CA GLU B 360 3.34 -48.71 17.46
C GLU B 360 4.21 -49.96 17.31
N ALA B 361 4.81 -50.39 18.42
CA ALA B 361 5.68 -51.56 18.42
C ALA B 361 5.50 -52.35 19.71
N SER B 362 5.12 -53.62 19.57
CA SER B 362 4.90 -54.49 20.72
C SER B 362 6.21 -54.95 21.39
N ASP B 363 7.30 -54.94 20.62
CA ASP B 363 8.63 -55.26 21.16
C ASP B 363 9.64 -54.26 20.62
N CYS B 364 10.23 -53.48 21.51
CA CYS B 364 11.05 -52.32 21.15
C CYS B 364 12.27 -52.24 22.08
N CYS B 365 13.43 -51.77 21.61
CA CYS B 365 13.62 -51.21 20.28
C CYS B 365 14.91 -51.75 19.63
N SER B 366 15.28 -52.97 19.98
CA SER B 366 16.56 -53.58 19.54
C SER B 366 16.63 -53.83 18.03
N LEU B 367 15.58 -54.44 17.48
CA LEU B 367 15.53 -54.71 16.05
C LEU B 367 15.34 -53.44 15.22
N GLN B 368 14.73 -52.44 15.85
CA GLN B 368 14.34 -51.20 15.18
C GLN B 368 15.49 -50.22 15.05
N LEU B 369 16.24 -50.04 16.14
CA LEU B 369 17.37 -49.11 16.17
C LEU B 369 18.70 -49.83 16.01
N LYS B 370 18.67 -50.94 15.27
CA LYS B 370 19.87 -51.75 15.00
C LYS B 370 21.01 -50.90 14.45
N ASN B 371 22.19 -51.08 15.04
CA ASN B 371 23.46 -50.50 14.57
C ASN B 371 23.61 -48.98 14.75
N LEU B 372 22.74 -48.38 15.55
CA LEU B 372 22.79 -46.95 15.86
C LEU B 372 23.67 -46.65 17.08
N SER B 373 24.95 -47.04 16.97
CA SER B 373 25.88 -47.01 18.10
C SER B 373 26.44 -45.62 18.44
N HIS B 374 26.22 -44.64 17.57
CA HIS B 374 26.69 -43.27 17.81
C HIS B 374 25.60 -42.34 18.27
N LEU B 375 24.37 -42.86 18.34
CA LEU B 375 23.19 -42.07 18.71
C LEU B 375 23.29 -41.49 20.12
N GLN B 376 23.02 -40.20 20.24
CA GLN B 376 23.06 -39.49 21.52
C GLN B 376 21.71 -38.90 21.91
N THR B 377 20.91 -38.55 20.90
CA THR B 377 19.59 -37.97 21.13
C THR B 377 18.51 -38.77 20.40
N LEU B 378 17.53 -39.25 21.15
CA LEU B 378 16.43 -40.01 20.57
C LEU B 378 15.07 -39.45 21.01
N ASN B 379 14.29 -39.00 20.02
CA ASN B 379 12.94 -38.52 20.28
C ASN B 379 11.91 -39.50 19.75
N LEU B 380 11.17 -40.12 20.67
CA LEU B 380 10.10 -41.06 20.33
C LEU B 380 8.76 -40.67 20.97
N SER B 381 8.65 -39.39 21.36
CA SER B 381 7.45 -38.88 22.03
C SER B 381 6.26 -38.75 21.07
N HIS B 382 5.06 -38.62 21.64
CA HIS B 382 3.83 -38.44 20.85
C HIS B 382 3.57 -39.54 19.86
N ASN B 383 3.83 -40.77 20.30
CA ASN B 383 3.55 -41.96 19.50
C ASN B 383 2.59 -42.88 20.22
N GLU B 384 2.10 -43.89 19.51
CA GLU B 384 1.26 -44.93 20.10
C GLU B 384 2.11 -45.81 21.03
N PRO B 385 1.46 -46.67 21.85
CA PRO B 385 2.20 -47.42 22.88
C PRO B 385 3.38 -48.27 22.39
N LEU B 386 4.41 -48.35 23.23
CA LEU B 386 5.60 -49.14 22.95
C LEU B 386 5.84 -50.18 24.03
N GLY B 387 5.99 -51.43 23.61
CA GLY B 387 6.33 -52.50 24.54
C GLY B 387 7.83 -52.54 24.71
N LEU B 388 8.30 -52.17 25.90
CA LEU B 388 9.73 -52.16 26.18
C LEU B 388 10.21 -53.43 26.86
N GLN B 389 11.20 -54.07 26.24
CA GLN B 389 11.92 -55.20 26.83
C GLN B 389 12.94 -54.67 27.84
N SER B 390 13.47 -55.55 28.69
CA SER B 390 14.62 -55.16 29.51
C SER B 390 15.79 -54.95 28.56
N GLN B 391 16.58 -53.91 28.80
CA GLN B 391 17.59 -53.46 27.84
C GLN B 391 16.97 -53.13 26.48
N ALA B 392 15.93 -52.30 26.50
CA ALA B 392 15.21 -51.91 25.29
C ALA B 392 16.05 -51.06 24.35
N PHE B 393 17.11 -50.46 24.89
CA PHE B 393 17.95 -49.54 24.13
C PHE B 393 19.41 -50.00 24.12
N LYS B 394 19.56 -51.32 23.99
CA LYS B 394 20.86 -51.98 23.89
C LYS B 394 21.67 -51.47 22.69
N GLU B 395 20.99 -51.20 21.58
CA GLU B 395 21.66 -50.78 20.35
C GLU B 395 22.06 -49.29 20.32
N CYS B 396 21.75 -48.57 21.39
CA CYS B 396 22.14 -47.16 21.52
C CYS B 396 22.84 -46.88 22.86
N PRO B 397 24.03 -47.47 23.06
CA PRO B 397 24.66 -47.36 24.39
C PRO B 397 25.14 -45.94 24.72
N GLN B 398 25.36 -45.13 23.68
CA GLN B 398 25.95 -43.81 23.80
C GLN B 398 24.89 -42.70 23.94
N LEU B 399 23.64 -43.12 24.16
CA LEU B 399 22.50 -42.21 24.26
C LEU B 399 22.58 -41.29 25.48
N GLU B 400 22.32 -40.00 25.27
CA GLU B 400 22.42 -38.98 26.33
C GLU B 400 21.07 -38.39 26.70
N LEU B 401 20.17 -38.34 25.73
CA LEU B 401 18.83 -37.80 25.93
C LEU B 401 17.77 -38.69 25.26
N LEU B 402 16.81 -39.14 26.05
CA LEU B 402 15.71 -39.97 25.56
C LEU B 402 14.36 -39.31 25.85
N ASP B 403 13.68 -38.92 24.79
CA ASP B 403 12.36 -38.30 24.90
C ASP B 403 11.26 -39.31 24.55
N LEU B 404 10.47 -39.67 25.55
CA LEU B 404 9.38 -40.62 25.37
C LEU B 404 8.04 -40.04 25.80
N ALA B 405 7.99 -38.73 26.01
CA ALA B 405 6.82 -38.02 26.54
C ALA B 405 5.53 -38.29 25.75
N PHE B 406 4.45 -38.54 26.49
CA PHE B 406 3.12 -38.81 25.92
C PHE B 406 2.99 -40.13 25.13
N THR B 407 4.03 -40.96 25.19
CA THR B 407 4.00 -42.29 24.61
C THR B 407 3.90 -43.33 25.73
N ARG B 408 2.74 -44.00 25.83
CA ARG B 408 2.53 -45.05 26.82
C ARG B 408 3.57 -46.16 26.67
N LEU B 409 4.10 -46.61 27.80
CA LEU B 409 5.13 -47.67 27.79
C LEU B 409 4.64 -48.91 28.53
N HIS B 410 4.63 -50.04 27.85
CA HIS B 410 4.30 -51.31 28.49
C HIS B 410 5.55 -51.99 28.96
N ILE B 411 5.82 -51.86 30.26
CA ILE B 411 7.02 -52.41 30.89
C ILE B 411 6.63 -53.41 31.98
N ASN B 412 7.23 -54.59 31.94
CA ASN B 412 6.90 -55.68 32.87
C ASN B 412 7.74 -55.69 34.13
N ALA B 413 7.10 -55.84 35.28
CA ALA B 413 7.81 -55.94 36.56
C ALA B 413 8.56 -57.28 36.68
N PRO B 414 9.83 -57.24 37.15
CA PRO B 414 10.60 -56.08 37.56
C PRO B 414 11.72 -55.73 36.56
N GLN B 415 11.37 -55.62 35.28
CA GLN B 415 12.35 -55.35 34.23
C GLN B 415 12.84 -53.91 34.22
N SER B 416 14.06 -53.72 33.71
CA SER B 416 14.66 -52.39 33.56
C SER B 416 14.97 -52.13 32.09
N PRO B 417 14.04 -51.46 31.38
CA PRO B 417 14.22 -51.21 29.94
C PRO B 417 15.39 -50.28 29.62
N PHE B 418 15.72 -49.38 30.53
CA PHE B 418 16.76 -48.37 30.30
C PHE B 418 18.15 -48.83 30.77
N GLN B 419 18.21 -50.07 31.23
CA GLN B 419 19.44 -50.70 31.70
C GLN B 419 20.57 -50.63 30.67
N ASN B 420 21.79 -50.40 31.16
CA ASN B 420 22.99 -50.27 30.32
C ASN B 420 23.05 -49.02 29.42
N LEU B 421 22.24 -48.02 29.76
CA LEU B 421 22.42 -46.68 29.21
C LEU B 421 23.26 -45.88 30.19
N HIS B 422 24.55 -46.18 30.22
CA HIS B 422 25.48 -45.62 31.19
C HIS B 422 25.84 -44.18 30.95
N PHE B 423 25.35 -43.62 29.84
CA PHE B 423 25.63 -42.22 29.50
C PHE B 423 24.37 -41.32 29.44
N LEU B 424 23.23 -41.88 29.83
CA LEU B 424 21.97 -41.12 29.79
C LEU B 424 21.91 -40.05 30.88
N GLN B 425 21.58 -38.84 30.45
CA GLN B 425 21.52 -37.66 31.33
C GLN B 425 20.11 -37.07 31.44
N VAL B 426 19.34 -37.18 30.36
CA VAL B 426 17.98 -36.64 30.32
C VAL B 426 16.98 -37.71 29.90
N LEU B 427 15.94 -37.88 30.71
CA LEU B 427 14.90 -38.87 30.46
C LEU B 427 13.52 -38.26 30.70
N ASN B 428 12.79 -38.02 29.61
CA ASN B 428 11.45 -37.44 29.68
C ASN B 428 10.38 -38.50 29.52
N LEU B 429 9.62 -38.75 30.59
CA LEU B 429 8.59 -39.78 30.62
C LEU B 429 7.23 -39.21 31.01
N THR B 430 6.98 -37.94 30.70
CA THR B 430 5.66 -37.34 30.99
C THR B 430 4.53 -38.07 30.27
N TYR B 431 3.48 -38.38 31.02
CA TYR B 431 2.31 -39.13 30.57
C TYR B 431 2.64 -40.40 29.79
N CYS B 432 3.50 -41.23 30.38
CA CYS B 432 3.86 -42.53 29.83
C CYS B 432 3.07 -43.66 30.47
N PHE B 433 2.25 -43.30 31.46
CA PHE B 433 1.41 -44.26 32.21
C PHE B 433 2.21 -45.42 32.79
N LEU B 434 3.35 -45.06 33.39
CA LEU B 434 4.27 -46.02 34.00
C LEU B 434 3.66 -46.69 35.23
N ASP B 435 4.08 -47.93 35.48
CA ASP B 435 3.83 -48.57 36.75
C ASP B 435 4.96 -48.14 37.68
N THR B 436 4.66 -47.19 38.56
CA THR B 436 5.67 -46.63 39.45
C THR B 436 6.05 -47.58 40.61
N SER B 437 5.26 -48.63 40.81
CA SER B 437 5.54 -49.63 41.84
C SER B 437 6.72 -50.55 41.48
N ASN B 438 7.12 -50.53 40.20
CA ASN B 438 8.30 -51.26 39.74
C ASN B 438 9.56 -50.54 40.24
N GLN B 439 10.17 -51.10 41.28
CA GLN B 439 11.30 -50.46 41.95
C GLN B 439 12.59 -50.49 41.12
N HIS B 440 12.62 -51.35 40.11
CA HIS B 440 13.80 -51.52 39.25
C HIS B 440 13.70 -50.77 37.95
N LEU B 441 12.61 -50.02 37.76
CA LEU B 441 12.32 -49.35 36.49
C LEU B 441 13.45 -48.46 35.97
N LEU B 442 14.04 -47.68 36.89
CA LEU B 442 15.09 -46.73 36.52
C LEU B 442 16.49 -47.21 36.89
N ALA B 443 16.66 -48.53 36.99
CA ALA B 443 17.96 -49.11 37.29
C ALA B 443 18.85 -49.12 36.06
N GLY B 444 20.17 -49.10 36.28
CA GLY B 444 21.13 -49.13 35.18
C GLY B 444 21.37 -47.80 34.51
N LEU B 445 21.07 -46.72 35.23
CA LEU B 445 21.32 -45.36 34.75
C LEU B 445 22.19 -44.62 35.78
N PRO B 446 23.50 -44.93 35.80
CA PRO B 446 24.37 -44.40 36.87
C PRO B 446 24.66 -42.90 36.78
N VAL B 447 24.37 -42.29 35.63
CA VAL B 447 24.74 -40.89 35.39
C VAL B 447 23.53 -40.00 35.04
N LEU B 448 22.33 -40.50 35.30
CA LEU B 448 21.09 -39.74 35.05
C LEU B 448 20.94 -38.54 35.98
N ARG B 449 20.68 -37.37 35.40
CA ARG B 449 20.61 -36.12 36.16
C ARG B 449 19.33 -35.30 35.95
N HIS B 450 18.51 -35.69 34.97
CA HIS B 450 17.27 -34.98 34.65
C HIS B 450 16.19 -35.98 34.34
N LEU B 451 15.23 -36.11 35.24
CA LEU B 451 14.12 -37.04 35.06
C LEU B 451 12.78 -36.32 35.15
N ASN B 452 11.93 -36.59 34.17
CA ASN B 452 10.59 -36.01 34.11
C ASN B 452 9.54 -37.11 34.24
N LEU B 453 8.89 -37.16 35.40
CA LEU B 453 7.85 -38.14 35.68
C LEU B 453 6.47 -37.50 35.73
N LYS B 454 6.31 -36.35 35.09
CA LYS B 454 5.02 -35.63 35.06
C LYS B 454 3.88 -36.48 34.48
N GLY B 455 2.73 -36.42 35.13
CA GLY B 455 1.53 -37.10 34.66
C GLY B 455 1.43 -38.56 35.06
N ASN B 456 2.37 -39.05 35.86
CA ASN B 456 2.36 -40.43 36.30
C ASN B 456 1.64 -40.64 37.63
N HIS B 457 1.07 -41.83 37.80
CA HIS B 457 0.30 -42.16 39.01
C HIS B 457 1.15 -42.90 40.00
N PHE B 458 0.92 -42.64 41.28
CA PHE B 458 1.60 -43.35 42.36
C PHE B 458 0.57 -44.03 43.26
N GLN B 459 0.95 -45.18 43.82
CA GLN B 459 0.10 -45.93 44.74
C GLN B 459 -0.32 -45.05 45.93
N ASP B 460 -1.63 -45.00 46.17
CA ASP B 460 -2.25 -44.19 47.23
C ASP B 460 -2.03 -42.68 47.07
N GLY B 461 -1.45 -42.28 45.94
CA GLY B 461 -1.08 -40.88 45.71
C GLY B 461 0.03 -40.43 46.65
N THR B 462 0.94 -41.34 46.98
CA THR B 462 2.02 -41.05 47.91
C THR B 462 3.37 -41.62 47.47
N ILE B 463 4.45 -40.91 47.82
CA ILE B 463 5.80 -41.45 47.62
C ILE B 463 6.36 -41.87 48.97
N THR B 464 6.52 -43.18 49.13
CA THR B 464 7.00 -43.79 50.39
C THR B 464 8.54 -43.83 50.42
N LYS B 465 9.11 -44.28 51.54
CA LYS B 465 10.56 -44.31 51.70
C LYS B 465 11.25 -45.15 50.62
N THR B 466 10.74 -46.38 50.40
CA THR B 466 11.23 -47.20 49.29
C THR B 466 10.44 -46.88 48.04
N ASN B 467 11.12 -46.27 47.07
CA ASN B 467 10.47 -45.77 45.85
C ASN B 467 11.35 -45.87 44.61
N LEU B 468 10.80 -45.45 43.47
CA LEU B 468 11.47 -45.46 42.16
C LEU B 468 12.84 -44.79 42.13
N LEU B 469 12.95 -43.68 42.85
CA LEU B 469 14.06 -42.74 42.67
C LEU B 469 15.35 -43.16 43.38
N GLN B 470 15.26 -44.21 44.19
CA GLN B 470 16.40 -44.67 44.98
C GLN B 470 17.60 -45.15 44.15
N THR B 471 17.34 -45.56 42.91
CA THR B 471 18.37 -46.03 41.98
C THR B 471 19.06 -44.89 41.21
N VAL B 472 18.52 -43.68 41.36
CA VAL B 472 19.01 -42.52 40.61
C VAL B 472 19.72 -41.51 41.54
N GLY B 473 20.78 -41.98 42.21
CA GLY B 473 21.50 -41.16 43.19
C GLY B 473 22.23 -39.94 42.64
N SER B 474 22.27 -39.81 41.31
CA SER B 474 22.98 -38.70 40.66
C SER B 474 22.04 -37.61 40.13
N LEU B 475 20.77 -37.71 40.51
CA LEU B 475 19.71 -36.84 39.99
C LEU B 475 19.87 -35.39 40.45
N GLU B 476 19.66 -34.46 39.52
CA GLU B 476 19.77 -33.03 39.81
C GLU B 476 18.45 -32.31 39.55
N VAL B 477 17.79 -32.68 38.45
CA VAL B 477 16.49 -32.11 38.08
C VAL B 477 15.43 -33.20 38.20
N LEU B 478 14.40 -32.93 39.00
CA LEU B 478 13.29 -33.87 39.15
C LEU B 478 11.95 -33.17 38.97
N ILE B 479 11.15 -33.66 38.04
CA ILE B 479 9.82 -33.13 37.80
C ILE B 479 8.77 -34.18 38.17
N LEU B 480 7.88 -33.81 39.09
CA LEU B 480 6.81 -34.68 39.57
C LEU B 480 5.49 -33.92 39.60
N SER B 481 5.31 -33.01 38.63
CA SER B 481 4.08 -32.23 38.52
C SER B 481 2.95 -33.07 37.93
N SER B 482 1.71 -32.74 38.31
CA SER B 482 0.51 -33.43 37.84
C SER B 482 0.53 -34.95 38.07
N CYS B 483 1.01 -35.36 39.24
CA CYS B 483 1.07 -36.76 39.60
C CYS B 483 -0.01 -37.18 40.60
N GLY B 484 -0.88 -36.24 40.93
CA GLY B 484 -1.96 -36.45 41.90
C GLY B 484 -1.45 -36.85 43.27
N LEU B 485 -0.33 -36.25 43.69
CA LEU B 485 0.31 -36.61 44.95
C LEU B 485 -0.37 -35.94 46.14
N LEU B 486 -0.69 -36.74 47.15
CA LEU B 486 -1.29 -36.26 48.39
C LEU B 486 -0.24 -36.04 49.47
N SER B 487 0.82 -36.87 49.45
CA SER B 487 1.90 -36.79 50.44
C SER B 487 3.21 -37.40 49.94
N ILE B 488 4.33 -36.87 50.44
CA ILE B 488 5.66 -37.40 50.18
C ILE B 488 6.33 -37.73 51.52
N ASP B 489 6.84 -38.95 51.67
CA ASP B 489 7.57 -39.36 52.86
C ASP B 489 8.81 -38.46 53.07
N GLN B 490 9.09 -38.13 54.33
CA GLN B 490 10.21 -37.26 54.68
C GLN B 490 11.58 -37.84 54.30
N GLN B 491 11.61 -39.13 53.98
CA GLN B 491 12.85 -39.83 53.61
C GLN B 491 12.88 -40.26 52.13
N ALA B 492 11.83 -39.90 51.39
CA ALA B 492 11.65 -40.35 50.01
C ALA B 492 12.70 -39.81 49.02
N PHE B 493 13.39 -38.73 49.41
CA PHE B 493 14.44 -38.13 48.58
C PHE B 493 15.82 -38.22 49.21
N HIS B 494 15.98 -39.12 50.18
CA HIS B 494 17.23 -39.23 50.96
C HIS B 494 18.42 -39.80 50.22
N SER B 495 18.16 -40.57 49.16
CA SER B 495 19.23 -41.07 48.31
C SER B 495 19.52 -40.13 47.13
N LEU B 496 18.93 -38.94 47.19
CA LEU B 496 19.05 -37.94 46.12
C LEU B 496 19.71 -36.67 46.65
N GLY B 497 20.99 -36.80 47.01
CA GLY B 497 21.72 -35.71 47.67
C GLY B 497 22.16 -34.56 46.79
N LYS B 498 22.06 -34.74 45.47
CA LYS B 498 22.59 -33.75 44.53
C LYS B 498 21.55 -32.85 43.86
N MET B 499 20.29 -32.99 44.27
CA MET B 499 19.19 -32.30 43.60
C MET B 499 19.20 -30.77 43.75
N SER B 500 19.03 -30.08 42.64
CA SER B 500 18.97 -28.61 42.65
C SER B 500 17.70 -28.05 41.97
N HIS B 501 16.84 -28.95 41.49
CA HIS B 501 15.60 -28.54 40.81
C HIS B 501 14.50 -29.54 41.08
N VAL B 502 13.55 -29.15 41.92
CA VAL B 502 12.44 -30.02 42.28
C VAL B 502 11.09 -29.35 41.94
N ASP B 503 10.36 -29.96 41.01
CA ASP B 503 9.06 -29.45 40.56
C ASP B 503 7.92 -30.36 41.04
N LEU B 504 7.14 -29.87 42.00
CA LEU B 504 6.07 -30.64 42.61
C LEU B 504 4.72 -29.93 42.42
N SER B 505 4.64 -29.11 41.38
CA SER B 505 3.44 -28.31 41.10
C SER B 505 2.26 -29.17 40.65
N HIS B 506 1.05 -28.59 40.72
CA HIS B 506 -0.19 -29.25 40.28
C HIS B 506 -0.44 -30.59 40.93
N ASN B 507 -0.19 -30.69 42.23
CA ASN B 507 -0.58 -31.85 43.01
C ASN B 507 -1.56 -31.44 44.11
N SER B 508 -1.65 -32.25 45.17
CA SER B 508 -2.51 -31.94 46.31
C SER B 508 -1.71 -32.04 47.60
N LEU B 509 -0.49 -31.51 47.58
CA LEU B 509 0.41 -31.58 48.74
C LEU B 509 0.13 -30.45 49.72
N THR B 510 0.36 -30.74 51.00
CA THR B 510 0.26 -29.75 52.07
C THR B 510 1.66 -29.43 52.59
N CYS B 511 1.76 -28.64 53.66
CA CYS B 511 3.06 -28.20 54.18
C CYS B 511 3.99 -29.34 54.60
N ASP B 512 3.40 -30.49 54.92
CA ASP B 512 4.16 -31.69 55.33
C ASP B 512 5.15 -32.18 54.27
N SER B 513 4.92 -31.79 53.03
CA SER B 513 5.77 -32.16 51.90
C SER B 513 7.18 -31.56 51.98
N ILE B 514 7.29 -30.39 52.61
CA ILE B 514 8.55 -29.65 52.72
C ILE B 514 9.60 -30.41 53.55
N ASP B 515 9.13 -31.31 54.42
CA ASP B 515 10.01 -32.16 55.23
C ASP B 515 10.98 -33.01 54.40
N SER B 516 10.56 -33.41 53.20
CA SER B 516 11.36 -34.28 52.33
C SER B 516 12.55 -33.55 51.68
N LEU B 517 12.71 -32.27 52.02
CA LEU B 517 13.74 -31.43 51.40
C LEU B 517 14.75 -30.87 52.40
N SER B 518 14.60 -31.22 53.67
CA SER B 518 15.46 -30.70 54.75
C SER B 518 16.96 -30.95 54.55
N HIS B 519 17.28 -31.99 53.79
CA HIS B 519 18.67 -32.38 53.52
C HIS B 519 19.24 -31.71 52.30
N LEU B 520 18.54 -30.71 51.76
CA LEU B 520 18.95 -30.03 50.54
C LEU B 520 19.11 -28.52 50.73
N LYS B 521 20.05 -27.94 49.99
CA LYS B 521 20.29 -26.49 50.00
C LYS B 521 20.38 -25.93 48.57
N GLY B 522 20.02 -24.65 48.44
CA GLY B 522 20.18 -23.90 47.19
C GLY B 522 19.43 -24.39 45.97
N ILE B 523 18.24 -24.96 46.18
CA ILE B 523 17.48 -25.55 45.08
C ILE B 523 16.41 -24.60 44.54
N TYR B 524 15.90 -24.93 43.35
CA TYR B 524 14.66 -24.34 42.84
C TYR B 524 13.51 -25.25 43.25
N LEU B 525 12.62 -24.72 44.09
CA LEU B 525 11.48 -25.50 44.57
C LEU B 525 10.16 -24.98 44.01
N ASN B 526 9.45 -25.85 43.30
CA ASN B 526 8.15 -25.50 42.74
C ASN B 526 7.03 -26.24 43.44
N LEU B 527 6.33 -25.53 44.33
CA LEU B 527 5.19 -26.08 45.05
C LEU B 527 3.89 -25.40 44.65
N ALA B 528 3.83 -24.94 43.40
CA ALA B 528 2.66 -24.22 42.89
C ALA B 528 1.45 -25.14 42.70
N ALA B 529 0.25 -24.54 42.69
CA ALA B 529 -1.00 -25.26 42.44
C ALA B 529 -1.17 -26.53 43.29
N ASN B 530 -0.93 -26.40 44.59
CA ASN B 530 -1.11 -27.49 45.55
C ASN B 530 -2.22 -27.20 46.57
N SER B 531 -2.14 -27.82 47.74
CA SER B 531 -3.12 -27.61 48.82
C SER B 531 -2.47 -27.06 50.08
N ILE B 532 -1.48 -26.19 49.90
CA ILE B 532 -0.78 -25.60 51.04
C ILE B 532 -1.58 -24.42 51.60
N ASN B 533 -1.88 -24.47 52.89
CA ASN B 533 -2.52 -23.33 53.56
C ASN B 533 -1.71 -22.77 54.71
N ILE B 534 -1.34 -23.61 55.68
CA ILE B 534 -0.51 -23.19 56.80
C ILE B 534 0.86 -23.87 56.69
N ILE B 535 1.92 -23.07 56.75
CA ILE B 535 3.29 -23.60 56.80
C ILE B 535 3.88 -23.33 58.17
N SER B 536 3.94 -24.37 59.00
CA SER B 536 4.43 -24.27 60.37
C SER B 536 5.88 -23.77 60.43
N PRO B 537 6.20 -22.89 61.40
CA PRO B 537 7.52 -22.25 61.55
C PRO B 537 8.72 -23.20 61.59
N ARG B 538 8.48 -24.47 61.88
CA ARG B 538 9.52 -25.50 61.88
C ARG B 538 10.03 -25.83 60.47
N LEU B 539 9.22 -25.49 59.47
CA LEU B 539 9.55 -25.76 58.07
C LEU B 539 10.19 -24.55 57.36
N LEU B 540 10.25 -23.43 58.08
CA LEU B 540 10.77 -22.19 57.50
C LEU B 540 12.30 -22.16 57.28
N PRO B 541 13.09 -22.75 58.22
CA PRO B 541 14.53 -22.88 57.98
C PRO B 541 14.86 -23.73 56.74
N ILE B 542 14.07 -24.77 56.50
CA ILE B 542 14.20 -25.61 55.31
C ILE B 542 14.00 -24.75 54.07
N LEU B 543 13.00 -23.88 54.11
CA LEU B 543 12.73 -22.94 53.01
C LEU B 543 13.86 -21.92 52.85
N SER B 544 14.44 -21.49 53.97
CA SER B 544 15.54 -20.52 53.99
C SER B 544 16.82 -21.06 53.36
N GLN B 545 16.98 -22.39 53.37
CA GLN B 545 18.12 -23.08 52.77
C GLN B 545 18.13 -23.01 51.25
N GLN B 546 16.96 -22.80 50.66
CA GLN B 546 16.79 -22.89 49.21
C GLN B 546 16.93 -21.53 48.51
N SER B 547 17.37 -21.57 47.26
CA SER B 547 17.66 -20.34 46.52
C SER B 547 16.41 -19.68 45.92
N THR B 548 15.47 -20.49 45.43
CA THR B 548 14.26 -19.95 44.79
C THR B 548 13.03 -20.85 45.00
N ILE B 549 11.93 -20.25 45.45
CA ILE B 549 10.71 -20.98 45.83
C ILE B 549 9.46 -20.39 45.18
N ASN B 550 8.63 -21.26 44.61
CA ASN B 550 7.33 -20.87 44.05
C ASN B 550 6.19 -21.47 44.89
N LEU B 551 5.30 -20.60 45.37
CA LEU B 551 4.18 -21.02 46.22
C LEU B 551 2.83 -20.48 45.72
N SER B 552 2.81 -20.04 44.47
CA SER B 552 1.63 -19.43 43.86
C SER B 552 0.49 -20.43 43.66
N HIS B 553 -0.73 -19.91 43.55
CA HIS B 553 -1.94 -20.73 43.35
C HIS B 553 -2.16 -21.76 44.40
N ASN B 554 -1.76 -21.43 45.63
CA ASN B 554 -2.02 -22.26 46.79
C ASN B 554 -3.08 -21.62 47.66
N PRO B 555 -4.00 -22.43 48.23
CA PRO B 555 -5.04 -21.88 49.10
C PRO B 555 -4.44 -21.45 50.44
N LEU B 556 -3.58 -20.44 50.39
CA LEU B 556 -2.78 -20.01 51.54
C LEU B 556 -3.60 -19.29 52.61
N ASP B 557 -3.23 -19.55 53.87
CA ASP B 557 -3.91 -18.98 55.02
C ASP B 557 -3.28 -17.65 55.42
N CYS B 558 -4.10 -16.62 55.49
CA CYS B 558 -3.63 -15.29 55.87
C CYS B 558 -4.22 -14.84 57.20
N THR B 559 -4.20 -15.76 58.17
CA THR B 559 -4.61 -15.46 59.54
C THR B 559 -3.41 -15.53 60.49
N CYS B 560 -3.69 -15.43 61.79
CA CYS B 560 -2.64 -15.42 62.81
C CYS B 560 -2.06 -16.81 63.05
N SER B 561 -2.77 -17.84 62.61
CA SER B 561 -2.30 -19.22 62.71
C SER B 561 -1.13 -19.51 61.76
N ASN B 562 -0.96 -18.61 60.79
CA ASN B 562 0.08 -18.72 59.78
C ASN B 562 0.98 -17.48 59.78
N ILE B 563 1.20 -16.92 60.97
CA ILE B 563 1.89 -15.64 61.14
C ILE B 563 3.38 -15.71 60.79
N HIS B 564 4.04 -16.78 61.23
CA HIS B 564 5.49 -16.93 61.07
C HIS B 564 5.93 -16.95 59.63
N PHE B 565 5.15 -17.63 58.79
CA PHE B 565 5.44 -17.73 57.37
C PHE B 565 5.20 -16.40 56.64
N LEU B 566 4.16 -15.67 57.05
CA LEU B 566 3.81 -14.39 56.42
C LEU B 566 4.87 -13.30 56.62
N THR B 567 5.49 -13.28 57.80
CA THR B 567 6.62 -12.39 58.05
C THR B 567 7.87 -12.88 57.30
N TRP B 568 8.01 -14.20 57.22
CA TRP B 568 9.07 -14.82 56.41
C TRP B 568 8.91 -14.49 54.94
N TYR B 569 7.68 -14.53 54.47
CA TYR B 569 7.37 -14.28 53.06
C TYR B 569 7.89 -12.92 52.58
N LYS B 570 7.57 -11.88 53.34
CA LYS B 570 7.95 -10.50 53.03
C LYS B 570 9.46 -10.26 53.13
N GLU B 571 10.13 -11.02 53.99
CA GLU B 571 11.59 -10.90 54.19
C GLU B 571 12.40 -11.59 53.08
N ASN B 572 11.81 -12.64 52.50
CA ASN B 572 12.49 -13.44 51.49
C ASN B 572 11.86 -13.30 50.11
N LEU B 573 11.49 -12.06 49.76
CA LEU B 573 10.81 -11.74 48.51
C LEU B 573 11.71 -11.88 47.28
N HIS B 574 13.02 -11.92 47.52
CA HIS B 574 14.01 -12.11 46.46
C HIS B 574 14.12 -13.57 46.07
N LYS B 575 13.71 -14.45 46.97
CA LYS B 575 13.72 -15.89 46.75
C LYS B 575 12.45 -16.41 46.07
N LEU B 576 11.46 -15.53 45.88
CA LEU B 576 10.12 -15.98 45.48
C LEU B 576 9.74 -15.77 44.01
N GLU B 577 9.33 -16.86 43.36
CA GLU B 577 8.92 -16.87 41.97
C GLU B 577 7.39 -16.89 41.89
N GLY B 578 6.83 -16.10 40.98
CA GLY B 578 5.38 -15.97 40.84
C GLY B 578 4.78 -15.33 42.06
N SER B 579 5.41 -14.26 42.51
CA SER B 579 5.00 -13.55 43.73
C SER B 579 3.61 -12.93 43.61
N GLU B 580 3.27 -12.45 42.42
CA GLU B 580 1.98 -11.80 42.19
C GLU B 580 0.82 -12.78 41.91
N GLU B 581 1.15 -14.07 41.91
CA GLU B 581 0.14 -15.13 41.76
C GLU B 581 -0.05 -15.87 43.09
N THR B 582 0.59 -15.36 44.14
CA THR B 582 0.55 -15.97 45.45
C THR B 582 -0.44 -15.23 46.35
N THR B 583 -1.68 -15.73 46.40
CA THR B 583 -2.77 -15.05 47.10
C THR B 583 -3.40 -15.87 48.22
N CYS B 584 -4.09 -15.19 49.13
CA CYS B 584 -4.78 -15.83 50.25
C CYS B 584 -6.06 -16.53 49.81
N ALA B 585 -6.48 -17.54 50.57
CA ALA B 585 -7.79 -18.16 50.39
C ALA B 585 -8.70 -17.82 51.57
N ASN B 586 -8.10 -17.77 52.77
CA ASN B 586 -8.80 -17.35 53.98
C ASN B 586 -7.97 -16.34 54.78
N PRO B 587 -8.65 -15.39 55.49
CA PRO B 587 -10.10 -15.21 55.65
C PRO B 587 -10.79 -14.82 54.34
N PRO B 588 -12.11 -15.07 54.23
CA PRO B 588 -12.90 -14.64 53.06
C PRO B 588 -12.69 -13.16 52.75
N SER B 589 -12.25 -12.42 53.76
CA SER B 589 -12.00 -10.98 53.67
C SER B 589 -10.78 -10.65 52.81
N LEU B 590 -9.89 -11.62 52.63
CA LEU B 590 -8.64 -11.40 51.90
C LEU B 590 -8.49 -12.31 50.67
N ARG B 591 -9.57 -12.98 50.28
CA ARG B 591 -9.55 -13.92 49.16
C ARG B 591 -9.24 -13.23 47.84
N GLY B 592 -8.04 -13.49 47.31
CA GLY B 592 -7.58 -12.87 46.08
C GLY B 592 -6.43 -11.89 46.30
N VAL B 593 -6.25 -11.48 47.56
CA VAL B 593 -5.21 -10.53 47.93
C VAL B 593 -3.82 -11.19 47.98
N LYS B 594 -2.84 -10.56 47.32
CA LYS B 594 -1.44 -11.01 47.34
C LYS B 594 -0.88 -11.00 48.76
N LEU B 595 -0.04 -11.99 49.07
CA LEU B 595 0.56 -12.13 50.40
C LEU B 595 1.52 -10.99 50.78
N SER B 596 2.10 -10.36 49.75
CA SER B 596 3.04 -9.26 49.95
C SER B 596 2.36 -7.98 50.45
N ASP B 597 1.04 -7.90 50.28
CA ASP B 597 0.25 -6.77 50.75
C ASP B 597 -0.20 -6.95 52.19
N VAL B 598 -0.24 -8.20 52.64
CA VAL B 598 -0.76 -8.56 53.96
C VAL B 598 0.21 -8.15 55.08
N LYS B 599 -0.34 -7.39 56.04
CA LYS B 599 0.37 -7.00 57.26
C LYS B 599 -0.53 -7.27 58.45
N LEU B 600 -0.24 -8.35 59.19
CA LEU B 600 -1.06 -8.74 60.34
C LEU B 600 -0.43 -8.34 61.68
N SER B 601 -1.25 -8.35 62.73
CA SER B 601 -0.78 -8.04 64.08
C SER B 601 -1.36 -9.02 65.11
N CYS B 602 -0.51 -9.43 66.05
CA CYS B 602 -0.91 -10.36 67.12
C CYS B 602 -0.36 -9.89 68.47
N GLY B 603 0.91 -10.18 68.70
CA GLY B 603 1.60 -9.81 69.94
C GLY B 603 2.94 -10.50 70.09
N ALA C 6 -1.13 29.23 10.96
CA ALA C 6 -1.14 28.32 9.79
C ALA C 6 -0.42 26.99 10.10
N TRP C 7 0.57 26.64 9.29
CA TRP C 7 1.33 25.40 9.45
C TRP C 7 2.76 25.69 9.86
N PRO C 8 3.45 24.71 10.47
CA PRO C 8 4.84 24.93 10.92
C PRO C 8 5.83 25.12 9.76
N THR C 9 6.94 25.78 10.05
CA THR C 9 7.96 26.10 9.04
C THR C 9 9.04 25.02 8.94
N HIS C 10 9.22 24.48 7.73
CA HIS C 10 10.18 23.39 7.49
C HIS C 10 11.45 23.87 6.88
N VAL C 11 12.56 23.24 7.27
CA VAL C 11 13.88 23.56 6.73
C VAL C 11 14.18 22.71 5.48
N VAL C 12 14.47 23.39 4.37
CA VAL C 12 14.97 22.72 3.17
C VAL C 12 16.50 22.68 3.23
N CYS C 13 17.09 23.83 3.57
CA CYS C 13 18.54 24.00 3.66
C CYS C 13 18.90 24.98 4.77
N SER C 14 20.02 24.75 5.44
CA SER C 14 20.54 25.69 6.43
C SER C 14 22.05 25.52 6.71
N ASP C 15 22.82 25.19 5.68
CA ASP C 15 24.27 25.10 5.80
C ASP C 15 24.95 26.41 5.41
N SER C 16 26.13 26.64 5.98
CA SER C 16 26.91 27.88 5.82
C SER C 16 26.42 28.81 4.70
N GLY C 17 25.63 29.81 5.06
CA GLY C 17 25.02 30.70 4.09
C GLY C 17 23.64 30.21 3.71
N LEU C 18 23.56 29.55 2.55
CA LEU C 18 22.30 29.05 1.97
C LEU C 18 21.28 28.58 3.01
N GLU C 19 20.10 29.19 2.99
CA GLU C 19 19.09 28.97 4.03
C GLU C 19 17.65 29.05 3.48
N VAL C 20 17.07 27.89 3.19
CA VAL C 20 15.74 27.81 2.56
C VAL C 20 14.68 27.23 3.51
N LEU C 21 13.66 28.04 3.79
CA LEU C 21 12.52 27.61 4.60
C LEU C 21 11.24 27.64 3.76
N TYR C 22 10.24 26.84 4.15
CA TYR C 22 8.92 26.90 3.53
C TYR C 22 7.78 26.66 4.51
N GLN C 23 6.61 27.17 4.13
CA GLN C 23 5.38 27.02 4.90
C GLN C 23 4.23 26.80 3.92
N SER C 24 3.34 25.86 4.23
CA SER C 24 2.15 25.63 3.42
C SER C 24 1.13 26.74 3.65
N CYS C 25 0.66 27.34 2.56
CA CYS C 25 -0.40 28.35 2.61
C CYS C 25 -1.78 27.77 2.28
N ASP C 26 -1.84 26.45 2.13
CA ASP C 26 -3.12 25.75 1.98
C ASP C 26 -3.63 25.47 3.39
N PRO C 27 -4.73 26.12 3.79
CA PRO C 27 -5.24 25.93 5.16
C PRO C 27 -5.65 24.48 5.49
N LEU C 28 -6.01 23.70 4.48
CA LEU C 28 -6.48 22.32 4.66
C LEU C 28 -5.40 21.34 5.14
N GLN C 29 -4.17 21.52 4.67
CA GLN C 29 -3.10 20.53 4.92
C GLN C 29 -1.67 21.06 4.80
N ASP C 30 -0.74 20.32 5.37
CA ASP C 30 0.69 20.53 5.18
C ASP C 30 1.15 19.60 4.05
N PHE C 31 2.38 19.80 3.57
CA PHE C 31 3.02 18.86 2.65
C PHE C 31 4.51 18.76 2.97
N GLY C 32 5.14 17.70 2.47
CA GLY C 32 6.58 17.50 2.66
C GLY C 32 7.38 17.81 1.41
N PHE C 33 8.46 18.57 1.58
CA PHE C 33 9.37 18.91 0.47
C PHE C 33 10.82 18.76 0.92
N SER C 34 11.68 18.32 0.01
CA SER C 34 13.08 18.04 0.30
C SER C 34 13.92 18.07 -0.98
N VAL C 35 15.12 18.67 -0.90
CA VAL C 35 16.05 18.67 -2.04
C VAL C 35 17.19 17.66 -1.83
N GLU C 36 17.83 17.28 -2.93
CA GLU C 36 18.92 16.30 -2.90
C GLU C 36 20.20 16.91 -2.29
N LYS C 37 20.84 17.80 -3.04
CA LYS C 37 22.05 18.48 -2.57
C LYS C 37 21.67 19.84 -1.99
N CYS C 38 22.63 20.77 -1.95
CA CYS C 38 22.37 22.15 -1.57
C CYS C 38 23.59 23.06 -1.76
N SER C 39 23.46 24.04 -2.65
CA SER C 39 24.53 25.01 -2.93
C SER C 39 23.97 26.27 -3.59
N LYS C 40 24.78 27.34 -3.57
CA LYS C 40 24.43 28.58 -4.26
C LYS C 40 24.28 28.37 -5.76
N GLN C 41 25.13 27.49 -6.30
CA GLN C 41 25.07 27.11 -7.72
C GLN C 41 23.98 26.06 -7.91
N LEU C 42 22.78 26.52 -8.26
CA LEU C 42 21.67 25.62 -8.55
C LEU C 42 21.88 24.94 -9.89
N LYS C 43 22.29 23.67 -9.86
CA LYS C 43 22.52 22.90 -11.08
C LYS C 43 21.21 22.57 -11.79
N SER C 44 21.27 22.47 -13.11
CA SER C 44 20.07 22.22 -13.92
C SER C 44 19.55 20.80 -13.73
N ASN C 45 18.23 20.65 -13.88
CA ASN C 45 17.56 19.36 -13.70
C ASN C 45 17.80 18.78 -12.31
N ILE C 46 17.58 19.62 -11.29
CA ILE C 46 17.77 19.22 -9.88
C ILE C 46 16.74 18.18 -9.42
N ASN C 47 17.16 17.31 -8.51
CA ASN C 47 16.29 16.28 -7.95
C ASN C 47 15.61 16.72 -6.66
N ILE C 48 14.29 16.60 -6.62
CA ILE C 48 13.51 16.95 -5.42
C ILE C 48 12.80 15.73 -4.82
N ARG C 49 12.25 15.91 -3.63
CA ARG C 49 11.45 14.89 -2.95
C ARG C 49 10.15 15.52 -2.46
N PHE C 50 9.02 14.88 -2.78
CA PHE C 50 7.70 15.48 -2.58
C PHE C 50 6.70 14.47 -1.98
N GLY C 51 5.96 14.91 -0.97
CA GLY C 51 4.95 14.07 -0.32
C GLY C 51 3.69 14.87 0.02
N ILE C 52 2.54 14.35 -0.41
CA ILE C 52 1.26 15.05 -0.25
C ILE C 52 0.04 14.15 -0.46
N ILE C 53 -1.06 14.47 0.22
CA ILE C 53 -2.37 13.90 -0.08
C ILE C 53 -3.04 14.83 -1.09
N LEU C 54 -3.49 14.27 -2.21
CA LEU C 54 -4.20 15.05 -3.23
C LEU C 54 -5.62 15.37 -2.79
N ARG C 55 -5.96 16.66 -2.82
CA ARG C 55 -7.32 17.10 -2.53
C ARG C 55 -8.11 17.29 -3.84
N GLU C 56 -7.51 16.85 -4.95
CA GLU C 56 -8.09 17.00 -6.28
C GLU C 56 -7.42 16.03 -7.25
N ASP C 57 -8.11 15.71 -8.34
CA ASP C 57 -7.52 14.93 -9.43
C ASP C 57 -6.47 15.78 -10.12
N ILE C 58 -5.29 15.23 -10.36
CA ILE C 58 -4.25 15.95 -11.10
C ILE C 58 -4.12 15.45 -12.55
N LYS C 59 -5.25 15.40 -13.23
CA LYS C 59 -5.29 15.13 -14.66
C LYS C 59 -4.74 16.35 -15.39
N GLU C 60 -5.13 17.53 -14.91
CA GLU C 60 -4.58 18.78 -15.39
C GLU C 60 -4.05 19.58 -14.20
N LEU C 61 -2.75 19.82 -14.19
CA LEU C 61 -2.10 20.55 -13.11
C LEU C 61 -1.16 21.64 -13.62
N PHE C 62 -1.21 22.81 -13.00
CA PHE C 62 -0.44 23.96 -13.42
C PHE C 62 0.26 24.61 -12.22
N LEU C 63 1.43 25.18 -12.46
CA LEU C 63 2.21 25.80 -11.40
C LEU C 63 2.38 27.31 -11.63
N ASP C 64 2.16 28.09 -10.57
CA ASP C 64 2.46 29.52 -10.57
C ASP C 64 3.65 29.80 -9.64
N LEU C 65 4.64 30.52 -10.15
CA LEU C 65 5.80 30.89 -9.33
C LEU C 65 6.02 32.40 -9.35
N ALA C 66 6.16 32.96 -8.15
CA ALA C 66 6.44 34.38 -7.98
C ALA C 66 7.69 34.58 -7.12
N LEU C 67 8.71 35.17 -7.71
CA LEU C 67 9.97 35.45 -7.01
C LEU C 67 10.04 36.91 -6.61
N MET C 68 10.35 37.16 -5.34
CA MET C 68 10.33 38.51 -4.79
C MET C 68 11.54 38.80 -3.90
N SER C 69 11.94 40.07 -3.88
CA SER C 69 12.98 40.55 -2.98
C SER C 69 12.82 42.05 -2.75
N GLN C 70 13.11 42.49 -1.53
CA GLN C 70 13.06 43.91 -1.14
C GLN C 70 11.69 44.57 -1.35
N GLY C 71 10.64 43.74 -1.37
CA GLY C 71 9.27 44.21 -1.53
C GLY C 71 8.85 44.46 -2.97
N SER C 72 9.51 43.78 -3.91
CA SER C 72 9.21 43.92 -5.33
C SER C 72 9.39 42.62 -6.12
N SER C 73 8.55 42.44 -7.13
CA SER C 73 8.57 41.23 -7.97
C SER C 73 9.75 41.19 -8.93
N VAL C 74 10.41 40.04 -8.98
CA VAL C 74 11.56 39.83 -9.84
C VAL C 74 11.19 38.92 -11.02
N LEU C 75 10.36 37.91 -10.76
CA LEU C 75 10.06 36.87 -11.74
C LEU C 75 8.66 36.25 -11.58
N ASN C 76 7.87 36.32 -12.64
CA ASN C 76 6.56 35.68 -12.71
C ASN C 76 6.53 34.65 -13.84
N PHE C 77 5.94 33.49 -13.57
CA PHE C 77 5.58 32.55 -14.64
C PHE C 77 4.54 31.52 -14.25
N SER C 78 3.79 31.08 -15.24
CA SER C 78 2.92 29.91 -15.14
C SER C 78 3.47 28.84 -16.06
N TYR C 79 3.34 27.58 -15.64
CA TYR C 79 3.83 26.45 -16.44
C TYR C 79 3.00 25.20 -16.12
N PRO C 80 2.64 24.42 -17.17
CA PRO C 80 1.84 23.21 -16.95
C PRO C 80 2.70 22.03 -16.56
N ILE C 81 2.25 21.30 -15.54
CA ILE C 81 2.95 20.09 -15.09
C ILE C 81 2.24 18.86 -15.63
N CYS C 82 0.90 18.88 -15.61
CA CYS C 82 0.11 17.82 -16.24
C CYS C 82 -0.94 18.43 -17.16
N GLU C 83 -1.06 17.87 -18.35
CA GLU C 83 -2.14 18.18 -19.28
C GLU C 83 -2.61 16.89 -19.93
N ALA C 84 -3.86 16.86 -20.38
CA ALA C 84 -4.40 15.72 -21.11
C ALA C 84 -3.54 15.40 -22.34
N ALA C 85 -3.22 16.44 -23.11
CA ALA C 85 -2.42 16.30 -24.33
C ALA C 85 -0.94 16.02 -24.06
N LEU C 86 -0.46 16.37 -22.87
CA LEU C 86 0.93 16.14 -22.51
C LEU C 86 1.13 15.91 -21.02
N PRO C 87 0.90 14.67 -20.55
CA PRO C 87 1.28 14.38 -19.18
C PRO C 87 2.80 14.28 -19.07
N LYS C 88 3.41 15.28 -18.44
CA LYS C 88 4.88 15.36 -18.38
C LYS C 88 5.50 14.35 -17.42
N PHE C 89 4.78 14.04 -16.34
CA PHE C 89 5.31 13.18 -15.30
C PHE C 89 4.48 11.91 -15.09
N SER C 90 5.10 10.92 -14.46
CA SER C 90 4.46 9.65 -14.17
C SER C 90 3.28 9.78 -13.20
N PHE C 91 3.29 10.79 -12.32
CA PHE C 91 2.21 10.99 -11.35
C PHE C 91 0.96 11.66 -11.92
N CYS C 92 1.06 12.15 -13.14
CA CYS C 92 -0.06 12.78 -13.82
C CYS C 92 -1.23 11.81 -13.96
N GLY C 93 -2.44 12.34 -13.87
CA GLY C 93 -3.64 11.53 -14.02
C GLY C 93 -4.09 10.82 -12.75
N ARG C 94 -3.30 10.96 -11.68
CA ARG C 94 -3.66 10.40 -10.38
C ARG C 94 -4.75 11.22 -9.69
N ARG C 95 -5.48 10.59 -8.78
CA ARG C 95 -6.79 11.10 -8.38
C ARG C 95 -6.90 11.69 -6.97
N LYS C 96 -8.06 12.29 -6.70
CA LYS C 96 -8.38 12.90 -5.42
C LYS C 96 -8.31 11.86 -4.31
N GLY C 97 -7.60 12.20 -3.24
CA GLY C 97 -7.47 11.32 -2.08
C GLY C 97 -6.26 10.41 -2.09
N GLU C 98 -5.52 10.41 -3.20
CA GLU C 98 -4.31 9.60 -3.30
C GLU C 98 -3.13 10.24 -2.57
N GLN C 99 -2.31 9.40 -1.95
CA GLN C 99 -1.03 9.83 -1.41
C GLN C 99 -0.02 9.77 -2.54
N ILE C 100 0.70 10.86 -2.75
CA ILE C 100 1.74 10.92 -3.76
C ILE C 100 3.09 11.00 -3.07
N TYR C 101 4.06 10.27 -3.60
CA TYR C 101 5.45 10.53 -3.29
C TYR C 101 6.22 10.65 -4.59
N TYR C 102 6.98 11.75 -4.73
CA TYR C 102 7.78 11.96 -5.91
C TYR C 102 9.23 12.28 -5.55
N ALA C 103 10.15 11.52 -6.15
CA ALA C 103 11.58 11.77 -6.01
C ALA C 103 12.21 11.63 -7.40
N GLY C 104 12.56 12.77 -7.97
CA GLY C 104 13.14 12.82 -9.32
C GLY C 104 13.38 14.24 -9.79
N PRO C 105 13.69 14.41 -11.09
CA PRO C 105 14.06 15.69 -11.71
C PRO C 105 12.90 16.65 -11.93
N VAL C 106 13.20 17.95 -12.02
CA VAL C 106 12.18 18.97 -12.25
C VAL C 106 12.31 19.67 -13.60
N ASN C 107 13.41 19.40 -14.30
CA ASN C 107 13.72 20.04 -15.60
C ASN C 107 13.69 21.56 -15.54
N ASN C 108 14.44 22.11 -14.58
CA ASN C 108 14.56 23.55 -14.40
C ASN C 108 15.79 24.09 -15.13
N PRO C 109 15.69 25.31 -15.69
CA PRO C 109 16.90 25.98 -16.16
C PRO C 109 17.77 26.39 -14.96
N GLU C 110 19.09 26.25 -15.11
CA GLU C 110 20.04 26.58 -14.04
C GLU C 110 19.95 28.05 -13.60
N PHE C 111 19.51 28.26 -12.36
CA PHE C 111 19.40 29.61 -11.80
C PHE C 111 20.68 30.09 -11.14
N THR C 112 20.87 31.40 -11.16
CA THR C 112 21.96 32.06 -10.43
C THR C 112 21.38 33.03 -9.40
N ILE C 113 21.24 32.55 -8.17
CA ILE C 113 20.67 33.35 -7.09
C ILE C 113 21.78 34.06 -6.29
N PRO C 114 21.88 35.39 -6.45
CA PRO C 114 22.92 36.18 -5.77
C PRO C 114 22.58 36.40 -4.29
N GLN C 115 23.46 37.09 -3.57
CA GLN C 115 23.26 37.40 -2.17
C GLN C 115 22.03 38.29 -1.97
N GLY C 116 21.21 37.95 -0.98
CA GLY C 116 20.01 38.73 -0.68
C GLY C 116 18.91 37.93 0.01
N GLU C 117 17.83 38.63 0.36
CA GLU C 117 16.68 38.02 1.03
C GLU C 117 15.53 37.88 0.06
N TYR C 118 15.03 36.65 -0.10
CA TYR C 118 14.03 36.33 -1.11
C TYR C 118 12.77 35.68 -0.52
N GLN C 119 11.64 35.93 -1.18
CA GLN C 119 10.38 35.28 -0.85
C GLN C 119 9.82 34.64 -2.11
N VAL C 120 9.52 33.34 -2.04
CA VAL C 120 8.95 32.62 -3.18
C VAL C 120 7.54 32.16 -2.83
N LEU C 121 6.62 32.34 -3.78
CA LEU C 121 5.26 31.84 -3.65
C LEU C 121 5.00 30.84 -4.77
N LEU C 122 4.70 29.60 -4.39
CA LEU C 122 4.40 28.55 -5.37
C LEU C 122 2.96 28.08 -5.22
N GLU C 123 2.27 27.93 -6.36
CA GLU C 123 0.91 27.42 -6.37
C GLU C 123 0.75 26.29 -7.37
N LEU C 124 0.23 25.16 -6.90
CA LEU C 124 -0.19 24.08 -7.78
C LEU C 124 -1.71 24.08 -7.82
N TYR C 125 -2.28 24.16 -9.02
CA TYR C 125 -3.73 24.25 -9.18
C TYR C 125 -4.28 23.47 -10.38
N THR C 126 -5.55 23.11 -10.31
CA THR C 126 -6.20 22.35 -11.38
C THR C 126 -6.83 23.27 -12.43
N GLU C 127 -7.51 22.66 -13.40
CA GLU C 127 -8.20 23.42 -14.45
C GLU C 127 -9.34 24.27 -13.86
N LYS C 128 -9.89 23.82 -12.74
CA LYS C 128 -10.93 24.57 -12.03
C LYS C 128 -10.31 25.69 -11.18
N ARG C 129 -8.98 25.72 -11.15
CA ARG C 129 -8.20 26.62 -10.29
C ARG C 129 -8.34 26.24 -8.81
N SER C 130 -8.57 24.95 -8.54
CA SER C 130 -8.59 24.43 -7.19
C SER C 130 -7.17 24.17 -6.72
N THR C 131 -6.86 24.58 -5.50
CA THR C 131 -5.51 24.43 -4.94
C THR C 131 -5.17 22.97 -4.62
N VAL C 132 -4.11 22.47 -5.24
CA VAL C 132 -3.52 21.18 -4.88
C VAL C 132 -2.46 21.42 -3.80
N ALA C 133 -1.63 22.42 -4.01
CA ALA C 133 -0.60 22.81 -3.05
C ALA C 133 -0.31 24.30 -3.10
N CYS C 134 0.14 24.84 -1.98
CA CYS C 134 0.49 26.25 -1.86
C CYS C 134 1.72 26.38 -0.97
N ALA C 135 2.79 26.96 -1.51
CA ALA C 135 4.05 27.09 -0.78
C ALA C 135 4.44 28.55 -0.54
N ASN C 136 4.77 28.87 0.70
CA ASN C 136 5.28 30.18 1.08
C ASN C 136 6.72 30.02 1.56
N ALA C 137 7.67 30.33 0.66
CA ALA C 137 9.08 30.01 0.89
C ALA C 137 9.96 31.24 1.15
N THR C 138 11.00 31.04 1.95
CA THR C 138 11.94 32.10 2.30
C THR C 138 13.37 31.65 2.06
N ILE C 139 14.10 32.40 1.22
CA ILE C 139 15.51 32.11 0.92
C ILE C 139 16.42 33.22 1.44
N MET C 140 17.34 32.87 2.33
CA MET C 140 18.36 33.80 2.79
C MET C 140 19.73 33.36 2.27
N CYS C 141 20.31 34.17 1.38
CA CYS C 141 21.56 33.83 0.74
C CYS C 141 22.63 34.86 1.07
N SER C 142 23.82 34.38 1.40
CA SER C 142 24.96 35.24 1.70
C SER C 142 26.24 34.75 1.02
N GLU C 143 27.38 35.32 1.41
CA GLU C 143 28.68 34.99 0.84
C GLU C 143 29.06 33.51 1.02
N PHE C 144 29.84 33.00 0.06
CA PHE C 144 30.26 31.59 0.07
C PHE C 144 31.77 31.48 0.26
N ALA D 6 -19.39 -5.08 23.29
CA ALA D 6 -19.35 -6.31 22.45
C ALA D 6 -19.36 -5.96 20.97
N TRP D 7 -18.59 -6.72 20.19
CA TRP D 7 -18.55 -6.58 18.72
C TRP D 7 -19.80 -7.11 18.07
N PRO D 8 -20.18 -6.59 16.89
CA PRO D 8 -21.42 -7.06 16.28
C PRO D 8 -21.28 -8.48 15.74
N THR D 9 -22.42 -9.16 15.60
CA THR D 9 -22.47 -10.50 15.03
C THR D 9 -22.56 -10.40 13.51
N HIS D 10 -21.65 -11.09 12.82
CA HIS D 10 -21.60 -11.06 11.36
C HIS D 10 -22.20 -12.30 10.79
N VAL D 11 -22.88 -12.15 9.65
CA VAL D 11 -23.50 -13.27 8.95
C VAL D 11 -22.51 -13.86 7.95
N VAL D 12 -22.19 -15.14 8.11
CA VAL D 12 -21.35 -15.86 7.16
C VAL D 12 -22.25 -16.54 6.13
N CYS D 13 -23.29 -17.21 6.63
CA CYS D 13 -24.26 -17.88 5.77
C CYS D 13 -25.68 -17.66 6.27
N SER D 14 -26.62 -17.66 5.33
CA SER D 14 -28.05 -17.58 5.64
C SER D 14 -28.86 -18.10 4.45
N ASP D 15 -28.30 -19.08 3.75
CA ASP D 15 -28.89 -19.63 2.54
C ASP D 15 -30.03 -20.59 2.86
N SER D 16 -31.22 -20.02 3.04
CA SER D 16 -32.47 -20.75 3.27
C SER D 16 -32.27 -22.19 3.76
N GLY D 17 -31.82 -22.34 5.01
CA GLY D 17 -31.60 -23.66 5.59
C GLY D 17 -30.56 -23.65 6.70
N LEU D 18 -29.34 -23.26 6.34
CA LEU D 18 -28.26 -23.17 7.32
C LEU D 18 -27.80 -21.73 7.54
N GLU D 19 -27.56 -21.40 8.80
CA GLU D 19 -27.10 -20.06 9.18
C GLU D 19 -25.83 -20.12 10.02
N VAL D 20 -24.78 -19.49 9.52
CA VAL D 20 -23.52 -19.40 10.23
C VAL D 20 -23.30 -17.96 10.68
N LEU D 21 -23.13 -17.79 11.99
CA LEU D 21 -22.88 -16.48 12.60
C LEU D 21 -21.57 -16.54 13.37
N TYR D 22 -20.88 -15.40 13.48
CA TYR D 22 -19.70 -15.31 14.34
C TYR D 22 -19.59 -13.94 15.03
N GLN D 23 -18.81 -13.91 16.10
CA GLN D 23 -18.60 -12.70 16.88
C GLN D 23 -17.19 -12.73 17.45
N SER D 24 -16.51 -11.59 17.44
CA SER D 24 -15.18 -11.50 18.00
C SER D 24 -15.21 -11.48 19.53
N CYS D 25 -14.40 -12.34 20.16
CA CYS D 25 -14.26 -12.33 21.62
C CYS D 25 -13.03 -11.54 22.09
N ASP D 26 -12.22 -11.06 21.15
CA ASP D 26 -11.10 -10.19 21.47
C ASP D 26 -11.61 -8.77 21.72
N PRO D 27 -11.48 -8.29 22.98
CA PRO D 27 -12.01 -6.97 23.35
C PRO D 27 -11.38 -5.81 22.58
N LEU D 28 -10.14 -5.99 22.13
CA LEU D 28 -9.39 -4.95 21.44
C LEU D 28 -9.87 -4.64 20.02
N GLN D 29 -10.28 -5.66 19.28
CA GLN D 29 -10.65 -5.48 17.87
C GLN D 29 -11.60 -6.53 17.31
N ASP D 30 -12.26 -6.14 16.21
CA ASP D 30 -13.09 -7.03 15.40
C ASP D 30 -12.24 -7.58 14.28
N PHE D 31 -12.74 -8.59 13.57
CA PHE D 31 -12.13 -9.05 12.33
C PHE D 31 -13.20 -9.45 11.31
N GLY D 32 -12.76 -9.64 10.06
CA GLY D 32 -13.65 -10.02 8.97
C GLY D 32 -13.39 -11.44 8.51
N PHE D 33 -14.47 -12.17 8.25
CA PHE D 33 -14.39 -13.55 7.77
C PHE D 33 -15.56 -13.88 6.86
N SER D 34 -15.26 -14.61 5.80
CA SER D 34 -16.25 -14.99 4.80
C SER D 34 -15.88 -16.35 4.19
N VAL D 35 -16.89 -17.06 3.67
CA VAL D 35 -16.65 -18.27 2.88
C VAL D 35 -17.06 -18.03 1.42
N GLU D 36 -16.58 -18.88 0.52
CA GLU D 36 -16.87 -18.72 -0.90
C GLU D 36 -18.26 -19.23 -1.26
N LYS D 37 -18.71 -20.28 -0.58
CA LYS D 37 -20.04 -20.84 -0.81
C LYS D 37 -20.62 -21.48 0.45
N CYS D 38 -21.95 -21.45 0.57
CA CYS D 38 -22.66 -21.99 1.73
C CYS D 38 -23.49 -23.22 1.38
N SER D 39 -23.17 -24.36 2.01
CA SER D 39 -23.93 -25.60 1.82
C SER D 39 -23.77 -26.55 3.01
N LYS D 40 -24.75 -27.45 3.16
CA LYS D 40 -24.71 -28.50 4.18
C LYS D 40 -23.54 -29.46 3.93
N GLN D 41 -23.28 -29.72 2.65
CA GLN D 41 -22.21 -30.62 2.22
C GLN D 41 -21.00 -29.85 1.66
N LEU D 42 -19.92 -29.82 2.44
CA LEU D 42 -18.72 -29.07 2.08
C LEU D 42 -17.67 -29.97 1.46
N LYS D 43 -17.04 -29.47 0.40
CA LYS D 43 -15.93 -30.19 -0.24
C LYS D 43 -14.63 -30.03 0.55
N SER D 44 -13.65 -30.88 0.26
CA SER D 44 -12.34 -30.79 0.89
C SER D 44 -11.61 -29.54 0.41
N ASN D 45 -10.76 -28.99 1.29
CA ASN D 45 -10.01 -27.75 1.04
C ASN D 45 -10.87 -26.55 0.63
N ILE D 46 -11.82 -26.19 1.49
CA ILE D 46 -12.76 -25.10 1.24
C ILE D 46 -12.06 -23.74 1.31
N ASN D 47 -12.55 -22.78 0.53
CA ASN D 47 -11.93 -21.45 0.46
C ASN D 47 -12.56 -20.42 1.40
N ILE D 48 -11.72 -19.76 2.18
CA ILE D 48 -12.15 -18.75 3.13
C ILE D 48 -11.59 -17.37 2.80
N ARG D 49 -12.12 -16.34 3.47
CA ARG D 49 -11.62 -14.99 3.32
C ARG D 49 -11.50 -14.35 4.70
N PHE D 50 -10.36 -13.72 4.96
CA PHE D 50 -9.97 -13.32 6.31
C PHE D 50 -9.22 -11.98 6.28
N GLY D 51 -9.74 -11.01 7.04
CA GLY D 51 -9.11 -9.68 7.13
C GLY D 51 -8.96 -9.25 8.58
N ILE D 52 -7.74 -8.80 8.93
CA ILE D 52 -7.42 -8.45 10.32
C ILE D 52 -6.14 -7.59 10.44
N ILE D 53 -6.07 -6.79 11.50
CA ILE D 53 -4.83 -6.15 11.91
C ILE D 53 -4.20 -7.07 12.95
N LEU D 54 -2.91 -7.40 12.79
CA LEU D 54 -2.21 -8.25 13.75
C LEU D 54 -1.79 -7.49 15.00
N ARG D 55 -2.05 -8.08 16.16
CA ARG D 55 -1.66 -7.48 17.44
C ARG D 55 -0.38 -8.14 17.95
N GLU D 56 0.16 -9.06 17.16
CA GLU D 56 1.33 -9.86 17.53
C GLU D 56 1.99 -10.48 16.29
N ASP D 57 3.29 -10.77 16.38
CA ASP D 57 4.01 -11.46 15.29
C ASP D 57 3.47 -12.87 15.11
N ILE D 58 3.10 -13.22 13.89
CA ILE D 58 2.59 -14.56 13.61
C ILE D 58 3.63 -15.50 13.00
N LYS D 59 4.88 -15.39 13.48
CA LYS D 59 5.96 -16.32 13.11
C LYS D 59 5.60 -17.72 13.63
N GLU D 60 4.97 -17.75 14.79
CA GLU D 60 4.37 -18.97 15.34
C GLU D 60 2.93 -18.69 15.73
N LEU D 61 2.02 -19.40 15.08
CA LEU D 61 0.58 -19.20 15.27
C LEU D 61 -0.11 -20.55 15.45
N PHE D 62 -0.97 -20.64 16.45
CA PHE D 62 -1.71 -21.87 16.73
C PHE D 62 -3.20 -21.61 16.82
N LEU D 63 -3.99 -22.60 16.41
CA LEU D 63 -5.45 -22.55 16.45
C LEU D 63 -6.00 -23.51 17.49
N ASP D 64 -6.93 -23.04 18.31
CA ASP D 64 -7.70 -23.88 19.22
C ASP D 64 -9.15 -23.93 18.77
N LEU D 65 -9.68 -25.14 18.59
CA LEU D 65 -11.08 -25.33 18.21
C LEU D 65 -11.85 -26.14 19.24
N ALA D 66 -13.04 -25.66 19.58
CA ALA D 66 -13.97 -26.41 20.42
C ALA D 66 -15.35 -26.43 19.76
N LEU D 67 -15.73 -27.59 19.23
CA LEU D 67 -17.04 -27.76 18.61
C LEU D 67 -18.03 -28.39 19.59
N MET D 68 -19.19 -27.75 19.73
CA MET D 68 -20.21 -28.17 20.68
C MET D 68 -21.50 -28.49 19.95
N SER D 69 -22.05 -29.67 20.21
CA SER D 69 -23.39 -30.03 19.77
C SER D 69 -24.22 -30.40 21.00
N GLN D 70 -25.50 -30.05 20.97
CA GLN D 70 -26.39 -30.16 22.13
C GLN D 70 -25.74 -29.48 23.33
N GLY D 71 -25.07 -30.28 24.16
CA GLY D 71 -24.27 -29.80 25.28
C GLY D 71 -23.02 -30.64 25.46
N SER D 72 -22.97 -31.75 24.74
CA SER D 72 -21.83 -32.67 24.79
C SER D 72 -20.68 -32.17 23.91
N SER D 73 -19.57 -31.79 24.54
CA SER D 73 -18.38 -31.33 23.82
C SER D 73 -17.85 -32.43 22.92
N VAL D 74 -18.07 -32.27 21.62
CA VAL D 74 -17.71 -33.28 20.63
C VAL D 74 -16.19 -33.34 20.44
N LEU D 75 -15.59 -32.17 20.20
CA LEU D 75 -14.25 -32.12 19.65
C LEU D 75 -13.42 -30.92 20.13
N ASN D 76 -12.36 -31.20 20.87
CA ASN D 76 -11.28 -30.26 21.15
C ASN D 76 -10.07 -30.63 20.30
N PHE D 77 -9.49 -29.65 19.61
CA PHE D 77 -8.16 -29.84 19.03
C PHE D 77 -7.33 -28.57 18.94
N SER D 78 -6.02 -28.75 19.02
CA SER D 78 -5.08 -27.69 18.73
C SER D 78 -4.37 -28.04 17.44
N TYR D 79 -4.04 -27.02 16.66
CA TYR D 79 -3.34 -27.22 15.39
C TYR D 79 -2.42 -26.05 15.15
N PRO D 80 -1.19 -26.33 14.69
CA PRO D 80 -0.35 -25.20 14.34
C PRO D 80 -0.64 -24.74 12.91
N ILE D 81 -0.76 -23.43 12.74
CA ILE D 81 -0.96 -22.84 11.42
C ILE D 81 0.36 -22.28 10.90
N CYS D 82 1.12 -21.64 11.77
CA CYS D 82 2.46 -21.15 11.41
C CYS D 82 3.48 -21.62 12.44
N GLU D 83 4.63 -22.07 11.94
CA GLU D 83 5.72 -22.56 12.80
C GLU D 83 7.08 -22.21 12.21
N ALA D 84 8.07 -22.05 13.08
CA ALA D 84 9.47 -21.82 12.68
C ALA D 84 9.95 -22.91 11.72
N ALA D 85 9.72 -24.16 12.08
CA ALA D 85 10.09 -25.30 11.24
C ALA D 85 9.15 -25.52 10.05
N LEU D 86 7.90 -25.06 10.15
CA LEU D 86 6.90 -25.30 9.12
C LEU D 86 5.87 -24.18 8.97
N PRO D 87 6.16 -23.18 8.12
CA PRO D 87 5.13 -22.20 7.77
C PRO D 87 4.18 -22.74 6.70
N LYS D 88 2.96 -23.10 7.10
CA LYS D 88 1.99 -23.71 6.19
C LYS D 88 1.42 -22.75 5.16
N PHE D 89 1.31 -21.47 5.52
CA PHE D 89 0.68 -20.47 4.65
C PHE D 89 1.61 -19.31 4.30
N SER D 90 1.27 -18.59 3.23
CA SER D 90 2.11 -17.50 2.74
C SER D 90 2.24 -16.33 3.72
N PHE D 91 1.21 -16.12 4.54
CA PHE D 91 1.17 -15.01 5.48
C PHE D 91 1.97 -15.25 6.77
N CYS D 92 2.42 -16.50 6.97
CA CYS D 92 3.26 -16.83 8.13
C CYS D 92 4.50 -15.94 8.14
N GLY D 93 4.89 -15.49 9.32
CA GLY D 93 6.07 -14.64 9.47
C GLY D 93 5.83 -13.16 9.26
N ARG D 94 4.60 -12.77 8.98
CA ARG D 94 4.25 -11.35 8.92
C ARG D 94 4.12 -10.81 10.34
N ARG D 95 4.29 -9.50 10.51
CA ARG D 95 4.60 -8.96 11.84
C ARG D 95 3.50 -8.11 12.49
N LYS D 96 3.74 -7.74 13.75
CA LYS D 96 2.79 -6.97 14.55
C LYS D 96 2.45 -5.62 13.91
N GLY D 97 1.16 -5.35 13.77
CA GLY D 97 0.68 -4.10 13.20
C GLY D 97 0.32 -4.18 11.73
N GLU D 98 0.72 -5.27 11.07
CA GLU D 98 0.42 -5.48 9.65
C GLU D 98 -1.05 -5.83 9.40
N GLN D 99 -1.62 -5.28 8.33
CA GLN D 99 -2.95 -5.63 7.90
C GLN D 99 -2.87 -6.84 6.96
N ILE D 100 -3.54 -7.91 7.35
CA ILE D 100 -3.51 -9.16 6.60
C ILE D 100 -4.80 -9.33 5.82
N TYR D 101 -4.69 -9.82 4.59
CA TYR D 101 -5.85 -10.31 3.87
C TYR D 101 -5.55 -11.67 3.23
N TYR D 102 -6.29 -12.69 3.64
CA TYR D 102 -6.15 -14.03 3.08
C TYR D 102 -7.41 -14.48 2.35
N ALA D 103 -7.22 -14.93 1.11
CA ALA D 103 -8.26 -15.61 0.36
C ALA D 103 -7.66 -16.87 -0.27
N GLY D 104 -8.01 -18.02 0.31
CA GLY D 104 -7.47 -19.32 -0.12
C GLY D 104 -8.03 -20.49 0.67
N PRO D 105 -7.46 -21.68 0.48
CA PRO D 105 -8.00 -22.86 1.14
C PRO D 105 -7.61 -22.99 2.60
N VAL D 106 -8.44 -23.70 3.35
CA VAL D 106 -8.04 -24.27 4.65
C VAL D 106 -7.97 -25.77 4.46
N ASN D 107 -7.12 -26.45 5.24
CA ASN D 107 -7.06 -27.91 5.16
C ASN D 107 -8.22 -28.56 5.92
N ASN D 108 -9.28 -28.87 5.19
CA ASN D 108 -10.42 -29.57 5.78
C ASN D 108 -10.80 -30.79 4.94
N PRO D 109 -11.17 -31.90 5.61
CA PRO D 109 -11.68 -33.09 4.93
C PRO D 109 -13.06 -32.84 4.35
N GLU D 110 -13.33 -33.42 3.18
CA GLU D 110 -14.67 -33.37 2.59
C GLU D 110 -15.65 -33.96 3.61
N PHE D 111 -16.38 -33.11 4.31
CA PHE D 111 -17.32 -33.59 5.34
C PHE D 111 -18.69 -32.89 5.37
N THR D 112 -19.68 -33.64 5.84
CA THR D 112 -21.06 -33.17 5.93
C THR D 112 -21.50 -33.10 7.37
N ILE D 113 -22.40 -32.15 7.67
CA ILE D 113 -22.85 -31.90 9.04
C ILE D 113 -24.36 -32.17 9.16
N PRO D 114 -24.77 -32.92 10.21
CA PRO D 114 -26.19 -33.18 10.46
C PRO D 114 -26.95 -31.92 10.89
N GLN D 115 -28.28 -32.05 10.97
CA GLN D 115 -29.15 -30.96 11.39
C GLN D 115 -29.02 -30.72 12.89
N GLY D 116 -29.30 -29.49 13.32
CA GLY D 116 -29.24 -29.11 14.73
C GLY D 116 -28.52 -27.79 14.93
N GLU D 117 -28.26 -27.46 16.20
CA GLU D 117 -27.53 -26.25 16.55
C GLU D 117 -26.13 -26.59 17.05
N TYR D 118 -25.15 -25.80 16.61
CA TYR D 118 -23.75 -26.02 16.95
C TYR D 118 -23.10 -24.73 17.44
N GLN D 119 -22.31 -24.85 18.50
CA GLN D 119 -21.54 -23.73 19.05
C GLN D 119 -20.05 -23.98 18.87
N VAL D 120 -19.32 -22.96 18.42
CA VAL D 120 -17.90 -23.10 18.10
C VAL D 120 -17.06 -21.97 18.71
N LEU D 121 -15.98 -22.33 19.39
CA LEU D 121 -14.99 -21.35 19.84
C LEU D 121 -13.70 -21.54 19.06
N LEU D 122 -13.18 -20.44 18.52
CA LEU D 122 -11.90 -20.45 17.78
C LEU D 122 -10.95 -19.42 18.36
N GLU D 123 -9.75 -19.86 18.73
CA GLU D 123 -8.69 -18.96 19.20
C GLU D 123 -7.41 -19.14 18.41
N LEU D 124 -6.88 -18.03 17.89
CA LEU D 124 -5.56 -18.01 17.29
C LEU D 124 -4.61 -17.33 18.26
N TYR D 125 -3.49 -17.99 18.57
CA TYR D 125 -2.55 -17.48 19.57
C TYR D 125 -1.10 -17.75 19.22
N THR D 126 -0.21 -16.93 19.78
CA THR D 126 1.23 -17.05 19.58
C THR D 126 1.88 -17.97 20.60
N GLU D 127 3.21 -18.02 20.58
CA GLU D 127 4.02 -18.87 21.48
C GLU D 127 3.84 -18.50 22.94
N LYS D 128 3.63 -17.21 23.20
CA LYS D 128 3.43 -16.71 24.56
C LYS D 128 1.97 -16.82 25.00
N ARG D 129 1.14 -17.36 24.11
CA ARG D 129 -0.31 -17.50 24.29
C ARG D 129 -0.99 -16.13 24.24
N SER D 130 -0.41 -15.22 23.46
CA SER D 130 -1.02 -13.93 23.17
C SER D 130 -2.06 -14.07 22.07
N THR D 131 -3.19 -13.38 22.23
CA THR D 131 -4.31 -13.52 21.31
C THR D 131 -4.05 -12.76 20.02
N VAL D 132 -4.21 -13.48 18.91
CA VAL D 132 -4.22 -12.89 17.58
C VAL D 132 -5.69 -12.67 17.18
N ALA D 133 -6.47 -13.74 17.26
CA ALA D 133 -7.89 -13.68 16.98
C ALA D 133 -8.68 -14.54 17.97
N CYS D 134 -9.95 -14.20 18.16
CA CYS D 134 -10.84 -14.94 19.05
C CYS D 134 -12.26 -14.86 18.49
N ALA D 135 -12.88 -16.01 18.29
CA ALA D 135 -14.20 -16.06 17.67
C ALA D 135 -15.21 -16.92 18.41
N ASN D 136 -16.42 -16.39 18.55
CA ASN D 136 -17.56 -17.07 19.14
C ASN D 136 -18.58 -17.26 18.02
N ALA D 137 -18.76 -18.50 17.57
CA ALA D 137 -19.57 -18.77 16.37
C ALA D 137 -20.73 -19.75 16.60
N THR D 138 -21.79 -19.59 15.81
CA THR D 138 -23.00 -20.40 15.90
C THR D 138 -23.41 -20.95 14.53
N ILE D 139 -23.68 -22.26 14.47
CA ILE D 139 -24.13 -22.92 13.24
C ILE D 139 -25.50 -23.57 13.44
N MET D 140 -26.49 -23.11 12.66
CA MET D 140 -27.84 -23.66 12.68
C MET D 140 -28.18 -24.33 11.37
N CYS D 141 -28.41 -25.64 11.42
CA CYS D 141 -28.73 -26.43 10.23
C CYS D 141 -30.13 -27.02 10.33
N SER D 142 -30.86 -26.99 9.21
CA SER D 142 -32.23 -27.50 9.18
C SER D 142 -32.51 -28.39 7.96
N GLU D 143 -33.79 -28.50 7.59
CA GLU D 143 -34.26 -29.42 6.53
C GLU D 143 -33.71 -29.12 5.13
N PHE D 144 -33.70 -30.14 4.29
CA PHE D 144 -33.26 -30.02 2.89
C PHE D 144 -33.99 -31.01 1.99
#